data_2IWL
# 
_entry.id   2IWL 
# 
_audit_conform.dict_name       mmcif_pdbx.dic 
_audit_conform.dict_version    5.391 
_audit_conform.dict_location   http://mmcif.pdb.org/dictionaries/ascii/mmcif_pdbx.dic 
# 
loop_
_database_2.database_id 
_database_2.database_code 
_database_2.pdbx_database_accession 
_database_2.pdbx_DOI 
PDB   2IWL         pdb_00002iwl 10.2210/pdb2iwl/pdb 
PDBE  EBI-29251    ?            ?                   
WWPDB D_1290029251 ?            ?                   
# 
loop_
_pdbx_audit_revision_history.ordinal 
_pdbx_audit_revision_history.data_content_type 
_pdbx_audit_revision_history.major_revision 
_pdbx_audit_revision_history.minor_revision 
_pdbx_audit_revision_history.revision_date 
1 'Structure model' 1 0 2006-10-18 
2 'Structure model' 1 1 2011-07-13 
3 'Structure model' 1 2 2018-01-24 
4 'Structure model' 1 3 2024-05-08 
# 
_pdbx_audit_revision_details.ordinal             1 
_pdbx_audit_revision_details.revision_ordinal    1 
_pdbx_audit_revision_details.data_content_type   'Structure model' 
_pdbx_audit_revision_details.provider            repository 
_pdbx_audit_revision_details.type                'Initial release' 
_pdbx_audit_revision_details.description         ? 
_pdbx_audit_revision_details.details             ? 
# 
loop_
_pdbx_audit_revision_group.ordinal 
_pdbx_audit_revision_group.revision_ordinal 
_pdbx_audit_revision_group.data_content_type 
_pdbx_audit_revision_group.group 
1 2 'Structure model' Advisory                    
2 2 'Structure model' 'Version format compliance' 
3 3 'Structure model' 'Source and taxonomy'       
4 4 'Structure model' 'Data collection'           
5 4 'Structure model' 'Database references'       
6 4 'Structure model' 'Derived calculations'      
7 4 'Structure model' Other                       
# 
loop_
_pdbx_audit_revision_category.ordinal 
_pdbx_audit_revision_category.revision_ordinal 
_pdbx_audit_revision_category.data_content_type 
_pdbx_audit_revision_category.category 
1 3 'Structure model' entity_src_gen               
2 4 'Structure model' chem_comp_atom               
3 4 'Structure model' chem_comp_bond               
4 4 'Structure model' database_2                   
5 4 'Structure model' pdbx_database_status         
6 4 'Structure model' pdbx_struct_special_symmetry 
# 
loop_
_pdbx_audit_revision_item.ordinal 
_pdbx_audit_revision_item.revision_ordinal 
_pdbx_audit_revision_item.data_content_type 
_pdbx_audit_revision_item.item 
1 3 'Structure model' '_entity_src_gen.pdbx_host_org_ncbi_taxonomy_id' 
2 3 'Structure model' '_entity_src_gen.pdbx_host_org_scientific_name'  
3 3 'Structure model' '_entity_src_gen.pdbx_host_org_strain'           
4 3 'Structure model' '_entity_src_gen.pdbx_host_org_variant'          
5 4 'Structure model' '_database_2.pdbx_DOI'                           
6 4 'Structure model' '_database_2.pdbx_database_accession'            
7 4 'Structure model' '_pdbx_database_status.status_code_sf'           
# 
_pdbx_database_status.status_code                     REL 
_pdbx_database_status.entry_id                        2IWL 
_pdbx_database_status.deposit_site                    PDBE 
_pdbx_database_status.process_site                    PDBE 
_pdbx_database_status.SG_entry                        . 
_pdbx_database_status.recvd_initial_deposition_date   2006-07-01 
_pdbx_database_status.pdb_format_compatible           Y 
_pdbx_database_status.status_code_sf                  REL 
_pdbx_database_status.status_code_mr                  ? 
_pdbx_database_status.status_code_cs                  ? 
_pdbx_database_status.methods_development_category    ? 
_pdbx_database_status.status_code_nmr_data            ? 
# 
loop_
_audit_author.name 
_audit_author.pdbx_ordinal 
'Karathanassis, D.' 1 
'Bravo, J.'         2 
'Williams, R.L.'    3 
# 
_citation.id                        primary 
_citation.title                     
'Structural and Membrane Binding Analysis of the Phox Homology Domain of Phosphoinositide 3-Kinase- C2{Alpha}.' 
_citation.journal_abbrev            J.Biol.Chem. 
_citation.journal_volume            281 
_citation.page_first                39396 
_citation.page_last                 ? 
_citation.year                      2006 
_citation.journal_id_ASTM           JBCHA3 
_citation.country                   US 
_citation.journal_id_ISSN           0021-9258 
_citation.journal_id_CSD            0071 
_citation.book_publisher            ? 
_citation.pdbx_database_id_PubMed   17038310 
_citation.pdbx_database_id_DOI      10.1074/JBC.M607079200 
# 
loop_
_citation_author.citation_id 
_citation_author.name 
_citation_author.ordinal 
_citation_author.identifier_ORCID 
primary 'Stahelin, R.V.'    1 ? 
primary 'Karathanassis, D.' 2 ? 
primary 'Bruzik, K.S.'      3 ? 
primary 'Waterfield, M.D.'  4 ? 
primary 'Bravo, J.'         5 ? 
primary 'Williams, R.L.'    6 ? 
primary 'Cho, W.'           7 ? 
# 
loop_
_entity.id 
_entity.type 
_entity.src_method 
_entity.pdbx_description 
_entity.formula_weight 
_entity.pdbx_number_of_molecules 
_entity.pdbx_ec 
_entity.pdbx_mutation 
_entity.pdbx_fragment 
_entity.details 
1 polymer     man 'PHOSPHATIDYLINOSITOL-4-PHOSPHATE 3-KINASE C2 DOMAIN-CONTAINING ALPHA POLYPEPTIDE' 16465.961 1 
'2.7.1.154, 2.7.1.137' ? 'PX DOMAIN, RESIDUES 1405-1544' ? 
2 non-polymer syn 'SULFATE ION'                                                                      96.063    3 ? ? ? ? 
3 water       nat water                                                                              18.015    9 ? ? ? ? 
# 
_entity_name_com.entity_id   1 
_entity_name_com.name        'PHOSPHOINOSITIDE 3-KINASE-C2-ALPHA, PTDINS-3-KINASE C2 ALPHA, PI3K-C2ALPHA' 
# 
_entity_poly.entity_id                      1 
_entity_poly.type                           'polypeptide(L)' 
_entity_poly.nstd_linkage                   no 
_entity_poly.nstd_monomer                   no 
_entity_poly.pdbx_seq_one_letter_code       
;DEPILSFSPKTYSFRQDGRIKEVSVFTYHKKYNPDKHYIYVVRILREGQIEPSFVFRTFDEFQELHNKLSIIFPLWKLPG
FPNRMVLGRTHIKDVAAKRKIELNSYLQSLMNASTDVAECDLVCTFFHPLLRDEKAEGIA
;
_entity_poly.pdbx_seq_one_letter_code_can   
;DEPILSFSPKTYSFRQDGRIKEVSVFTYHKKYNPDKHYIYVVRILREGQIEPSFVFRTFDEFQELHNKLSIIFPLWKLPG
FPNRMVLGRTHIKDVAAKRKIELNSYLQSLMNASTDVAECDLVCTFFHPLLRDEKAEGIA
;
_entity_poly.pdbx_strand_id                 X 
_entity_poly.pdbx_target_identifier         ? 
# 
loop_
_pdbx_entity_nonpoly.entity_id 
_pdbx_entity_nonpoly.name 
_pdbx_entity_nonpoly.comp_id 
2 'SULFATE ION' SO4 
3 water         HOH 
# 
loop_
_entity_poly_seq.entity_id 
_entity_poly_seq.num 
_entity_poly_seq.mon_id 
_entity_poly_seq.hetero 
1 1   ASP n 
1 2   GLU n 
1 3   PRO n 
1 4   ILE n 
1 5   LEU n 
1 6   SER n 
1 7   PHE n 
1 8   SER n 
1 9   PRO n 
1 10  LYS n 
1 11  THR n 
1 12  TYR n 
1 13  SER n 
1 14  PHE n 
1 15  ARG n 
1 16  GLN n 
1 17  ASP n 
1 18  GLY n 
1 19  ARG n 
1 20  ILE n 
1 21  LYS n 
1 22  GLU n 
1 23  VAL n 
1 24  SER n 
1 25  VAL n 
1 26  PHE n 
1 27  THR n 
1 28  TYR n 
1 29  HIS n 
1 30  LYS n 
1 31  LYS n 
1 32  TYR n 
1 33  ASN n 
1 34  PRO n 
1 35  ASP n 
1 36  LYS n 
1 37  HIS n 
1 38  TYR n 
1 39  ILE n 
1 40  TYR n 
1 41  VAL n 
1 42  VAL n 
1 43  ARG n 
1 44  ILE n 
1 45  LEU n 
1 46  ARG n 
1 47  GLU n 
1 48  GLY n 
1 49  GLN n 
1 50  ILE n 
1 51  GLU n 
1 52  PRO n 
1 53  SER n 
1 54  PHE n 
1 55  VAL n 
1 56  PHE n 
1 57  ARG n 
1 58  THR n 
1 59  PHE n 
1 60  ASP n 
1 61  GLU n 
1 62  PHE n 
1 63  GLN n 
1 64  GLU n 
1 65  LEU n 
1 66  HIS n 
1 67  ASN n 
1 68  LYS n 
1 69  LEU n 
1 70  SER n 
1 71  ILE n 
1 72  ILE n 
1 73  PHE n 
1 74  PRO n 
1 75  LEU n 
1 76  TRP n 
1 77  LYS n 
1 78  LEU n 
1 79  PRO n 
1 80  GLY n 
1 81  PHE n 
1 82  PRO n 
1 83  ASN n 
1 84  ARG n 
1 85  MET n 
1 86  VAL n 
1 87  LEU n 
1 88  GLY n 
1 89  ARG n 
1 90  THR n 
1 91  HIS n 
1 92  ILE n 
1 93  LYS n 
1 94  ASP n 
1 95  VAL n 
1 96  ALA n 
1 97  ALA n 
1 98  LYS n 
1 99  ARG n 
1 100 LYS n 
1 101 ILE n 
1 102 GLU n 
1 103 LEU n 
1 104 ASN n 
1 105 SER n 
1 106 TYR n 
1 107 LEU n 
1 108 GLN n 
1 109 SER n 
1 110 LEU n 
1 111 MET n 
1 112 ASN n 
1 113 ALA n 
1 114 SER n 
1 115 THR n 
1 116 ASP n 
1 117 VAL n 
1 118 ALA n 
1 119 GLU n 
1 120 CYS n 
1 121 ASP n 
1 122 LEU n 
1 123 VAL n 
1 124 CYS n 
1 125 THR n 
1 126 PHE n 
1 127 PHE n 
1 128 HIS n 
1 129 PRO n 
1 130 LEU n 
1 131 LEU n 
1 132 ARG n 
1 133 ASP n 
1 134 GLU n 
1 135 LYS n 
1 136 ALA n 
1 137 GLU n 
1 138 GLY n 
1 139 ILE n 
1 140 ALA n 
# 
_entity_src_gen.entity_id                          1 
_entity_src_gen.pdbx_src_id                        1 
_entity_src_gen.pdbx_alt_source_flag               sample 
_entity_src_gen.pdbx_seq_type                      ? 
_entity_src_gen.pdbx_beg_seq_num                   ? 
_entity_src_gen.pdbx_end_seq_num                   ? 
_entity_src_gen.gene_src_common_name               HUMAN 
_entity_src_gen.gene_src_genus                     ? 
_entity_src_gen.pdbx_gene_src_gene                 ? 
_entity_src_gen.gene_src_species                   ? 
_entity_src_gen.gene_src_strain                    ? 
_entity_src_gen.gene_src_tissue                    ? 
_entity_src_gen.gene_src_tissue_fraction           ? 
_entity_src_gen.gene_src_details                   ? 
_entity_src_gen.pdbx_gene_src_fragment             ? 
_entity_src_gen.pdbx_gene_src_scientific_name      'HOMO SAPIENS' 
_entity_src_gen.pdbx_gene_src_ncbi_taxonomy_id     9606 
_entity_src_gen.pdbx_gene_src_variant              ? 
_entity_src_gen.pdbx_gene_src_cell_line            ? 
_entity_src_gen.pdbx_gene_src_atcc                 ? 
_entity_src_gen.pdbx_gene_src_organ                ? 
_entity_src_gen.pdbx_gene_src_organelle            ? 
_entity_src_gen.pdbx_gene_src_cell                 ? 
_entity_src_gen.pdbx_gene_src_cellular_location    ? 
_entity_src_gen.host_org_common_name               ? 
_entity_src_gen.pdbx_host_org_scientific_name      'ESCHERICHIA COLI BL21(DE3)' 
_entity_src_gen.pdbx_host_org_ncbi_taxonomy_id     469008 
_entity_src_gen.host_org_genus                     ? 
_entity_src_gen.pdbx_host_org_gene                 ? 
_entity_src_gen.pdbx_host_org_organ                ? 
_entity_src_gen.host_org_species                   ? 
_entity_src_gen.pdbx_host_org_tissue               ? 
_entity_src_gen.pdbx_host_org_tissue_fraction      ? 
_entity_src_gen.pdbx_host_org_strain               ? 
_entity_src_gen.pdbx_host_org_variant              C41 
_entity_src_gen.pdbx_host_org_cell_line            ? 
_entity_src_gen.pdbx_host_org_atcc                 ? 
_entity_src_gen.pdbx_host_org_culture_collection   ? 
_entity_src_gen.pdbx_host_org_cell                 ? 
_entity_src_gen.pdbx_host_org_organelle            ? 
_entity_src_gen.pdbx_host_org_cellular_location    ? 
_entity_src_gen.pdbx_host_org_vector_type          ? 
_entity_src_gen.pdbx_host_org_vector               ? 
_entity_src_gen.host_org_details                   ? 
_entity_src_gen.expression_system_id               ? 
_entity_src_gen.plasmid_name                       PJL 
_entity_src_gen.plasmid_details                    ? 
_entity_src_gen.pdbx_description                   ? 
# 
loop_
_chem_comp.id 
_chem_comp.type 
_chem_comp.mon_nstd_flag 
_chem_comp.name 
_chem_comp.pdbx_synonyms 
_chem_comp.formula 
_chem_comp.formula_weight 
ALA 'L-peptide linking' y ALANINE         ? 'C3 H7 N O2'     89.093  
ARG 'L-peptide linking' y ARGININE        ? 'C6 H15 N4 O2 1' 175.209 
ASN 'L-peptide linking' y ASPARAGINE      ? 'C4 H8 N2 O3'    132.118 
ASP 'L-peptide linking' y 'ASPARTIC ACID' ? 'C4 H7 N O4'     133.103 
CYS 'L-peptide linking' y CYSTEINE        ? 'C3 H7 N O2 S'   121.158 
GLN 'L-peptide linking' y GLUTAMINE       ? 'C5 H10 N2 O3'   146.144 
GLU 'L-peptide linking' y 'GLUTAMIC ACID' ? 'C5 H9 N O4'     147.129 
GLY 'peptide linking'   y GLYCINE         ? 'C2 H5 N O2'     75.067  
HIS 'L-peptide linking' y HISTIDINE       ? 'C6 H10 N3 O2 1' 156.162 
HOH non-polymer         . WATER           ? 'H2 O'           18.015  
ILE 'L-peptide linking' y ISOLEUCINE      ? 'C6 H13 N O2'    131.173 
LEU 'L-peptide linking' y LEUCINE         ? 'C6 H13 N O2'    131.173 
LYS 'L-peptide linking' y LYSINE          ? 'C6 H15 N2 O2 1' 147.195 
MET 'L-peptide linking' y METHIONINE      ? 'C5 H11 N O2 S'  149.211 
PHE 'L-peptide linking' y PHENYLALANINE   ? 'C9 H11 N O2'    165.189 
PRO 'L-peptide linking' y PROLINE         ? 'C5 H9 N O2'     115.130 
SER 'L-peptide linking' y SERINE          ? 'C3 H7 N O3'     105.093 
SO4 non-polymer         . 'SULFATE ION'   ? 'O4 S -2'        96.063  
THR 'L-peptide linking' y THREONINE       ? 'C4 H9 N O3'     119.119 
TRP 'L-peptide linking' y TRYPTOPHAN      ? 'C11 H12 N2 O2'  204.225 
TYR 'L-peptide linking' y TYROSINE        ? 'C9 H11 N O3'    181.189 
VAL 'L-peptide linking' y VALINE          ? 'C5 H11 N O2'    117.146 
# 
loop_
_pdbx_poly_seq_scheme.asym_id 
_pdbx_poly_seq_scheme.entity_id 
_pdbx_poly_seq_scheme.seq_id 
_pdbx_poly_seq_scheme.mon_id 
_pdbx_poly_seq_scheme.ndb_seq_num 
_pdbx_poly_seq_scheme.pdb_seq_num 
_pdbx_poly_seq_scheme.auth_seq_num 
_pdbx_poly_seq_scheme.pdb_mon_id 
_pdbx_poly_seq_scheme.auth_mon_id 
_pdbx_poly_seq_scheme.pdb_strand_id 
_pdbx_poly_seq_scheme.pdb_ins_code 
_pdbx_poly_seq_scheme.hetero 
A 1 1   ASP 1   1405 ?    ?   ?   X . n 
A 1 2   GLU 2   1406 ?    ?   ?   X . n 
A 1 3   PRO 3   1407 ?    ?   ?   X . n 
A 1 4   ILE 4   1408 ?    ?   ?   X . n 
A 1 5   LEU 5   1409 1409 LEU LEU X . n 
A 1 6   SER 6   1410 1410 SER SER X . n 
A 1 7   PHE 7   1411 1411 PHE PHE X . n 
A 1 8   SER 8   1412 1412 SER SER X . n 
A 1 9   PRO 9   1413 1413 PRO PRO X . n 
A 1 10  LYS 10  1414 1414 LYS LYS X . n 
A 1 11  THR 11  1415 1415 THR THR X . n 
A 1 12  TYR 12  1416 1416 TYR TYR X . n 
A 1 13  SER 13  1417 1417 SER SER X . n 
A 1 14  PHE 14  1418 1418 PHE PHE X . n 
A 1 15  ARG 15  1419 1419 ARG ARG X . n 
A 1 16  GLN 16  1420 1420 GLN GLN X . n 
A 1 17  ASP 17  1421 1421 ASP ASP X . n 
A 1 18  GLY 18  1422 1422 GLY GLY X . n 
A 1 19  ARG 19  1423 1423 ARG ARG X . n 
A 1 20  ILE 20  1424 1424 ILE ILE X . n 
A 1 21  LYS 21  1425 1425 LYS LYS X . n 
A 1 22  GLU 22  1426 1426 GLU GLU X . n 
A 1 23  VAL 23  1427 1427 VAL VAL X . n 
A 1 24  SER 24  1428 1428 SER SER X . n 
A 1 25  VAL 25  1429 1429 VAL VAL X . n 
A 1 26  PHE 26  1430 1430 PHE PHE X . n 
A 1 27  THR 27  1431 1431 THR THR X . n 
A 1 28  TYR 28  1432 1432 TYR TYR X . n 
A 1 29  HIS 29  1433 1433 HIS HIS X . n 
A 1 30  LYS 30  1434 1434 LYS LYS X . n 
A 1 31  LYS 31  1435 1435 LYS LYS X . n 
A 1 32  TYR 32  1436 1436 TYR TYR X . n 
A 1 33  ASN 33  1437 1437 ASN ASN X . n 
A 1 34  PRO 34  1438 1438 PRO PRO X . n 
A 1 35  ASP 35  1439 1439 ASP ASP X . n 
A 1 36  LYS 36  1440 1440 LYS LYS X . n 
A 1 37  HIS 37  1441 1441 HIS HIS X . n 
A 1 38  TYR 38  1442 1442 TYR TYR X . n 
A 1 39  ILE 39  1443 1443 ILE ILE X . n 
A 1 40  TYR 40  1444 1444 TYR TYR X . n 
A 1 41  VAL 41  1445 1445 VAL VAL X . n 
A 1 42  VAL 42  1446 1446 VAL VAL X . n 
A 1 43  ARG 43  1447 1447 ARG ARG X . n 
A 1 44  ILE 44  1448 1448 ILE ILE X . n 
A 1 45  LEU 45  1449 1449 LEU LEU X . n 
A 1 46  ARG 46  1450 1450 ARG ARG X . n 
A 1 47  GLU 47  1451 1451 GLU GLU X . n 
A 1 48  GLY 48  1452 1452 GLY GLY X . n 
A 1 49  GLN 49  1453 1453 GLN GLN X . n 
A 1 50  ILE 50  1454 1454 ILE ILE X . n 
A 1 51  GLU 51  1455 1455 GLU GLU X . n 
A 1 52  PRO 52  1456 1456 PRO PRO X . n 
A 1 53  SER 53  1457 1457 SER SER X . n 
A 1 54  PHE 54  1458 1458 PHE PHE X . n 
A 1 55  VAL 55  1459 1459 VAL VAL X . n 
A 1 56  PHE 56  1460 1460 PHE PHE X . n 
A 1 57  ARG 57  1461 1461 ARG ARG X . n 
A 1 58  THR 58  1462 1462 THR THR X . n 
A 1 59  PHE 59  1463 1463 PHE PHE X . n 
A 1 60  ASP 60  1464 1464 ASP ASP X . n 
A 1 61  GLU 61  1465 1465 GLU GLU X . n 
A 1 62  PHE 62  1466 1466 PHE PHE X . n 
A 1 63  GLN 63  1467 1467 GLN GLN X . n 
A 1 64  GLU 64  1468 1468 GLU GLU X . n 
A 1 65  LEU 65  1469 1469 LEU LEU X . n 
A 1 66  HIS 66  1470 1470 HIS HIS X . n 
A 1 67  ASN 67  1471 1471 ASN ASN X . n 
A 1 68  LYS 68  1472 1472 LYS LYS X . n 
A 1 69  LEU 69  1473 1473 LEU LEU X . n 
A 1 70  SER 70  1474 1474 SER SER X . n 
A 1 71  ILE 71  1475 1475 ILE ILE X . n 
A 1 72  ILE 72  1476 1476 ILE ILE X . n 
A 1 73  PHE 73  1477 1477 PHE PHE X . n 
A 1 74  PRO 74  1478 1478 PRO PRO X . n 
A 1 75  LEU 75  1479 1479 LEU LEU X . n 
A 1 76  TRP 76  1480 1480 TRP TRP X . n 
A 1 77  LYS 77  1481 1481 LYS LYS X . n 
A 1 78  LEU 78  1482 1482 LEU LEU X . n 
A 1 79  PRO 79  1483 1483 PRO PRO X . n 
A 1 80  GLY 80  1484 1484 GLY GLY X . n 
A 1 81  PHE 81  1485 1485 PHE PHE X . n 
A 1 82  PRO 82  1486 1486 PRO PRO X . n 
A 1 83  ASN 83  1487 1487 ASN ASN X . n 
A 1 84  ARG 84  1488 ?    ?   ?   X . n 
A 1 85  MET 85  1489 ?    ?   ?   X . n 
A 1 86  VAL 86  1490 ?    ?   ?   X . n 
A 1 87  LEU 87  1491 ?    ?   ?   X . n 
A 1 88  GLY 88  1492 ?    ?   ?   X . n 
A 1 89  ARG 89  1493 ?    ?   ?   X . n 
A 1 90  THR 90  1494 ?    ?   ?   X . n 
A 1 91  HIS 91  1495 ?    ?   ?   X . n 
A 1 92  ILE 92  1496 ?    ?   ?   X . n 
A 1 93  LYS 93  1497 ?    ?   ?   X . n 
A 1 94  ASP 94  1498 1498 ASP ASP X . n 
A 1 95  VAL 95  1499 1499 VAL VAL X . n 
A 1 96  ALA 96  1500 1500 ALA ALA X . n 
A 1 97  ALA 97  1501 1501 ALA ALA X . n 
A 1 98  LYS 98  1502 1502 LYS LYS X . n 
A 1 99  ARG 99  1503 1503 ARG ARG X . n 
A 1 100 LYS 100 1504 1504 LYS LYS X . n 
A 1 101 ILE 101 1505 1505 ILE ILE X . n 
A 1 102 GLU 102 1506 1506 GLU GLU X . n 
A 1 103 LEU 103 1507 1507 LEU LEU X . n 
A 1 104 ASN 104 1508 1508 ASN ASN X . n 
A 1 105 SER 105 1509 1509 SER SER X . n 
A 1 106 TYR 106 1510 1510 TYR TYR X . n 
A 1 107 LEU 107 1511 1511 LEU LEU X . n 
A 1 108 GLN 108 1512 1512 GLN GLN X . n 
A 1 109 SER 109 1513 1513 SER SER X . n 
A 1 110 LEU 110 1514 1514 LEU LEU X . n 
A 1 111 MET 111 1515 1515 MET MET X . n 
A 1 112 ASN 112 1516 1516 ASN ASN X . n 
A 1 113 ALA 113 1517 1517 ALA ALA X . n 
A 1 114 SER 114 1518 1518 SER SER X . n 
A 1 115 THR 115 1519 1519 THR THR X . n 
A 1 116 ASP 116 1520 1520 ASP ASP X . n 
A 1 117 VAL 117 1521 1521 VAL VAL X . n 
A 1 118 ALA 118 1522 1522 ALA ALA X . n 
A 1 119 GLU 119 1523 1523 GLU GLU X . n 
A 1 120 CYS 120 1524 1524 CYS CYS X . n 
A 1 121 ASP 121 1525 1525 ASP ASP X . n 
A 1 122 LEU 122 1526 1526 LEU LEU X . n 
A 1 123 VAL 123 1527 1527 VAL VAL X . n 
A 1 124 CYS 124 1528 1528 CYS CYS X . n 
A 1 125 THR 125 1529 1529 THR THR X . n 
A 1 126 PHE 126 1530 1530 PHE PHE X . n 
A 1 127 PHE 127 1531 1531 PHE PHE X . n 
A 1 128 HIS 128 1532 1532 HIS HIS X . n 
A 1 129 PRO 129 1533 1533 PRO PRO X . n 
A 1 130 LEU 130 1534 1534 LEU LEU X . n 
A 1 131 LEU 131 1535 1535 LEU LEU X . n 
A 1 132 ARG 132 1536 1536 ARG ARG X . n 
A 1 133 ASP 133 1537 1537 ASP ASP X . n 
A 1 134 GLU 134 1538 1538 GLU GLU X . n 
A 1 135 LYS 135 1539 1539 LYS LYS X . n 
A 1 136 ALA 136 1540 ?    ?   ?   X . n 
A 1 137 GLU 137 1541 ?    ?   ?   X . n 
A 1 138 GLY 138 1542 ?    ?   ?   X . n 
A 1 139 ILE 139 1543 ?    ?   ?   X . n 
A 1 140 ALA 140 1544 ?    ?   ?   X . n 
# 
loop_
_pdbx_nonpoly_scheme.asym_id 
_pdbx_nonpoly_scheme.entity_id 
_pdbx_nonpoly_scheme.mon_id 
_pdbx_nonpoly_scheme.ndb_seq_num 
_pdbx_nonpoly_scheme.pdb_seq_num 
_pdbx_nonpoly_scheme.auth_seq_num 
_pdbx_nonpoly_scheme.pdb_mon_id 
_pdbx_nonpoly_scheme.auth_mon_id 
_pdbx_nonpoly_scheme.pdb_strand_id 
_pdbx_nonpoly_scheme.pdb_ins_code 
B 2 SO4 1 2540 2540 SO4 SO4 X . 
C 2 SO4 1 2541 2541 SO4 SO4 X . 
D 2 SO4 1 2542 2542 SO4 SO4 X . 
E 3 HOH 1 2001 2001 HOH HOH X . 
E 3 HOH 2 2002 2002 HOH HOH X . 
E 3 HOH 3 2003 2003 HOH HOH X . 
E 3 HOH 4 2004 2004 HOH HOH X . 
E 3 HOH 5 2005 2005 HOH HOH X . 
E 3 HOH 6 2006 2006 HOH HOH X . 
E 3 HOH 7 2007 2007 HOH HOH X . 
E 3 HOH 8 2008 2008 HOH HOH X . 
E 3 HOH 9 2009 2009 HOH HOH X . 
# 
loop_
_software.name 
_software.classification 
_software.version 
_software.citation_id 
_software.pdbx_ordinal 
REFMAC    refinement       5.2.0019 ? 1 
MOSFLM    'data reduction' .        ? 2 
SCALA     'data scaling'   .        ? 3 
TRUNCATE  'data scaling'   .        ? 4 
autoSHARP phasing          .        ? 5 
# 
_cell.entry_id           2IWL 
_cell.length_a           115.933 
_cell.length_b           115.933 
_cell.length_c           115.933 
_cell.angle_alpha        90.00 
_cell.angle_beta         90.00 
_cell.angle_gamma        90.00 
_cell.Z_PDB              24 
_cell.pdbx_unique_axis   ? 
# 
_symmetry.entry_id                         2IWL 
_symmetry.space_group_name_H-M             'P 4 3 2' 
_symmetry.pdbx_full_space_group_name_H-M   ? 
_symmetry.cell_setting                     ? 
_symmetry.Int_Tables_number                207 
# 
_exptl.entry_id          2IWL 
_exptl.method            'X-RAY DIFFRACTION' 
_exptl.crystals_number   1 
# 
_exptl_crystal.id                    1 
_exptl_crystal.density_meas          ? 
_exptl_crystal.density_Matthews      2.05 
_exptl_crystal.density_percent_sol   40 
_exptl_crystal.description           ? 
# 
_exptl_crystal_grow.crystal_id      1 
_exptl_crystal_grow.method          ? 
_exptl_crystal_grow.temp            ? 
_exptl_crystal_grow.temp_details    ? 
_exptl_crystal_grow.pH              5.60 
_exptl_crystal_grow.pdbx_pH_range   ? 
_exptl_crystal_grow.pdbx_details    '1.7 M LI2SO4, 0.05 M MES PH 5.6' 
# 
_diffrn.id                     1 
_diffrn.ambient_temp           100.0 
_diffrn.ambient_temp_details   ? 
_diffrn.crystal_id             1 
# 
_diffrn_detector.diffrn_id              1 
_diffrn_detector.detector               CCD 
_diffrn_detector.type                   MARRESEARCH 
_diffrn_detector.pdbx_collection_date   ? 
_diffrn_detector.details                'TORROIDAL MIRROR' 
# 
_diffrn_radiation.diffrn_id                        1 
_diffrn_radiation.wavelength_id                    1 
_diffrn_radiation.pdbx_monochromatic_or_laue_m_l   M 
_diffrn_radiation.monochromator                    'DIAMOND(111)' 
_diffrn_radiation.pdbx_diffrn_protocol             'SINGLE WAVELENGTH' 
_diffrn_radiation.pdbx_scattering_type             x-ray 
# 
_diffrn_radiation_wavelength.id           1 
_diffrn_radiation_wavelength.wavelength   0.9330 
_diffrn_radiation_wavelength.wt           1.0 
# 
_diffrn_source.diffrn_id                   1 
_diffrn_source.source                      SYNCHROTRON 
_diffrn_source.type                        'ESRF BEAMLINE ID14-2' 
_diffrn_source.pdbx_synchrotron_site       ESRF 
_diffrn_source.pdbx_synchrotron_beamline   ID14-2 
_diffrn_source.pdbx_wavelength             0.9330 
_diffrn_source.pdbx_wavelength_list        ? 
# 
_reflns.pdbx_diffrn_id               1 
_reflns.pdbx_ordinal                 1 
_reflns.entry_id                     2IWL 
_reflns.observed_criterion_sigma_I   0.000 
_reflns.observed_criterion_sigma_F   ? 
_reflns.d_resolution_low             67.000 
_reflns.d_resolution_high            2.600 
_reflns.number_obs                   357186 
_reflns.number_all                   ? 
_reflns.percent_possible_obs         100.0 
_reflns.pdbx_Rmerge_I_obs            0.09000 
_reflns.pdbx_Rsym_value              ? 
_reflns.pdbx_netI_over_sigmaI        45.1000 
_reflns.B_iso_Wilson_estimate        67.00 
_reflns.pdbx_redundancy              41.000 
# 
_reflns_shell.pdbx_diffrn_id         1 
_reflns_shell.pdbx_ordinal           1 
_reflns_shell.d_res_high             2.60 
_reflns_shell.d_res_low              2.74 
_reflns_shell.percent_possible_all   100.0 
_reflns_shell.Rmerge_I_obs           0.48000 
_reflns_shell.pdbx_Rsym_value        ? 
_reflns_shell.meanI_over_sigI_obs    1.400 
_reflns_shell.pdbx_redundancy        42.60 
# 
_refine.pdbx_refine_id                           'X-RAY DIFFRACTION' 
_refine.entry_id                                 2IWL 
_refine.pdbx_diffrn_id                           1 
_refine.pdbx_TLS_residual_ADP_flag               'LIKELY RESIDUAL' 
_refine.ls_number_reflns_obs                     8709 
_refine.ls_number_reflns_all                     ? 
_refine.pdbx_ls_sigma_I                          ? 
_refine.pdbx_ls_sigma_F                          0.000 
_refine.pdbx_data_cutoff_high_absF               ? 
_refine.pdbx_data_cutoff_low_absF                ? 
_refine.pdbx_data_cutoff_high_rms_absF           ? 
_refine.ls_d_res_low                             67.00 
_refine.ls_d_res_high                            2.60 
_refine.ls_percent_reflns_obs                    100.0 
_refine.ls_R_factor_obs                          0.252 
_refine.ls_R_factor_all                          ? 
_refine.ls_R_factor_R_work                       0.247 
_refine.ls_R_factor_R_free                       0.290 
_refine.ls_R_factor_R_free_error                 ? 
_refine.ls_R_factor_R_free_error_details         ? 
_refine.ls_percent_reflns_R_free                 10.036 
_refine.ls_number_reflns_R_free                  874 
_refine.ls_number_parameters                     ? 
_refine.ls_number_restraints                     ? 
_refine.occupancy_min                            ? 
_refine.occupancy_max                            ? 
_refine.correlation_coeff_Fo_to_Fc               0.909 
_refine.correlation_coeff_Fo_to_Fc_free          0.894 
_refine.B_iso_mean                               51.28 
_refine.aniso_B[1][1]                            ? 
_refine.aniso_B[2][2]                            ? 
_refine.aniso_B[3][3]                            ? 
_refine.aniso_B[1][2]                            ? 
_refine.aniso_B[1][3]                            ? 
_refine.aniso_B[2][3]                            ? 
_refine.solvent_model_details                    'BABINET MODEL PLUS MASK' 
_refine.solvent_model_param_ksol                 ? 
_refine.solvent_model_param_bsol                 ? 
_refine.pdbx_solvent_vdw_probe_radii             1.40 
_refine.pdbx_solvent_ion_probe_radii             0.80 
_refine.pdbx_solvent_shrinkage_radii             0.80 
_refine.pdbx_ls_cross_valid_method               THROUGHOUT 
_refine.details                                  'HYDROGENS HAVE BEEN ADDED IN THE RIDING POSITIONS.' 
_refine.pdbx_starting_model                      ? 
_refine.pdbx_method_to_determine_struct          SIR 
_refine.pdbx_isotropic_thermal_model             ? 
_refine.pdbx_stereochemistry_target_values       'MAXIMUM LIKELIHOOD' 
_refine.pdbx_stereochem_target_val_spec_case     ? 
_refine.pdbx_R_Free_selection_details            RANDOM 
_refine.pdbx_overall_ESU_R                       0.365 
_refine.pdbx_overall_ESU_R_Free                  0.289 
_refine.overall_SU_ML                            0.198 
_refine.pdbx_overall_phase_error                 ? 
_refine.overall_SU_B                             19.214 
_refine.overall_SU_R_Cruickshank_DPI             ? 
_refine.pdbx_overall_SU_R_free_Cruickshank_DPI   ? 
_refine.pdbx_overall_SU_R_Blow_DPI               ? 
_refine.pdbx_overall_SU_R_free_Blow_DPI          ? 
# 
_refine_hist.pdbx_refine_id                   'X-RAY DIFFRACTION' 
_refine_hist.cycle_id                         LAST 
_refine_hist.pdbx_number_atoms_protein        1016 
_refine_hist.pdbx_number_atoms_nucleic_acid   0 
_refine_hist.pdbx_number_atoms_ligand         15 
_refine_hist.number_atoms_solvent             9 
_refine_hist.number_atoms_total               1040 
_refine_hist.d_res_high                       2.60 
_refine_hist.d_res_low                        67.00 
# 
loop_
_refine_ls_restr.type 
_refine_ls_restr.dev_ideal 
_refine_ls_restr.dev_ideal_target 
_refine_ls_restr.weight 
_refine_ls_restr.number 
_refine_ls_restr.pdbx_refine_id 
_refine_ls_restr.pdbx_restraint_function 
r_bond_refined_d             0.016  0.022  ? 1087 'X-RAY DIFFRACTION' ? 
r_bond_other_d               ?      ?      ? ?    'X-RAY DIFFRACTION' ? 
r_angle_refined_deg          1.654  1.970  ? 1471 'X-RAY DIFFRACTION' ? 
r_angle_other_deg            ?      ?      ? ?    'X-RAY DIFFRACTION' ? 
r_dihedral_angle_1_deg       7.227  5.000  ? 123  'X-RAY DIFFRACTION' ? 
r_dihedral_angle_2_deg       26.056 23.273 ? 55   'X-RAY DIFFRACTION' ? 
r_dihedral_angle_3_deg       20.235 15.000 ? 190  'X-RAY DIFFRACTION' ? 
r_dihedral_angle_4_deg       17.390 15.000 ? 7    'X-RAY DIFFRACTION' ? 
r_chiral_restr               0.100  0.200  ? 153  'X-RAY DIFFRACTION' ? 
r_gen_planes_refined         0.006  0.020  ? 826  'X-RAY DIFFRACTION' ? 
r_gen_planes_other           ?      ?      ? ?    'X-RAY DIFFRACTION' ? 
r_nbd_refined                0.231  0.200  ? 418  'X-RAY DIFFRACTION' ? 
r_nbd_other                  ?      ?      ? ?    'X-RAY DIFFRACTION' ? 
r_nbtor_refined              0.328  0.200  ? 713  'X-RAY DIFFRACTION' ? 
r_nbtor_other                ?      ?      ? ?    'X-RAY DIFFRACTION' ? 
r_xyhbond_nbd_refined        0.160  0.200  ? 37   'X-RAY DIFFRACTION' ? 
r_xyhbond_nbd_other          ?      ?      ? ?    'X-RAY DIFFRACTION' ? 
r_metal_ion_refined          ?      ?      ? ?    'X-RAY DIFFRACTION' ? 
r_metal_ion_other            ?      ?      ? ?    'X-RAY DIFFRACTION' ? 
r_symmetry_vdw_refined       0.276  0.200  ? 24   'X-RAY DIFFRACTION' ? 
r_symmetry_vdw_other         ?      ?      ? ?    'X-RAY DIFFRACTION' ? 
r_symmetry_hbond_refined     0.124  0.200  ? 4    'X-RAY DIFFRACTION' ? 
r_symmetry_hbond_other       ?      ?      ? ?    'X-RAY DIFFRACTION' ? 
r_symmetry_metal_ion_refined ?      ?      ? ?    'X-RAY DIFFRACTION' ? 
r_symmetry_metal_ion_other   ?      ?      ? ?    'X-RAY DIFFRACTION' ? 
r_mcbond_it                  0.644  1.500  ? 644  'X-RAY DIFFRACTION' ? 
r_mcbond_other               ?      ?      ? ?    'X-RAY DIFFRACTION' ? 
r_mcangle_it                 1.127  2.000  ? 1018 'X-RAY DIFFRACTION' ? 
r_mcangle_other              ?      ?      ? ?    'X-RAY DIFFRACTION' ? 
r_scbond_it                  2.015  3.000  ? 507  'X-RAY DIFFRACTION' ? 
r_scbond_other               ?      ?      ? ?    'X-RAY DIFFRACTION' ? 
r_scangle_it                 3.028  4.500  ? 453  'X-RAY DIFFRACTION' ? 
r_scangle_other              ?      ?      ? ?    'X-RAY DIFFRACTION' ? 
r_long_range_B_refined       ?      ?      ? ?    'X-RAY DIFFRACTION' ? 
r_long_range_B_other         ?      ?      ? ?    'X-RAY DIFFRACTION' ? 
r_rigid_bond_restr           ?      ?      ? ?    'X-RAY DIFFRACTION' ? 
r_sphericity_free            ?      ?      ? ?    'X-RAY DIFFRACTION' ? 
r_sphericity_bonded          ?      ?      ? ?    'X-RAY DIFFRACTION' ? 
# 
_refine_ls_shell.pdbx_refine_id                   'X-RAY DIFFRACTION' 
_refine_ls_shell.pdbx_total_number_of_bins_used   20 
_refine_ls_shell.d_res_high                       2.60 
_refine_ls_shell.d_res_low                        2.70 
_refine_ls_shell.number_reflns_R_work             565 
_refine_ls_shell.R_factor_R_work                  0.3800 
_refine_ls_shell.percent_reflns_obs               ? 
_refine_ls_shell.R_factor_R_free                  0.4500 
_refine_ls_shell.R_factor_R_free_error            ? 
_refine_ls_shell.percent_reflns_R_free            ? 
_refine_ls_shell.number_reflns_R_free             59 
_refine_ls_shell.number_reflns_all                ? 
_refine_ls_shell.R_factor_all                     ? 
# 
_struct.entry_id                  2IWL 
_struct.title                     'Structure of the PX Domain of Phosphoinositide 3-Kinase-C2alpha' 
_struct.pdbx_model_details        ? 
_struct.pdbx_CASP_flag            ? 
_struct.pdbx_model_type_details   ? 
# 
_struct_keywords.entry_id        2IWL 
_struct_keywords.pdbx_keywords   TRANSFERASE 
_struct_keywords.text            
'PI3K, KINASE, PX DOMAIN, TRANSFERASE, PHOSPHOINOSITIDE 3-KINASE, PHOSPHORYLATION, NUCLEAR PROTEIN, PHOSPHOINOSITIDE' 
# 
loop_
_struct_asym.id 
_struct_asym.pdbx_blank_PDB_chainid_flag 
_struct_asym.pdbx_modified 
_struct_asym.entity_id 
_struct_asym.details 
A N N 1 ? 
B N N 2 ? 
C N N 2 ? 
D N N 2 ? 
E N N 3 ? 
# 
_struct_ref.id                         1 
_struct_ref.db_name                    UNP 
_struct_ref.db_code                    P3C2A_HUMAN 
_struct_ref.entity_id                  1 
_struct_ref.pdbx_seq_one_letter_code   ? 
_struct_ref.pdbx_align_begin           ? 
_struct_ref.pdbx_db_accession          O00443 
_struct_ref.pdbx_db_isoform            ? 
# 
_struct_ref_seq.align_id                      1 
_struct_ref_seq.ref_id                        1 
_struct_ref_seq.pdbx_PDB_id_code              2IWL 
_struct_ref_seq.pdbx_strand_id                X 
_struct_ref_seq.seq_align_beg                 1 
_struct_ref_seq.pdbx_seq_align_beg_ins_code   ? 
_struct_ref_seq.seq_align_end                 140 
_struct_ref_seq.pdbx_seq_align_end_ins_code   ? 
_struct_ref_seq.pdbx_db_accession             O00443 
_struct_ref_seq.db_align_beg                  1405 
_struct_ref_seq.pdbx_db_align_beg_ins_code    ? 
_struct_ref_seq.db_align_end                  1544 
_struct_ref_seq.pdbx_db_align_end_ins_code    ? 
_struct_ref_seq.pdbx_auth_seq_align_beg       1405 
_struct_ref_seq.pdbx_auth_seq_align_end       1544 
# 
loop_
_struct_ref_seq_dif.align_id 
_struct_ref_seq_dif.pdbx_pdb_id_code 
_struct_ref_seq_dif.mon_id 
_struct_ref_seq_dif.pdbx_pdb_strand_id 
_struct_ref_seq_dif.seq_num 
_struct_ref_seq_dif.pdbx_pdb_ins_code 
_struct_ref_seq_dif.pdbx_seq_db_name 
_struct_ref_seq_dif.pdbx_seq_db_accession_code 
_struct_ref_seq_dif.db_mon_id 
_struct_ref_seq_dif.pdbx_seq_db_seq_num 
_struct_ref_seq_dif.details 
_struct_ref_seq_dif.pdbx_auth_seq_num 
_struct_ref_seq_dif.pdbx_ordinal 
1 2IWL ARG X 46 ? UNP O00443 TRP 1450 conflict 1450 1 
1 2IWL ASP X 60 ? UNP O00443 VAL 1464 conflict 1464 2 
# 
_pdbx_struct_assembly.id                   1 
_pdbx_struct_assembly.details              author_and_software_defined_assembly 
_pdbx_struct_assembly.method_details       PQS 
_pdbx_struct_assembly.oligomeric_details   tetrameric 
_pdbx_struct_assembly.oligomeric_count     4 
# 
_pdbx_struct_assembly_gen.assembly_id       1 
_pdbx_struct_assembly_gen.oper_expression   1,2,3,4 
_pdbx_struct_assembly_gen.asym_id_list      A,B,C,D,E 
# 
loop_
_pdbx_struct_oper_list.id 
_pdbx_struct_oper_list.type 
_pdbx_struct_oper_list.name 
_pdbx_struct_oper_list.symmetry_operation 
_pdbx_struct_oper_list.matrix[1][1] 
_pdbx_struct_oper_list.matrix[1][2] 
_pdbx_struct_oper_list.matrix[1][3] 
_pdbx_struct_oper_list.vector[1] 
_pdbx_struct_oper_list.matrix[2][1] 
_pdbx_struct_oper_list.matrix[2][2] 
_pdbx_struct_oper_list.matrix[2][3] 
_pdbx_struct_oper_list.vector[2] 
_pdbx_struct_oper_list.matrix[3][1] 
_pdbx_struct_oper_list.matrix[3][2] 
_pdbx_struct_oper_list.matrix[3][3] 
_pdbx_struct_oper_list.vector[3] 
1 'identity operation'         1_555  x,y,z       1.0000000000 0.0000000000  0.0000000000  0.0000000000   0.0000000000  1.0000000000  0.0000000000  0.0000000000   0.0000000000  0.0000000000  1.0000000000  0.0000000000   
2 'crystal symmetry operation' 21_557 z,y,-x+2    0.5030319235 -0.4574775497 -0.7332620101 -20.1466617297 -0.5407580827 0.4952341647  -0.6799439816 -19.7057407766 0.6741955057  0.7385508877  0.0017339118  -10.1217331889 
3 'crystal symmetry operation' 23_755 -z+2,y,x    0.5030319235 -0.5407580827 0.6741955057  6.3024024267   -0.4574775497 0.4952341647  0.7385508877  8.0177256622   -0.7332620101 -0.6799439816 0.0017339118  -28.1540313279 
4 'crystal symmetry operation' 3_757  -x+2,y,-z+2 0.0060638470 -0.9982356324 -0.0590665044 -13.8442593030 -0.9982356324 -0.0095316706 0.0586069061  -11.6880151145 -0.0590665044 0.0586069061  -0.9965321764 -38.2757645168 
# 
_struct_biol.id   1 
# 
loop_
_struct_conf.conf_type_id 
_struct_conf.id 
_struct_conf.pdbx_PDB_helix_id 
_struct_conf.beg_label_comp_id 
_struct_conf.beg_label_asym_id 
_struct_conf.beg_label_seq_id 
_struct_conf.pdbx_beg_PDB_ins_code 
_struct_conf.end_label_comp_id 
_struct_conf.end_label_asym_id 
_struct_conf.end_label_seq_id 
_struct_conf.pdbx_end_PDB_ins_code 
_struct_conf.beg_auth_comp_id 
_struct_conf.beg_auth_asym_id 
_struct_conf.beg_auth_seq_id 
_struct_conf.end_auth_comp_id 
_struct_conf.end_auth_asym_id 
_struct_conf.end_auth_seq_id 
_struct_conf.pdbx_PDB_helix_class 
_struct_conf.details 
_struct_conf.pdbx_PDB_helix_length 
HELX_P HELX_P1 1 SER A 13  ? GLY A 18  ? SER X 1417 GLY X 1422 1 ? 6  
HELX_P HELX_P2 2 THR A 58  ? PHE A 73  ? THR X 1462 PHE X 1477 1 ? 16 
HELX_P HELX_P3 3 PRO A 74  ? LEU A 78  ? PRO X 1478 LEU X 1482 5 ? 5  
HELX_P HELX_P4 4 ALA A 97  ? MET A 111 ? ALA X 1501 MET X 1515 1 ? 15 
HELX_P HELX_P5 5 SER A 114 ? GLU A 119 ? SER X 1518 GLU X 1523 1 ? 6  
HELX_P HELX_P6 6 CYS A 120 ? HIS A 128 ? CYS X 1524 HIS X 1532 1 ? 9  
# 
_struct_conf_type.id          HELX_P 
_struct_conf_type.criteria    ? 
_struct_conf_type.reference   ? 
# 
loop_
_struct_mon_prot_cis.pdbx_id 
_struct_mon_prot_cis.label_comp_id 
_struct_mon_prot_cis.label_seq_id 
_struct_mon_prot_cis.label_asym_id 
_struct_mon_prot_cis.label_alt_id 
_struct_mon_prot_cis.pdbx_PDB_ins_code 
_struct_mon_prot_cis.auth_comp_id 
_struct_mon_prot_cis.auth_seq_id 
_struct_mon_prot_cis.auth_asym_id 
_struct_mon_prot_cis.pdbx_label_comp_id_2 
_struct_mon_prot_cis.pdbx_label_seq_id_2 
_struct_mon_prot_cis.pdbx_label_asym_id_2 
_struct_mon_prot_cis.pdbx_PDB_ins_code_2 
_struct_mon_prot_cis.pdbx_auth_comp_id_2 
_struct_mon_prot_cis.pdbx_auth_seq_id_2 
_struct_mon_prot_cis.pdbx_auth_asym_id_2 
_struct_mon_prot_cis.pdbx_PDB_model_num 
_struct_mon_prot_cis.pdbx_omega_angle 
1 ASN 33 A . ? ASN 1437 X PRO 34 A ? PRO 1438 X 1 1.68 
2 ASN 33 A . ? ASN 1437 X PRO 34 A ? PRO 1438 X 1 2.95 
# 
_struct_sheet.id               XA 
_struct_sheet.type             ? 
_struct_sheet.number_strands   3 
_struct_sheet.details          ? 
# 
loop_
_struct_sheet_order.sheet_id 
_struct_sheet_order.range_id_1 
_struct_sheet_order.range_id_2 
_struct_sheet_order.offset 
_struct_sheet_order.sense 
XA 1 2 ? anti-parallel 
XA 2 3 ? anti-parallel 
# 
loop_
_struct_sheet_range.sheet_id 
_struct_sheet_range.id 
_struct_sheet_range.beg_label_comp_id 
_struct_sheet_range.beg_label_asym_id 
_struct_sheet_range.beg_label_seq_id 
_struct_sheet_range.pdbx_beg_PDB_ins_code 
_struct_sheet_range.end_label_comp_id 
_struct_sheet_range.end_label_asym_id 
_struct_sheet_range.end_label_seq_id 
_struct_sheet_range.pdbx_end_PDB_ins_code 
_struct_sheet_range.beg_auth_comp_id 
_struct_sheet_range.beg_auth_asym_id 
_struct_sheet_range.beg_auth_seq_id 
_struct_sheet_range.end_auth_comp_id 
_struct_sheet_range.end_auth_asym_id 
_struct_sheet_range.end_auth_seq_id 
XA 1 ILE A 20 ? LYS A 30 ? ILE X 1424 LYS X 1434 
XA 2 TYR A 38 ? ARG A 46 ? TYR X 1442 ARG X 1450 
XA 3 SER A 53 ? ARG A 57 ? SER X 1457 ARG X 1461 
# 
loop_
_pdbx_struct_sheet_hbond.sheet_id 
_pdbx_struct_sheet_hbond.range_id_1 
_pdbx_struct_sheet_hbond.range_id_2 
_pdbx_struct_sheet_hbond.range_1_label_atom_id 
_pdbx_struct_sheet_hbond.range_1_label_comp_id 
_pdbx_struct_sheet_hbond.range_1_label_asym_id 
_pdbx_struct_sheet_hbond.range_1_label_seq_id 
_pdbx_struct_sheet_hbond.range_1_PDB_ins_code 
_pdbx_struct_sheet_hbond.range_1_auth_atom_id 
_pdbx_struct_sheet_hbond.range_1_auth_comp_id 
_pdbx_struct_sheet_hbond.range_1_auth_asym_id 
_pdbx_struct_sheet_hbond.range_1_auth_seq_id 
_pdbx_struct_sheet_hbond.range_2_label_atom_id 
_pdbx_struct_sheet_hbond.range_2_label_comp_id 
_pdbx_struct_sheet_hbond.range_2_label_asym_id 
_pdbx_struct_sheet_hbond.range_2_label_seq_id 
_pdbx_struct_sheet_hbond.range_2_PDB_ins_code 
_pdbx_struct_sheet_hbond.range_2_auth_atom_id 
_pdbx_struct_sheet_hbond.range_2_auth_comp_id 
_pdbx_struct_sheet_hbond.range_2_auth_asym_id 
_pdbx_struct_sheet_hbond.range_2_auth_seq_id 
XA 1 2 N HIS A 29 ? N HIS X 1433 O ILE A 39 ? O ILE X 1443 
XA 2 3 N ILE A 44 ? N ILE X 1448 O SER A 53 ? O SER X 1457 
# 
loop_
_struct_site.id 
_struct_site.pdbx_evidence_code 
_struct_site.pdbx_auth_asym_id 
_struct_site.pdbx_auth_comp_id 
_struct_site.pdbx_auth_seq_id 
_struct_site.pdbx_auth_ins_code 
_struct_site.pdbx_num_residues 
_struct_site.details 
AC1 Software ? ? ? ? 2 'BINDING SITE FOR RESIDUE SO4 X2540' 
AC2 Software ? ? ? ? 4 'BINDING SITE FOR RESIDUE SO4 X2541' 
AC3 Software ? ? ? ? 2 'BINDING SITE FOR RESIDUE SO4 X2542' 
# 
loop_
_struct_site_gen.id 
_struct_site_gen.site_id 
_struct_site_gen.pdbx_num_res 
_struct_site_gen.label_comp_id 
_struct_site_gen.label_asym_id 
_struct_site_gen.label_seq_id 
_struct_site_gen.pdbx_auth_ins_code 
_struct_site_gen.auth_comp_id 
_struct_site_gen.auth_asym_id 
_struct_site_gen.auth_seq_id 
_struct_site_gen.label_atom_id 
_struct_site_gen.label_alt_id 
_struct_site_gen.symmetry 
_struct_site_gen.details 
1 AC1 2 ASN A 83  ? ASN X 1487 . ? 1_555 ? 
2 AC1 2 ARG A 99  ? ARG X 1503 . ? 1_555 ? 
3 AC2 4 SER A 24  ? SER X 1428 . ? 1_555 ? 
4 AC2 4 PHE A 26  ? PHE X 1430 . ? 1_555 ? 
5 AC2 4 SER A 109 ? SER X 1513 . ? 1_555 ? 
6 AC2 4 ASN A 112 ? ASN X 1516 . ? 1_555 ? 
7 AC3 2 TYR A 32  ? TYR X 1436 . ? 1_555 ? 
8 AC3 2 LYS A 36  ? LYS X 1440 . ? 1_555 ? 
# 
loop_
_pdbx_validate_torsion.id 
_pdbx_validate_torsion.PDB_model_num 
_pdbx_validate_torsion.auth_comp_id 
_pdbx_validate_torsion.auth_asym_id 
_pdbx_validate_torsion.auth_seq_id 
_pdbx_validate_torsion.PDB_ins_code 
_pdbx_validate_torsion.label_alt_id 
_pdbx_validate_torsion.phi 
_pdbx_validate_torsion.psi 
1 1 PRO X 1413 ? ? -71.31  -70.98 
2 1 ARG X 1419 ? ? -36.67  -83.90 
3 1 TYR X 1436 ? A -146.65 -55.28 
4 1 ALA X 1500 ? ? -78.17  45.24  
5 1 LEU X 1535 ? ? -22.59  -78.06 
# 
_pdbx_struct_special_symmetry.id              1 
_pdbx_struct_special_symmetry.PDB_model_num   1 
_pdbx_struct_special_symmetry.auth_asym_id    X 
_pdbx_struct_special_symmetry.auth_comp_id    SO4 
_pdbx_struct_special_symmetry.auth_seq_id     2542 
_pdbx_struct_special_symmetry.PDB_ins_code    ? 
_pdbx_struct_special_symmetry.label_asym_id   D 
_pdbx_struct_special_symmetry.label_comp_id   SO4 
_pdbx_struct_special_symmetry.label_seq_id    . 
# 
loop_
_pdbx_refine_tls.pdbx_refine_id 
_pdbx_refine_tls.id 
_pdbx_refine_tls.details 
_pdbx_refine_tls.method 
_pdbx_refine_tls.origin_x 
_pdbx_refine_tls.origin_y 
_pdbx_refine_tls.origin_z 
_pdbx_refine_tls.T[1][1] 
_pdbx_refine_tls.T[2][2] 
_pdbx_refine_tls.T[3][3] 
_pdbx_refine_tls.T[1][2] 
_pdbx_refine_tls.T[1][3] 
_pdbx_refine_tls.T[2][3] 
_pdbx_refine_tls.L[1][1] 
_pdbx_refine_tls.L[2][2] 
_pdbx_refine_tls.L[3][3] 
_pdbx_refine_tls.L[1][2] 
_pdbx_refine_tls.L[1][3] 
_pdbx_refine_tls.L[2][3] 
_pdbx_refine_tls.S[1][1] 
_pdbx_refine_tls.S[1][2] 
_pdbx_refine_tls.S[1][3] 
_pdbx_refine_tls.S[2][1] 
_pdbx_refine_tls.S[2][2] 
_pdbx_refine_tls.S[2][3] 
_pdbx_refine_tls.S[3][1] 
_pdbx_refine_tls.S[3][2] 
_pdbx_refine_tls.S[3][3] 
'X-RAY DIFFRACTION' 1 ? refined -5.2567 5.9391  4.1245  0.0379  -0.0948 0.0633  -0.0286 0.1038  0.0163 13.8203 5.5172 6.8562 3.9841  -4.3851 -3.0338 0.8859  -1.1246 1.0831  1.0239  -0.6381 0.8521  -1.3023 -0.2427 -0.2478 
'X-RAY DIFFRACTION' 2 ? refined 14.5061 0.6921  -4.1165 -0.1567 0.2020  0.0612  0.0712  -0.0007 0.2705 16.5385 8.8512 8.3033 -6.0199 9.0025  -3.3514 -0.0578 0.3027  -0.6183 0.0882  -0.6448 -0.9770 0.1933  1.3473  0.7025  
'X-RAY DIFFRACTION' 3 ? refined -0.3251 6.7884  -4.3908 -0.1887 -0.2229 -0.1443 0.0693  0.0075  0.0825 10.1890 7.7921 9.9664 0.8253  -3.9151 -5.4646 0.5120  -0.1668 -0.4583 0.7141  0.0213  0.6522  -0.9716 0.0535  -0.5333 
'X-RAY DIFFRACTION' 4 ? refined -0.7895 -9.4292 1.6835  -0.1903 -0.1918 0.2644  0.1684  -0.0428 0.2207 9.8784  7.0283 9.0190 7.2942  -4.8055 -6.2346 -0.3943 -0.6152 -1.8152 -0.1152 -0.8993 -1.3000 0.6768  0.7229  1.2936  
'X-RAY DIFFRACTION' 5 ? refined -3.5222 0.5407  0.5060  -0.1809 -0.1816 -0.0846 0.1041  -0.0678 0.0742 9.1358  6.1674 6.8082 7.2117  -3.1227 -2.0604 0.5066  -0.4499 0.2486  0.3603  -0.4837 0.0660  -0.2779 0.6336  -0.0229  
# 
loop_
_pdbx_refine_tls_group.pdbx_refine_id 
_pdbx_refine_tls_group.id 
_pdbx_refine_tls_group.refine_tls_id 
_pdbx_refine_tls_group.beg_auth_asym_id 
_pdbx_refine_tls_group.beg_auth_seq_id 
_pdbx_refine_tls_group.beg_label_asym_id 
_pdbx_refine_tls_group.beg_label_seq_id 
_pdbx_refine_tls_group.end_auth_asym_id 
_pdbx_refine_tls_group.end_auth_seq_id 
_pdbx_refine_tls_group.end_label_asym_id 
_pdbx_refine_tls_group.end_label_seq_id 
_pdbx_refine_tls_group.selection 
_pdbx_refine_tls_group.selection_details 
'X-RAY DIFFRACTION' 1 1 X 1408 ? ? X 1429 ? ? ? ? 
'X-RAY DIFFRACTION' 2 2 X 1430 ? ? X 1444 ? ? ? ? 
'X-RAY DIFFRACTION' 3 3 X 1445 ? ? X 1464 ? ? ? ? 
'X-RAY DIFFRACTION' 4 4 X 1465 ? ? X 1504 ? ? ? ? 
'X-RAY DIFFRACTION' 5 5 X 1505 ? ? X 1540 ? ? ? ? 
# 
_pdbx_entry_details.entry_id                 2IWL 
_pdbx_entry_details.compound_details         'PHOSPHORYLATES PTDINS, PTDINS4P AND PTDINS(4,5)P2.' 
_pdbx_entry_details.source_details           ? 
_pdbx_entry_details.nonpolymer_details       ? 
_pdbx_entry_details.sequence_details         
;RESIDUES 1404-1408, 1488-1497 AND 1540-1544 IN CHAIN X ARE
DISORDERED RESIDUES
;
_pdbx_entry_details.has_ligand_of_interest   ? 
# 
loop_
_pdbx_unobs_or_zero_occ_residues.id 
_pdbx_unobs_or_zero_occ_residues.PDB_model_num 
_pdbx_unobs_or_zero_occ_residues.polymer_flag 
_pdbx_unobs_or_zero_occ_residues.occupancy_flag 
_pdbx_unobs_or_zero_occ_residues.auth_asym_id 
_pdbx_unobs_or_zero_occ_residues.auth_comp_id 
_pdbx_unobs_or_zero_occ_residues.auth_seq_id 
_pdbx_unobs_or_zero_occ_residues.PDB_ins_code 
_pdbx_unobs_or_zero_occ_residues.label_asym_id 
_pdbx_unobs_or_zero_occ_residues.label_comp_id 
_pdbx_unobs_or_zero_occ_residues.label_seq_id 
1  1 Y 1 X ASP 1405 ? A ASP 1   
2  1 Y 1 X GLU 1406 ? A GLU 2   
3  1 Y 1 X PRO 1407 ? A PRO 3   
4  1 Y 1 X ILE 1408 ? A ILE 4   
5  1 Y 1 X ARG 1488 ? A ARG 84  
6  1 Y 1 X MET 1489 ? A MET 85  
7  1 Y 1 X VAL 1490 ? A VAL 86  
8  1 Y 1 X LEU 1491 ? A LEU 87  
9  1 Y 1 X GLY 1492 ? A GLY 88  
10 1 Y 1 X ARG 1493 ? A ARG 89  
11 1 Y 1 X THR 1494 ? A THR 90  
12 1 Y 1 X HIS 1495 ? A HIS 91  
13 1 Y 1 X ILE 1496 ? A ILE 92  
14 1 Y 1 X LYS 1497 ? A LYS 93  
15 1 Y 1 X ALA 1540 ? A ALA 136 
16 1 Y 1 X GLU 1541 ? A GLU 137 
17 1 Y 1 X GLY 1542 ? A GLY 138 
18 1 Y 1 X ILE 1543 ? A ILE 139 
19 1 Y 1 X ALA 1544 ? A ALA 140 
# 
loop_
_chem_comp_atom.comp_id 
_chem_comp_atom.atom_id 
_chem_comp_atom.type_symbol 
_chem_comp_atom.pdbx_aromatic_flag 
_chem_comp_atom.pdbx_stereo_config 
_chem_comp_atom.pdbx_ordinal 
ALA N    N N N 1   
ALA CA   C N S 2   
ALA C    C N N 3   
ALA O    O N N 4   
ALA CB   C N N 5   
ALA OXT  O N N 6   
ALA H    H N N 7   
ALA H2   H N N 8   
ALA HA   H N N 9   
ALA HB1  H N N 10  
ALA HB2  H N N 11  
ALA HB3  H N N 12  
ALA HXT  H N N 13  
ARG N    N N N 14  
ARG CA   C N S 15  
ARG C    C N N 16  
ARG O    O N N 17  
ARG CB   C N N 18  
ARG CG   C N N 19  
ARG CD   C N N 20  
ARG NE   N N N 21  
ARG CZ   C N N 22  
ARG NH1  N N N 23  
ARG NH2  N N N 24  
ARG OXT  O N N 25  
ARG H    H N N 26  
ARG H2   H N N 27  
ARG HA   H N N 28  
ARG HB2  H N N 29  
ARG HB3  H N N 30  
ARG HG2  H N N 31  
ARG HG3  H N N 32  
ARG HD2  H N N 33  
ARG HD3  H N N 34  
ARG HE   H N N 35  
ARG HH11 H N N 36  
ARG HH12 H N N 37  
ARG HH21 H N N 38  
ARG HH22 H N N 39  
ARG HXT  H N N 40  
ASN N    N N N 41  
ASN CA   C N S 42  
ASN C    C N N 43  
ASN O    O N N 44  
ASN CB   C N N 45  
ASN CG   C N N 46  
ASN OD1  O N N 47  
ASN ND2  N N N 48  
ASN OXT  O N N 49  
ASN H    H N N 50  
ASN H2   H N N 51  
ASN HA   H N N 52  
ASN HB2  H N N 53  
ASN HB3  H N N 54  
ASN HD21 H N N 55  
ASN HD22 H N N 56  
ASN HXT  H N N 57  
ASP N    N N N 58  
ASP CA   C N S 59  
ASP C    C N N 60  
ASP O    O N N 61  
ASP CB   C N N 62  
ASP CG   C N N 63  
ASP OD1  O N N 64  
ASP OD2  O N N 65  
ASP OXT  O N N 66  
ASP H    H N N 67  
ASP H2   H N N 68  
ASP HA   H N N 69  
ASP HB2  H N N 70  
ASP HB3  H N N 71  
ASP HD2  H N N 72  
ASP HXT  H N N 73  
CYS N    N N N 74  
CYS CA   C N R 75  
CYS C    C N N 76  
CYS O    O N N 77  
CYS CB   C N N 78  
CYS SG   S N N 79  
CYS OXT  O N N 80  
CYS H    H N N 81  
CYS H2   H N N 82  
CYS HA   H N N 83  
CYS HB2  H N N 84  
CYS HB3  H N N 85  
CYS HG   H N N 86  
CYS HXT  H N N 87  
GLN N    N N N 88  
GLN CA   C N S 89  
GLN C    C N N 90  
GLN O    O N N 91  
GLN CB   C N N 92  
GLN CG   C N N 93  
GLN CD   C N N 94  
GLN OE1  O N N 95  
GLN NE2  N N N 96  
GLN OXT  O N N 97  
GLN H    H N N 98  
GLN H2   H N N 99  
GLN HA   H N N 100 
GLN HB2  H N N 101 
GLN HB3  H N N 102 
GLN HG2  H N N 103 
GLN HG3  H N N 104 
GLN HE21 H N N 105 
GLN HE22 H N N 106 
GLN HXT  H N N 107 
GLU N    N N N 108 
GLU CA   C N S 109 
GLU C    C N N 110 
GLU O    O N N 111 
GLU CB   C N N 112 
GLU CG   C N N 113 
GLU CD   C N N 114 
GLU OE1  O N N 115 
GLU OE2  O N N 116 
GLU OXT  O N N 117 
GLU H    H N N 118 
GLU H2   H N N 119 
GLU HA   H N N 120 
GLU HB2  H N N 121 
GLU HB3  H N N 122 
GLU HG2  H N N 123 
GLU HG3  H N N 124 
GLU HE2  H N N 125 
GLU HXT  H N N 126 
GLY N    N N N 127 
GLY CA   C N N 128 
GLY C    C N N 129 
GLY O    O N N 130 
GLY OXT  O N N 131 
GLY H    H N N 132 
GLY H2   H N N 133 
GLY HA2  H N N 134 
GLY HA3  H N N 135 
GLY HXT  H N N 136 
HIS N    N N N 137 
HIS CA   C N S 138 
HIS C    C N N 139 
HIS O    O N N 140 
HIS CB   C N N 141 
HIS CG   C Y N 142 
HIS ND1  N Y N 143 
HIS CD2  C Y N 144 
HIS CE1  C Y N 145 
HIS NE2  N Y N 146 
HIS OXT  O N N 147 
HIS H    H N N 148 
HIS H2   H N N 149 
HIS HA   H N N 150 
HIS HB2  H N N 151 
HIS HB3  H N N 152 
HIS HD1  H N N 153 
HIS HD2  H N N 154 
HIS HE1  H N N 155 
HIS HE2  H N N 156 
HIS HXT  H N N 157 
HOH O    O N N 158 
HOH H1   H N N 159 
HOH H2   H N N 160 
ILE N    N N N 161 
ILE CA   C N S 162 
ILE C    C N N 163 
ILE O    O N N 164 
ILE CB   C N S 165 
ILE CG1  C N N 166 
ILE CG2  C N N 167 
ILE CD1  C N N 168 
ILE OXT  O N N 169 
ILE H    H N N 170 
ILE H2   H N N 171 
ILE HA   H N N 172 
ILE HB   H N N 173 
ILE HG12 H N N 174 
ILE HG13 H N N 175 
ILE HG21 H N N 176 
ILE HG22 H N N 177 
ILE HG23 H N N 178 
ILE HD11 H N N 179 
ILE HD12 H N N 180 
ILE HD13 H N N 181 
ILE HXT  H N N 182 
LEU N    N N N 183 
LEU CA   C N S 184 
LEU C    C N N 185 
LEU O    O N N 186 
LEU CB   C N N 187 
LEU CG   C N N 188 
LEU CD1  C N N 189 
LEU CD2  C N N 190 
LEU OXT  O N N 191 
LEU H    H N N 192 
LEU H2   H N N 193 
LEU HA   H N N 194 
LEU HB2  H N N 195 
LEU HB3  H N N 196 
LEU HG   H N N 197 
LEU HD11 H N N 198 
LEU HD12 H N N 199 
LEU HD13 H N N 200 
LEU HD21 H N N 201 
LEU HD22 H N N 202 
LEU HD23 H N N 203 
LEU HXT  H N N 204 
LYS N    N N N 205 
LYS CA   C N S 206 
LYS C    C N N 207 
LYS O    O N N 208 
LYS CB   C N N 209 
LYS CG   C N N 210 
LYS CD   C N N 211 
LYS CE   C N N 212 
LYS NZ   N N N 213 
LYS OXT  O N N 214 
LYS H    H N N 215 
LYS H2   H N N 216 
LYS HA   H N N 217 
LYS HB2  H N N 218 
LYS HB3  H N N 219 
LYS HG2  H N N 220 
LYS HG3  H N N 221 
LYS HD2  H N N 222 
LYS HD3  H N N 223 
LYS HE2  H N N 224 
LYS HE3  H N N 225 
LYS HZ1  H N N 226 
LYS HZ2  H N N 227 
LYS HZ3  H N N 228 
LYS HXT  H N N 229 
MET N    N N N 230 
MET CA   C N S 231 
MET C    C N N 232 
MET O    O N N 233 
MET CB   C N N 234 
MET CG   C N N 235 
MET SD   S N N 236 
MET CE   C N N 237 
MET OXT  O N N 238 
MET H    H N N 239 
MET H2   H N N 240 
MET HA   H N N 241 
MET HB2  H N N 242 
MET HB3  H N N 243 
MET HG2  H N N 244 
MET HG3  H N N 245 
MET HE1  H N N 246 
MET HE2  H N N 247 
MET HE3  H N N 248 
MET HXT  H N N 249 
PHE N    N N N 250 
PHE CA   C N S 251 
PHE C    C N N 252 
PHE O    O N N 253 
PHE CB   C N N 254 
PHE CG   C Y N 255 
PHE CD1  C Y N 256 
PHE CD2  C Y N 257 
PHE CE1  C Y N 258 
PHE CE2  C Y N 259 
PHE CZ   C Y N 260 
PHE OXT  O N N 261 
PHE H    H N N 262 
PHE H2   H N N 263 
PHE HA   H N N 264 
PHE HB2  H N N 265 
PHE HB3  H N N 266 
PHE HD1  H N N 267 
PHE HD2  H N N 268 
PHE HE1  H N N 269 
PHE HE2  H N N 270 
PHE HZ   H N N 271 
PHE HXT  H N N 272 
PRO N    N N N 273 
PRO CA   C N S 274 
PRO C    C N N 275 
PRO O    O N N 276 
PRO CB   C N N 277 
PRO CG   C N N 278 
PRO CD   C N N 279 
PRO OXT  O N N 280 
PRO H    H N N 281 
PRO HA   H N N 282 
PRO HB2  H N N 283 
PRO HB3  H N N 284 
PRO HG2  H N N 285 
PRO HG3  H N N 286 
PRO HD2  H N N 287 
PRO HD3  H N N 288 
PRO HXT  H N N 289 
SER N    N N N 290 
SER CA   C N S 291 
SER C    C N N 292 
SER O    O N N 293 
SER CB   C N N 294 
SER OG   O N N 295 
SER OXT  O N N 296 
SER H    H N N 297 
SER H2   H N N 298 
SER HA   H N N 299 
SER HB2  H N N 300 
SER HB3  H N N 301 
SER HG   H N N 302 
SER HXT  H N N 303 
SO4 S    S N N 304 
SO4 O1   O N N 305 
SO4 O2   O N N 306 
SO4 O3   O N N 307 
SO4 O4   O N N 308 
THR N    N N N 309 
THR CA   C N S 310 
THR C    C N N 311 
THR O    O N N 312 
THR CB   C N R 313 
THR OG1  O N N 314 
THR CG2  C N N 315 
THR OXT  O N N 316 
THR H    H N N 317 
THR H2   H N N 318 
THR HA   H N N 319 
THR HB   H N N 320 
THR HG1  H N N 321 
THR HG21 H N N 322 
THR HG22 H N N 323 
THR HG23 H N N 324 
THR HXT  H N N 325 
TRP N    N N N 326 
TRP CA   C N S 327 
TRP C    C N N 328 
TRP O    O N N 329 
TRP CB   C N N 330 
TRP CG   C Y N 331 
TRP CD1  C Y N 332 
TRP CD2  C Y N 333 
TRP NE1  N Y N 334 
TRP CE2  C Y N 335 
TRP CE3  C Y N 336 
TRP CZ2  C Y N 337 
TRP CZ3  C Y N 338 
TRP CH2  C Y N 339 
TRP OXT  O N N 340 
TRP H    H N N 341 
TRP H2   H N N 342 
TRP HA   H N N 343 
TRP HB2  H N N 344 
TRP HB3  H N N 345 
TRP HD1  H N N 346 
TRP HE1  H N N 347 
TRP HE3  H N N 348 
TRP HZ2  H N N 349 
TRP HZ3  H N N 350 
TRP HH2  H N N 351 
TRP HXT  H N N 352 
TYR N    N N N 353 
TYR CA   C N S 354 
TYR C    C N N 355 
TYR O    O N N 356 
TYR CB   C N N 357 
TYR CG   C Y N 358 
TYR CD1  C Y N 359 
TYR CD2  C Y N 360 
TYR CE1  C Y N 361 
TYR CE2  C Y N 362 
TYR CZ   C Y N 363 
TYR OH   O N N 364 
TYR OXT  O N N 365 
TYR H    H N N 366 
TYR H2   H N N 367 
TYR HA   H N N 368 
TYR HB2  H N N 369 
TYR HB3  H N N 370 
TYR HD1  H N N 371 
TYR HD2  H N N 372 
TYR HE1  H N N 373 
TYR HE2  H N N 374 
TYR HH   H N N 375 
TYR HXT  H N N 376 
VAL N    N N N 377 
VAL CA   C N S 378 
VAL C    C N N 379 
VAL O    O N N 380 
VAL CB   C N N 381 
VAL CG1  C N N 382 
VAL CG2  C N N 383 
VAL OXT  O N N 384 
VAL H    H N N 385 
VAL H2   H N N 386 
VAL HA   H N N 387 
VAL HB   H N N 388 
VAL HG11 H N N 389 
VAL HG12 H N N 390 
VAL HG13 H N N 391 
VAL HG21 H N N 392 
VAL HG22 H N N 393 
VAL HG23 H N N 394 
VAL HXT  H N N 395 
# 
loop_
_chem_comp_bond.comp_id 
_chem_comp_bond.atom_id_1 
_chem_comp_bond.atom_id_2 
_chem_comp_bond.value_order 
_chem_comp_bond.pdbx_aromatic_flag 
_chem_comp_bond.pdbx_stereo_config 
_chem_comp_bond.pdbx_ordinal 
ALA N   CA   sing N N 1   
ALA N   H    sing N N 2   
ALA N   H2   sing N N 3   
ALA CA  C    sing N N 4   
ALA CA  CB   sing N N 5   
ALA CA  HA   sing N N 6   
ALA C   O    doub N N 7   
ALA C   OXT  sing N N 8   
ALA CB  HB1  sing N N 9   
ALA CB  HB2  sing N N 10  
ALA CB  HB3  sing N N 11  
ALA OXT HXT  sing N N 12  
ARG N   CA   sing N N 13  
ARG N   H    sing N N 14  
ARG N   H2   sing N N 15  
ARG CA  C    sing N N 16  
ARG CA  CB   sing N N 17  
ARG CA  HA   sing N N 18  
ARG C   O    doub N N 19  
ARG C   OXT  sing N N 20  
ARG CB  CG   sing N N 21  
ARG CB  HB2  sing N N 22  
ARG CB  HB3  sing N N 23  
ARG CG  CD   sing N N 24  
ARG CG  HG2  sing N N 25  
ARG CG  HG3  sing N N 26  
ARG CD  NE   sing N N 27  
ARG CD  HD2  sing N N 28  
ARG CD  HD3  sing N N 29  
ARG NE  CZ   sing N N 30  
ARG NE  HE   sing N N 31  
ARG CZ  NH1  sing N N 32  
ARG CZ  NH2  doub N N 33  
ARG NH1 HH11 sing N N 34  
ARG NH1 HH12 sing N N 35  
ARG NH2 HH21 sing N N 36  
ARG NH2 HH22 sing N N 37  
ARG OXT HXT  sing N N 38  
ASN N   CA   sing N N 39  
ASN N   H    sing N N 40  
ASN N   H2   sing N N 41  
ASN CA  C    sing N N 42  
ASN CA  CB   sing N N 43  
ASN CA  HA   sing N N 44  
ASN C   O    doub N N 45  
ASN C   OXT  sing N N 46  
ASN CB  CG   sing N N 47  
ASN CB  HB2  sing N N 48  
ASN CB  HB3  sing N N 49  
ASN CG  OD1  doub N N 50  
ASN CG  ND2  sing N N 51  
ASN ND2 HD21 sing N N 52  
ASN ND2 HD22 sing N N 53  
ASN OXT HXT  sing N N 54  
ASP N   CA   sing N N 55  
ASP N   H    sing N N 56  
ASP N   H2   sing N N 57  
ASP CA  C    sing N N 58  
ASP CA  CB   sing N N 59  
ASP CA  HA   sing N N 60  
ASP C   O    doub N N 61  
ASP C   OXT  sing N N 62  
ASP CB  CG   sing N N 63  
ASP CB  HB2  sing N N 64  
ASP CB  HB3  sing N N 65  
ASP CG  OD1  doub N N 66  
ASP CG  OD2  sing N N 67  
ASP OD2 HD2  sing N N 68  
ASP OXT HXT  sing N N 69  
CYS N   CA   sing N N 70  
CYS N   H    sing N N 71  
CYS N   H2   sing N N 72  
CYS CA  C    sing N N 73  
CYS CA  CB   sing N N 74  
CYS CA  HA   sing N N 75  
CYS C   O    doub N N 76  
CYS C   OXT  sing N N 77  
CYS CB  SG   sing N N 78  
CYS CB  HB2  sing N N 79  
CYS CB  HB3  sing N N 80  
CYS SG  HG   sing N N 81  
CYS OXT HXT  sing N N 82  
GLN N   CA   sing N N 83  
GLN N   H    sing N N 84  
GLN N   H2   sing N N 85  
GLN CA  C    sing N N 86  
GLN CA  CB   sing N N 87  
GLN CA  HA   sing N N 88  
GLN C   O    doub N N 89  
GLN C   OXT  sing N N 90  
GLN CB  CG   sing N N 91  
GLN CB  HB2  sing N N 92  
GLN CB  HB3  sing N N 93  
GLN CG  CD   sing N N 94  
GLN CG  HG2  sing N N 95  
GLN CG  HG3  sing N N 96  
GLN CD  OE1  doub N N 97  
GLN CD  NE2  sing N N 98  
GLN NE2 HE21 sing N N 99  
GLN NE2 HE22 sing N N 100 
GLN OXT HXT  sing N N 101 
GLU N   CA   sing N N 102 
GLU N   H    sing N N 103 
GLU N   H2   sing N N 104 
GLU CA  C    sing N N 105 
GLU CA  CB   sing N N 106 
GLU CA  HA   sing N N 107 
GLU C   O    doub N N 108 
GLU C   OXT  sing N N 109 
GLU CB  CG   sing N N 110 
GLU CB  HB2  sing N N 111 
GLU CB  HB3  sing N N 112 
GLU CG  CD   sing N N 113 
GLU CG  HG2  sing N N 114 
GLU CG  HG3  sing N N 115 
GLU CD  OE1  doub N N 116 
GLU CD  OE2  sing N N 117 
GLU OE2 HE2  sing N N 118 
GLU OXT HXT  sing N N 119 
GLY N   CA   sing N N 120 
GLY N   H    sing N N 121 
GLY N   H2   sing N N 122 
GLY CA  C    sing N N 123 
GLY CA  HA2  sing N N 124 
GLY CA  HA3  sing N N 125 
GLY C   O    doub N N 126 
GLY C   OXT  sing N N 127 
GLY OXT HXT  sing N N 128 
HIS N   CA   sing N N 129 
HIS N   H    sing N N 130 
HIS N   H2   sing N N 131 
HIS CA  C    sing N N 132 
HIS CA  CB   sing N N 133 
HIS CA  HA   sing N N 134 
HIS C   O    doub N N 135 
HIS C   OXT  sing N N 136 
HIS CB  CG   sing N N 137 
HIS CB  HB2  sing N N 138 
HIS CB  HB3  sing N N 139 
HIS CG  ND1  sing Y N 140 
HIS CG  CD2  doub Y N 141 
HIS ND1 CE1  doub Y N 142 
HIS ND1 HD1  sing N N 143 
HIS CD2 NE2  sing Y N 144 
HIS CD2 HD2  sing N N 145 
HIS CE1 NE2  sing Y N 146 
HIS CE1 HE1  sing N N 147 
HIS NE2 HE2  sing N N 148 
HIS OXT HXT  sing N N 149 
HOH O   H1   sing N N 150 
HOH O   H2   sing N N 151 
ILE N   CA   sing N N 152 
ILE N   H    sing N N 153 
ILE N   H2   sing N N 154 
ILE CA  C    sing N N 155 
ILE CA  CB   sing N N 156 
ILE CA  HA   sing N N 157 
ILE C   O    doub N N 158 
ILE C   OXT  sing N N 159 
ILE CB  CG1  sing N N 160 
ILE CB  CG2  sing N N 161 
ILE CB  HB   sing N N 162 
ILE CG1 CD1  sing N N 163 
ILE CG1 HG12 sing N N 164 
ILE CG1 HG13 sing N N 165 
ILE CG2 HG21 sing N N 166 
ILE CG2 HG22 sing N N 167 
ILE CG2 HG23 sing N N 168 
ILE CD1 HD11 sing N N 169 
ILE CD1 HD12 sing N N 170 
ILE CD1 HD13 sing N N 171 
ILE OXT HXT  sing N N 172 
LEU N   CA   sing N N 173 
LEU N   H    sing N N 174 
LEU N   H2   sing N N 175 
LEU CA  C    sing N N 176 
LEU CA  CB   sing N N 177 
LEU CA  HA   sing N N 178 
LEU C   O    doub N N 179 
LEU C   OXT  sing N N 180 
LEU CB  CG   sing N N 181 
LEU CB  HB2  sing N N 182 
LEU CB  HB3  sing N N 183 
LEU CG  CD1  sing N N 184 
LEU CG  CD2  sing N N 185 
LEU CG  HG   sing N N 186 
LEU CD1 HD11 sing N N 187 
LEU CD1 HD12 sing N N 188 
LEU CD1 HD13 sing N N 189 
LEU CD2 HD21 sing N N 190 
LEU CD2 HD22 sing N N 191 
LEU CD2 HD23 sing N N 192 
LEU OXT HXT  sing N N 193 
LYS N   CA   sing N N 194 
LYS N   H    sing N N 195 
LYS N   H2   sing N N 196 
LYS CA  C    sing N N 197 
LYS CA  CB   sing N N 198 
LYS CA  HA   sing N N 199 
LYS C   O    doub N N 200 
LYS C   OXT  sing N N 201 
LYS CB  CG   sing N N 202 
LYS CB  HB2  sing N N 203 
LYS CB  HB3  sing N N 204 
LYS CG  CD   sing N N 205 
LYS CG  HG2  sing N N 206 
LYS CG  HG3  sing N N 207 
LYS CD  CE   sing N N 208 
LYS CD  HD2  sing N N 209 
LYS CD  HD3  sing N N 210 
LYS CE  NZ   sing N N 211 
LYS CE  HE2  sing N N 212 
LYS CE  HE3  sing N N 213 
LYS NZ  HZ1  sing N N 214 
LYS NZ  HZ2  sing N N 215 
LYS NZ  HZ3  sing N N 216 
LYS OXT HXT  sing N N 217 
MET N   CA   sing N N 218 
MET N   H    sing N N 219 
MET N   H2   sing N N 220 
MET CA  C    sing N N 221 
MET CA  CB   sing N N 222 
MET CA  HA   sing N N 223 
MET C   O    doub N N 224 
MET C   OXT  sing N N 225 
MET CB  CG   sing N N 226 
MET CB  HB2  sing N N 227 
MET CB  HB3  sing N N 228 
MET CG  SD   sing N N 229 
MET CG  HG2  sing N N 230 
MET CG  HG3  sing N N 231 
MET SD  CE   sing N N 232 
MET CE  HE1  sing N N 233 
MET CE  HE2  sing N N 234 
MET CE  HE3  sing N N 235 
MET OXT HXT  sing N N 236 
PHE N   CA   sing N N 237 
PHE N   H    sing N N 238 
PHE N   H2   sing N N 239 
PHE CA  C    sing N N 240 
PHE CA  CB   sing N N 241 
PHE CA  HA   sing N N 242 
PHE C   O    doub N N 243 
PHE C   OXT  sing N N 244 
PHE CB  CG   sing N N 245 
PHE CB  HB2  sing N N 246 
PHE CB  HB3  sing N N 247 
PHE CG  CD1  doub Y N 248 
PHE CG  CD2  sing Y N 249 
PHE CD1 CE1  sing Y N 250 
PHE CD1 HD1  sing N N 251 
PHE CD2 CE2  doub Y N 252 
PHE CD2 HD2  sing N N 253 
PHE CE1 CZ   doub Y N 254 
PHE CE1 HE1  sing N N 255 
PHE CE2 CZ   sing Y N 256 
PHE CE2 HE2  sing N N 257 
PHE CZ  HZ   sing N N 258 
PHE OXT HXT  sing N N 259 
PRO N   CA   sing N N 260 
PRO N   CD   sing N N 261 
PRO N   H    sing N N 262 
PRO CA  C    sing N N 263 
PRO CA  CB   sing N N 264 
PRO CA  HA   sing N N 265 
PRO C   O    doub N N 266 
PRO C   OXT  sing N N 267 
PRO CB  CG   sing N N 268 
PRO CB  HB2  sing N N 269 
PRO CB  HB3  sing N N 270 
PRO CG  CD   sing N N 271 
PRO CG  HG2  sing N N 272 
PRO CG  HG3  sing N N 273 
PRO CD  HD2  sing N N 274 
PRO CD  HD3  sing N N 275 
PRO OXT HXT  sing N N 276 
SER N   CA   sing N N 277 
SER N   H    sing N N 278 
SER N   H2   sing N N 279 
SER CA  C    sing N N 280 
SER CA  CB   sing N N 281 
SER CA  HA   sing N N 282 
SER C   O    doub N N 283 
SER C   OXT  sing N N 284 
SER CB  OG   sing N N 285 
SER CB  HB2  sing N N 286 
SER CB  HB3  sing N N 287 
SER OG  HG   sing N N 288 
SER OXT HXT  sing N N 289 
SO4 S   O1   doub N N 290 
SO4 S   O2   doub N N 291 
SO4 S   O3   sing N N 292 
SO4 S   O4   sing N N 293 
THR N   CA   sing N N 294 
THR N   H    sing N N 295 
THR N   H2   sing N N 296 
THR CA  C    sing N N 297 
THR CA  CB   sing N N 298 
THR CA  HA   sing N N 299 
THR C   O    doub N N 300 
THR C   OXT  sing N N 301 
THR CB  OG1  sing N N 302 
THR CB  CG2  sing N N 303 
THR CB  HB   sing N N 304 
THR OG1 HG1  sing N N 305 
THR CG2 HG21 sing N N 306 
THR CG2 HG22 sing N N 307 
THR CG2 HG23 sing N N 308 
THR OXT HXT  sing N N 309 
TRP N   CA   sing N N 310 
TRP N   H    sing N N 311 
TRP N   H2   sing N N 312 
TRP CA  C    sing N N 313 
TRP CA  CB   sing N N 314 
TRP CA  HA   sing N N 315 
TRP C   O    doub N N 316 
TRP C   OXT  sing N N 317 
TRP CB  CG   sing N N 318 
TRP CB  HB2  sing N N 319 
TRP CB  HB3  sing N N 320 
TRP CG  CD1  doub Y N 321 
TRP CG  CD2  sing Y N 322 
TRP CD1 NE1  sing Y N 323 
TRP CD1 HD1  sing N N 324 
TRP CD2 CE2  doub Y N 325 
TRP CD2 CE3  sing Y N 326 
TRP NE1 CE2  sing Y N 327 
TRP NE1 HE1  sing N N 328 
TRP CE2 CZ2  sing Y N 329 
TRP CE3 CZ3  doub Y N 330 
TRP CE3 HE3  sing N N 331 
TRP CZ2 CH2  doub Y N 332 
TRP CZ2 HZ2  sing N N 333 
TRP CZ3 CH2  sing Y N 334 
TRP CZ3 HZ3  sing N N 335 
TRP CH2 HH2  sing N N 336 
TRP OXT HXT  sing N N 337 
TYR N   CA   sing N N 338 
TYR N   H    sing N N 339 
TYR N   H2   sing N N 340 
TYR CA  C    sing N N 341 
TYR CA  CB   sing N N 342 
TYR CA  HA   sing N N 343 
TYR C   O    doub N N 344 
TYR C   OXT  sing N N 345 
TYR CB  CG   sing N N 346 
TYR CB  HB2  sing N N 347 
TYR CB  HB3  sing N N 348 
TYR CG  CD1  doub Y N 349 
TYR CG  CD2  sing Y N 350 
TYR CD1 CE1  sing Y N 351 
TYR CD1 HD1  sing N N 352 
TYR CD2 CE2  doub Y N 353 
TYR CD2 HD2  sing N N 354 
TYR CE1 CZ   doub Y N 355 
TYR CE1 HE1  sing N N 356 
TYR CE2 CZ   sing Y N 357 
TYR CE2 HE2  sing N N 358 
TYR CZ  OH   sing N N 359 
TYR OH  HH   sing N N 360 
TYR OXT HXT  sing N N 361 
VAL N   CA   sing N N 362 
VAL N   H    sing N N 363 
VAL N   H2   sing N N 364 
VAL CA  C    sing N N 365 
VAL CA  CB   sing N N 366 
VAL CA  HA   sing N N 367 
VAL C   O    doub N N 368 
VAL C   OXT  sing N N 369 
VAL CB  CG1  sing N N 370 
VAL CB  CG2  sing N N 371 
VAL CB  HB   sing N N 372 
VAL CG1 HG11 sing N N 373 
VAL CG1 HG12 sing N N 374 
VAL CG1 HG13 sing N N 375 
VAL CG2 HG21 sing N N 376 
VAL CG2 HG22 sing N N 377 
VAL CG2 HG23 sing N N 378 
VAL OXT HXT  sing N N 379 
# 
_atom_sites.entry_id                    2IWL 
_atom_sites.fract_transf_matrix[1][1]   0.00569324 
_atom_sites.fract_transf_matrix[1][2]   0.00589690 
_atom_sites.fract_transf_matrix[1][3]   -0.00268727 
_atom_sites.fract_transf_matrix[2][1]   0.00611797 
_atom_sites.fract_transf_matrix[2][2]   -0.00607036 
_atom_sites.fract_transf_matrix[2][3]   -0.00035919 
_atom_sites.fract_transf_matrix[3][1]   -0.00213666 
_atom_sites.fract_transf_matrix[3][2]   -0.00166887 
_atom_sites.fract_transf_matrix[3][3]   -0.00818886 
_atom_sites.fract_transf_vector[1]      1.022480 
_atom_sites.fract_transf_vector[2]      0.659103 
_atom_sites.fract_transf_vector[3]      0.818777 
# 
loop_
_atom_type.symbol 
C 
N 
O 
S 
# 
loop_
_atom_site.group_PDB 
_atom_site.id 
_atom_site.type_symbol 
_atom_site.label_atom_id 
_atom_site.label_alt_id 
_atom_site.label_comp_id 
_atom_site.label_asym_id 
_atom_site.label_entity_id 
_atom_site.label_seq_id 
_atom_site.pdbx_PDB_ins_code 
_atom_site.Cartn_x 
_atom_site.Cartn_y 
_atom_site.Cartn_z 
_atom_site.occupancy 
_atom_site.B_iso_or_equiv 
_atom_site.pdbx_formal_charge 
_atom_site.auth_seq_id 
_atom_site.auth_comp_id 
_atom_site.auth_asym_id 
_atom_site.auth_atom_id 
_atom_site.pdbx_PDB_model_num 
ATOM   1    N N   . LEU A 1 5   ? 0.218   -0.957  12.635  1.00 54.24 ? 1409 LEU X N   1 
ATOM   2    C CA  . LEU A 1 5   ? 1.260   -0.690  11.570  1.00 54.98 ? 1409 LEU X CA  1 
ATOM   3    C C   . LEU A 1 5   ? 2.603   -0.104  12.064  1.00 55.86 ? 1409 LEU X C   1 
ATOM   4    O O   . LEU A 1 5   ? 2.677   1.048   12.508  1.00 55.83 ? 1409 LEU X O   1 
ATOM   5    C CB  . LEU A 1 5   ? 0.686   0.184   10.447  1.00 54.41 ? 1409 LEU X CB  1 
ATOM   6    C CG  . LEU A 1 5   ? 0.384   -0.428  9.060   1.00 54.07 ? 1409 LEU X CG  1 
ATOM   7    C CD1 . LEU A 1 5   ? -0.123  -1.869  9.061   1.00 51.05 ? 1409 LEU X CD1 1 
ATOM   8    C CD2 . LEU A 1 5   ? -0.560  0.453   8.251   1.00 54.01 ? 1409 LEU X CD2 1 
ATOM   9    N N   . SER A 1 6   ? 3.660   -0.904  11.931  1.00 56.68 ? 1410 SER X N   1 
ATOM   10   C CA  . SER A 1 6   ? 4.991   -0.581  12.427  1.00 57.90 ? 1410 SER X CA  1 
ATOM   11   C C   . SER A 1 6   ? 5.709   0.527   11.665  1.00 58.81 ? 1410 SER X C   1 
ATOM   12   O O   . SER A 1 6   ? 6.913   0.735   11.878  1.00 58.63 ? 1410 SER X O   1 
ATOM   13   C CB  . SER A 1 6   ? 5.877   -1.804  12.304  1.00 57.76 ? 1410 SER X CB  1 
ATOM   14   O OG  . SER A 1 6   ? 6.241   -1.977  10.943  1.00 58.80 ? 1410 SER X OG  1 
ATOM   15   N N   . PHE A 1 7   ? 5.022   1.208   10.749  1.00 59.87 ? 1411 PHE X N   1 
ATOM   16   C CA  . PHE A 1 7   ? 5.712   2.258   9.987   1.00 60.90 ? 1411 PHE X CA  1 
ATOM   17   C C   . PHE A 1 7   ? 4.997   3.601   9.940   1.00 61.70 ? 1411 PHE X C   1 
ATOM   18   O O   . PHE A 1 7   ? 5.568   4.579   9.455   1.00 62.42 ? 1411 PHE X O   1 
ATOM   19   C CB  . PHE A 1 7   ? 6.119   1.782   8.588   1.00 60.53 ? 1411 PHE X CB  1 
ATOM   20   C CG  . PHE A 1 7   ? 4.990   1.235   7.781   1.00 60.50 ? 1411 PHE X CG  1 
ATOM   21   C CD1 . PHE A 1 7   ? 4.152   2.083   7.064   1.00 60.36 ? 1411 PHE X CD1 1 
ATOM   22   C CD2 . PHE A 1 7   ? 4.769   -0.131  7.719   1.00 60.52 ? 1411 PHE X CD2 1 
ATOM   23   C CE1 . PHE A 1 7   ? 3.110   1.575   6.319   1.00 59.22 ? 1411 PHE X CE1 1 
ATOM   24   C CE2 . PHE A 1 7   ? 3.722   -0.648  6.961   1.00 61.17 ? 1411 PHE X CE2 1 
ATOM   25   C CZ  . PHE A 1 7   ? 2.895   0.208   6.264   1.00 59.90 ? 1411 PHE X CZ  1 
ATOM   26   N N   . SER A 1 8   ? 3.769   3.647   10.460  1.00 62.59 ? 1412 SER X N   1 
ATOM   27   C CA  . SER A 1 8   ? 3.025   4.911   10.627  1.00 63.41 ? 1412 SER X CA  1 
ATOM   28   C C   . SER A 1 8   ? 2.685   5.150   12.104  1.00 63.40 ? 1412 SER X C   1 
ATOM   29   O O   . SER A 1 8   ? 2.148   4.239   12.744  1.00 63.60 ? 1412 SER X O   1 
ATOM   30   C CB  . SER A 1 8   ? 1.726   4.907   9.805   1.00 63.62 ? 1412 SER X CB  1 
ATOM   31   O OG  . SER A 1 8   ? 0.852   5.937   10.263  1.00 64.23 ? 1412 SER X OG  1 
ATOM   32   N N   . PRO A 1 9   ? 2.947   6.381   12.627  1.00 63.27 ? 1413 PRO X N   1 
ATOM   33   C CA  . PRO A 1 9   ? 2.764   6.604   14.065  1.00 63.25 ? 1413 PRO X CA  1 
ATOM   34   C C   . PRO A 1 9   ? 1.268   6.611   14.381  1.00 63.17 ? 1413 PRO X C   1 
ATOM   35   O O   . PRO A 1 9   ? 0.750   5.645   14.966  1.00 63.44 ? 1413 PRO X O   1 
ATOM   36   C CB  . PRO A 1 9   ? 3.400   7.994   14.318  1.00 63.37 ? 1413 PRO X CB  1 
ATOM   37   C CG  . PRO A 1 9   ? 4.028   8.426   13.005  1.00 63.20 ? 1413 PRO X CG  1 
ATOM   38   C CD  . PRO A 1 9   ? 3.349   7.620   11.927  1.00 63.37 ? 1413 PRO X CD  1 
ATOM   39   N N   . LYS A 1 10  ? 0.575   7.666   13.951  1.00 62.57 ? 1414 LYS X N   1 
ATOM   40   C CA  . LYS A 1 10  ? -0.862  7.773   14.141  1.00 61.83 ? 1414 LYS X CA  1 
ATOM   41   C C   . LYS A 1 10  ? -1.533  6.656   13.350  1.00 61.05 ? 1414 LYS X C   1 
ATOM   42   O O   . LYS A 1 10  ? -0.894  6.019   12.501  1.00 61.22 ? 1414 LYS X O   1 
ATOM   43   C CB  . LYS A 1 10  ? -1.373  9.157   13.694  1.00 61.78 ? 1414 LYS X CB  1 
ATOM   44   C CG  . LYS A 1 10  ? -0.678  10.350  14.364  1.00 62.38 ? 1414 LYS X CG  1 
ATOM   45   C CD  . LYS A 1 10  ? -1.395  11.682  14.117  1.00 62.35 ? 1414 LYS X CD  1 
ATOM   46   C CE  . LYS A 1 10  ? -2.797  11.694  14.740  1.00 63.17 ? 1414 LYS X CE  1 
ATOM   47   N NZ  . LYS A 1 10  ? -2.988  12.838  15.692  1.00 62.09 ? 1414 LYS X NZ  1 
ATOM   48   N N   . THR A 1 11  ? -2.798  6.392   13.661  1.00 59.97 ? 1415 THR X N   1 
ATOM   49   C CA  . THR A 1 11  ? -3.655  5.615   12.781  1.00 59.04 ? 1415 THR X CA  1 
ATOM   50   C C   . THR A 1 11  ? -4.674  6.556   12.145  1.00 58.48 ? 1415 THR X C   1 
ATOM   51   O O   . THR A 1 11  ? -5.238  7.394   12.825  1.00 58.14 ? 1415 THR X O   1 
ATOM   52   C CB  . THR A 1 11  ? -4.370  4.468   13.510  1.00 59.02 ? 1415 THR X CB  1 
ATOM   53   O OG1 . THR A 1 11  ? -5.770  4.559   13.245  1.00 58.57 ? 1415 THR X OG1 1 
ATOM   54   C CG2 . THR A 1 11  ? -4.158  4.534   15.026  1.00 59.79 ? 1415 THR X CG2 1 
ATOM   55   N N   . TYR A 1 12  ? -4.900  6.418   10.838  1.00 58.20 ? 1416 TYR X N   1 
ATOM   56   C CA  . TYR A 1 12  ? -5.814  7.299   10.090  1.00 57.70 ? 1416 TYR X CA  1 
ATOM   57   C C   . TYR A 1 12  ? -7.008  6.526   9.529   1.00 57.62 ? 1416 TYR X C   1 
ATOM   58   O O   . TYR A 1 12  ? -6.993  5.290   9.498   1.00 57.90 ? 1416 TYR X O   1 
ATOM   59   C CB  . TYR A 1 12  ? -5.071  8.010   8.954   1.00 57.84 ? 1416 TYR X CB  1 
ATOM   60   C CG  . TYR A 1 12  ? -3.981  8.962   9.417   1.00 58.40 ? 1416 TYR X CG  1 
ATOM   61   C CD1 . TYR A 1 12  ? -2.652  8.536   9.517   1.00 58.88 ? 1416 TYR X CD1 1 
ATOM   62   C CD2 . TYR A 1 12  ? -4.281  10.289  9.764   1.00 58.38 ? 1416 TYR X CD2 1 
ATOM   63   C CE1 . TYR A 1 12  ? -1.639  9.404   9.955   1.00 59.62 ? 1416 TYR X CE1 1 
ATOM   64   C CE2 . TYR A 1 12  ? -3.279  11.170  10.201  1.00 59.01 ? 1416 TYR X CE2 1 
ATOM   65   C CZ  . TYR A 1 12  ? -1.962  10.721  10.290  1.00 59.24 ? 1416 TYR X CZ  1 
ATOM   66   O OH  . TYR A 1 12  ? -0.975  11.573  10.714  1.00 59.08 ? 1416 TYR X OH  1 
ATOM   67   N N   . SER A 1 13  ? -8.044  7.249   9.097   1.00 57.04 ? 1417 SER X N   1 
ATOM   68   C CA  . SER A 1 13  ? -9.272  6.629   8.607   1.00 56.67 ? 1417 SER X CA  1 
ATOM   69   C C   . SER A 1 13  ? -9.808  7.420   7.437   1.00 56.36 ? 1417 SER X C   1 
ATOM   70   O O   . SER A 1 13  ? -9.672  8.639   7.432   1.00 56.54 ? 1417 SER X O   1 
ATOM   71   C CB  . SER A 1 13  ? -10.315 6.558   9.715   1.00 56.54 ? 1417 SER X CB  1 
ATOM   72   O OG  . SER A 1 13  ? -10.847 7.832   10.001  1.00 57.74 ? 1417 SER X OG  1 
ATOM   73   N N   . PHE A 1 14  ? -10.412 6.734   6.453   1.00 55.98 ? 1418 PHE X N   1 
ATOM   74   C CA  . PHE A 1 14  ? -10.915 7.372   5.221   1.00 55.25 ? 1418 PHE X CA  1 
ATOM   75   C C   . PHE A 1 14  ? -11.861 8.565   5.480   1.00 56.19 ? 1418 PHE X C   1 
ATOM   76   O O   . PHE A 1 14  ? -12.017 9.439   4.607   1.00 56.69 ? 1418 PHE X O   1 
ATOM   77   C CB  . PHE A 1 14  ? -11.554 6.360   4.275   1.00 53.93 ? 1418 PHE X CB  1 
ATOM   78   C CG  . PHE A 1 14  ? -10.560 5.476   3.584   1.00 54.20 ? 1418 PHE X CG  1 
ATOM   79   C CD1 . PHE A 1 14  ? -10.495 4.113   3.881   1.00 51.71 ? 1418 PHE X CD1 1 
ATOM   80   C CD2 . PHE A 1 14  ? -9.660  5.997   2.644   1.00 51.77 ? 1418 PHE X CD2 1 
ATOM   81   C CE1 . PHE A 1 14  ? -9.566  3.287   3.248   1.00 49.39 ? 1418 PHE X CE1 1 
ATOM   82   C CE2 . PHE A 1 14  ? -8.733  5.166   2.002   1.00 50.48 ? 1418 PHE X CE2 1 
ATOM   83   C CZ  . PHE A 1 14  ? -8.681  3.817   2.307   1.00 50.80 ? 1418 PHE X CZ  1 
ATOM   84   N N   . ARG A 1 15  ? -12.479 8.598   6.666   1.00 55.45 ? 1419 ARG X N   1 
ATOM   85   C CA  . ARG A 1 15  ? -13.046 9.824   7.173   1.00 55.85 ? 1419 ARG X CA  1 
ATOM   86   C C   . ARG A 1 15  ? -12.121 10.990  6.766   1.00 56.02 ? 1419 ARG X C   1 
ATOM   87   O O   . ARG A 1 15  ? -12.343 11.633  5.721   1.00 56.04 ? 1419 ARG X O   1 
ATOM   88   C CB  . ARG A 1 15  ? -13.231 9.762   8.707   1.00 55.61 ? 1419 ARG X CB  1 
ATOM   89   C CG  . ARG A 1 15  ? -14.482 8.997   9.145   1.00 56.14 ? 1419 ARG X CG  1 
ATOM   90   C CD  . ARG A 1 15  ? -14.494 8.667   10.638  1.00 56.02 ? 1419 ARG X CD  1 
ATOM   91   N NE  . ARG A 1 15  ? -15.857 8.531   11.160  1.00 56.94 ? 1419 ARG X NE  1 
ATOM   92   C CZ  . ARG A 1 15  ? -16.429 9.365   12.038  1.00 58.57 ? 1419 ARG X CZ  1 
ATOM   93   N NH1 . ARG A 1 15  ? -15.764 10.410  12.527  1.00 59.15 ? 1419 ARG X NH1 1 
ATOM   94   N NH2 . ARG A 1 15  ? -17.674 9.153   12.455  1.00 57.84 ? 1419 ARG X NH2 1 
ATOM   95   N N   . GLN A 1 16  ? -11.067 11.228  7.560   1.00 55.63 ? 1420 GLN X N   1 
ATOM   96   C CA  . GLN A 1 16  ? -10.200 12.410  7.401   1.00 54.61 ? 1420 GLN X CA  1 
ATOM   97   C C   . GLN A 1 16  ? -9.384  12.465  6.114   1.00 53.76 ? 1420 GLN X C   1 
ATOM   98   O O   . GLN A 1 16  ? -9.085  13.547  5.639   1.00 53.79 ? 1420 GLN X O   1 
ATOM   99   C CB  . GLN A 1 16  ? -9.285  12.595  8.614   1.00 54.78 ? 1420 GLN X CB  1 
ATOM   100  C CG  . GLN A 1 16  ? -8.592  11.331  9.096   1.00 56.00 ? 1420 GLN X CG  1 
ATOM   101  C CD  . GLN A 1 16  ? -9.262  10.712  10.312  1.00 58.06 ? 1420 GLN X CD  1 
ATOM   102  O OE1 . GLN A 1 16  ? -10.287 11.199  10.794  1.00 58.35 ? 1420 GLN X OE1 1 
ATOM   103  N NE2 . GLN A 1 16  ? -8.675  9.628   10.819  1.00 58.69 ? 1420 GLN X NE2 1 
ATOM   104  N N   . ASP A 1 17  ? -9.073  11.308  5.533   1.00 53.12 ? 1421 ASP X N   1 
ATOM   105  C CA  . ASP A 1 17  ? -8.127  11.226  4.414   1.00 52.24 ? 1421 ASP X CA  1 
ATOM   106  C C   . ASP A 1 17  ? -8.685  11.280  2.991   1.00 51.93 ? 1421 ASP X C   1 
ATOM   107  O O   . ASP A 1 17  ? -7.947  11.620  2.051   1.00 52.25 ? 1421 ASP X O   1 
ATOM   108  C CB  . ASP A 1 17  ? -7.250  9.976   4.554   1.00 52.01 ? 1421 ASP X CB  1 
ATOM   109  C CG  . ASP A 1 17  ? -5.895  10.281  5.162   1.00 51.69 ? 1421 ASP X CG  1 
ATOM   110  O OD1 . ASP A 1 17  ? -5.709  11.399  5.668   1.00 53.25 ? 1421 ASP X OD1 1 
ATOM   111  O OD2 . ASP A 1 17  ? -4.997  9.418   5.124   1.00 51.50 ? 1421 ASP X OD2 1 
ATOM   112  N N   . GLY A 1 18  ? -9.954  10.913  2.813   1.00 51.18 ? 1422 GLY X N   1 
ATOM   113  C CA  . GLY A 1 18  ? -10.530 10.828  1.464   1.00 50.09 ? 1422 GLY X CA  1 
ATOM   114  C C   . GLY A 1 18  ? -10.503 9.442   0.844   1.00 49.58 ? 1422 GLY X C   1 
ATOM   115  O O   . GLY A 1 18  ? -9.467  8.718   0.887   1.00 50.32 ? 1422 GLY X O   1 
ATOM   116  N N   . ARG A 1 19  ? -11.634 9.053   0.270   1.00 48.58 ? 1423 ARG X N   1 
ATOM   117  C CA  . ARG A 1 19  ? -11.757 7.748   -0.350  1.00 48.62 ? 1423 ARG X CA  1 
ATOM   118  C C   . ARG A 1 19  ? -10.921 7.638   -1.611  1.00 48.91 ? 1423 ARG X C   1 
ATOM   119  O O   . ARG A 1 19  ? -10.706 8.622   -2.330  1.00 49.43 ? 1423 ARG X O   1 
ATOM   120  C CB  . ARG A 1 19  ? -13.201 7.410   -0.683  1.00 48.51 ? 1423 ARG X CB  1 
ATOM   121  C CG  . ARG A 1 19  ? -14.012 6.930   0.478   1.00 50.78 ? 1423 ARG X CG  1 
ATOM   122  C CD  . ARG A 1 19  ? -15.510 7.064   0.161   1.00 57.63 ? 1423 ARG X CD  1 
ATOM   123  N NE  . ARG A 1 19  ? -16.014 6.068   -0.795  1.00 59.75 ? 1423 ARG X NE  1 
ATOM   124  C CZ  . ARG A 1 19  ? -16.215 6.276   -2.102  1.00 60.89 ? 1423 ARG X CZ  1 
ATOM   125  N NH1 . ARG A 1 19  ? -15.956 7.456   -2.672  1.00 60.54 ? 1423 ARG X NH1 1 
ATOM   126  N NH2 . ARG A 1 19  ? -16.695 5.288   -2.848  1.00 62.09 ? 1423 ARG X NH2 1 
ATOM   127  N N   . ILE A 1 20  ? -10.481 6.416   -1.865  1.00 48.77 ? 1424 ILE X N   1 
ATOM   128  C CA  . ILE A 1 20  ? -9.689  6.052   -2.999  1.00 49.07 ? 1424 ILE X CA  1 
ATOM   129  C C   . ILE A 1 20  ? -10.517 5.617   -4.209  1.00 49.17 ? 1424 ILE X C   1 
ATOM   130  O O   . ILE A 1 20  ? -11.295 4.656   -4.128  1.00 49.38 ? 1424 ILE X O   1 
ATOM   131  C CB  . ILE A 1 20  ? -8.803  4.884   -2.632  1.00 48.87 ? 1424 ILE X CB  1 
ATOM   132  C CG1 . ILE A 1 20  ? -7.868  5.287   -1.511  1.00 49.94 ? 1424 ILE X CG1 1 
ATOM   133  C CG2 . ILE A 1 20  ? -8.003  4.469   -3.823  1.00 50.81 ? 1424 ILE X CG2 1 
ATOM   134  C CD1 . ILE A 1 20  ? -7.164  4.152   -0.914  1.00 55.28 ? 1424 ILE X CD1 1 
ATOM   135  N N   . LYS A 1 21  ? -10.274 6.306   -5.326  1.00 48.77 ? 1425 LYS X N   1 
ATOM   136  C CA  . LYS A 1 21  ? -10.877 6.054   -6.625  1.00 48.84 ? 1425 LYS X CA  1 
ATOM   137  C C   . LYS A 1 21  ? -9.963  5.141   -7.484  1.00 48.64 ? 1425 LYS X C   1 
ATOM   138  O O   . LYS A 1 21  ? -10.441 4.256   -8.203  1.00 48.61 ? 1425 LYS X O   1 
ATOM   139  C CB  . LYS A 1 21  ? -11.103 7.408   -7.307  1.00 48.55 ? 1425 LYS X CB  1 
ATOM   140  C CG  . LYS A 1 21  ? -11.813 7.398   -8.667  1.00 49.68 ? 1425 LYS X CG  1 
ATOM   141  C CD  . LYS A 1 21  ? -12.271 8.831   -9.025  1.00 50.43 ? 1425 LYS X CD  1 
ATOM   142  C CE  . LYS A 1 21  ? -11.787 9.284   -10.391 1.00 51.95 ? 1425 LYS X CE  1 
ATOM   143  N NZ  . LYS A 1 21  ? -12.721 8.856   -11.457 1.00 53.06 ? 1425 LYS X NZ  1 
ATOM   144  N N   . GLU A 1 22  ? -8.655  5.372   -7.426  1.00 48.33 ? 1426 GLU X N   1 
ATOM   145  C CA  . GLU A 1 22  ? -7.696  4.578   -8.186  1.00 48.16 ? 1426 GLU X CA  1 
ATOM   146  C C   . GLU A 1 22  ? -6.466  4.359   -7.344  1.00 48.74 ? 1426 GLU X C   1 
ATOM   147  O O   . GLU A 1 22  ? -6.018  5.296   -6.682  1.00 48.54 ? 1426 GLU X O   1 
ATOM   148  C CB  . GLU A 1 22  ? -7.281  5.275   -9.482  1.00 48.30 ? 1426 GLU X CB  1 
ATOM   149  C CG  . GLU A 1 22  ? -8.359  5.328   -10.618 1.00 47.94 ? 1426 GLU X CG  1 
ATOM   150  C CD  . GLU A 1 22  ? -7.959  6.257   -11.747 1.00 48.43 ? 1426 GLU X CD  1 
ATOM   151  O OE1 . GLU A 1 22  ? -6.748  6.593   -11.851 1.00 47.22 ? 1426 GLU X OE1 1 
ATOM   152  O OE2 . GLU A 1 22  ? -8.857  6.667   -12.531 1.00 52.22 ? 1426 GLU X OE2 1 
ATOM   153  N N   . VAL A 1 23  ? -5.957  3.117   -7.338  1.00 48.43 ? 1427 VAL X N   1 
ATOM   154  C CA  . VAL A 1 23  ? -4.627  2.825   -6.856  1.00 48.39 ? 1427 VAL X CA  1 
ATOM   155  C C   . VAL A 1 23  ? -3.950  1.841   -7.748  1.00 47.88 ? 1427 VAL X C   1 
ATOM   156  O O   . VAL A 1 23  ? -4.600  0.975   -8.334  1.00 47.34 ? 1427 VAL X O   1 
ATOM   157  C CB  . VAL A 1 23  ? -4.601  2.075   -5.519  1.00 49.53 ? 1427 VAL X CB  1 
ATOM   158  C CG1 . VAL A 1 23  ? -4.399  3.013   -4.403  1.00 51.70 ? 1427 VAL X CG1 1 
ATOM   159  C CG2 . VAL A 1 23  ? -5.814  1.117   -5.355  1.00 48.83 ? 1427 VAL X CG2 1 
ATOM   160  N N   . SER A 1 24  ? -2.622  1.900   -7.771  1.00 46.93 ? 1428 SER X N   1 
ATOM   161  C CA  . SER A 1 24  ? -1.878  0.886   -8.458  1.00 46.35 ? 1428 SER X CA  1 
ATOM   162  C C   . SER A 1 24  ? -0.474  1.029   -8.050  1.00 46.77 ? 1428 SER X C   1 
ATOM   163  O O   . SER A 1 24  ? -0.121  2.044   -7.456  1.00 48.04 ? 1428 SER X O   1 
ATOM   164  C CB  . SER A 1 24  ? -1.969  1.107   -9.965  1.00 45.83 ? 1428 SER X CB  1 
ATOM   165  O OG  . SER A 1 24  ? -1.480  2.386   -10.276 1.00 44.40 ? 1428 SER X OG  1 
ATOM   166  N N   . VAL A 1 25  ? 0.356   0.042   -8.399  1.00 46.39 ? 1429 VAL X N   1 
ATOM   167  C CA  . VAL A 1 25  ? 1.791   0.204   -8.236  1.00 44.74 ? 1429 VAL X CA  1 
ATOM   168  C C   . VAL A 1 25  ? 2.334   0.815   -9.526  1.00 44.87 ? 1429 VAL X C   1 
ATOM   169  O O   . VAL A 1 25  ? 2.218   0.241   -10.584 1.00 44.93 ? 1429 VAL X O   1 
ATOM   170  C CB  . VAL A 1 25  ? 2.466   -1.134  -7.872  1.00 45.35 ? 1429 VAL X CB  1 
ATOM   171  C CG1 . VAL A 1 25  ? 3.937   -0.927  -7.645  1.00 42.73 ? 1429 VAL X CG1 1 
ATOM   172  C CG2 . VAL A 1 25  ? 1.777   -1.779  -6.586  1.00 44.06 ? 1429 VAL X CG2 1 
ATOM   173  N N   . PHE A 1 26  ? 2.927   1.995   -9.446  1.00 44.34 ? 1430 PHE X N   1 
ATOM   174  C CA  . PHE A 1 26  ? 3.255   2.715   -10.654 1.00 43.89 ? 1430 PHE X CA  1 
ATOM   175  C C   . PHE A 1 26  ? 4.630   2.319   -11.209 1.00 45.07 ? 1430 PHE X C   1 
ATOM   176  O O   . PHE A 1 26  ? 4.806   2.180   -12.425 1.00 46.18 ? 1430 PHE X O   1 
ATOM   177  C CB  . PHE A 1 26  ? 3.145   4.196   -10.353 1.00 42.88 ? 1430 PHE X CB  1 
ATOM   178  C CG  . PHE A 1 26  ? 3.774   5.092   -11.364 1.00 43.03 ? 1430 PHE X CG  1 
ATOM   179  C CD1 . PHE A 1 26  ? 3.125   5.356   -12.586 1.00 40.92 ? 1430 PHE X CD1 1 
ATOM   180  C CD2 . PHE A 1 26  ? 5.007   5.738   -11.075 1.00 37.67 ? 1430 PHE X CD2 1 
ATOM   181  C CE1 . PHE A 1 26  ? 3.695   6.257   -13.524 1.00 39.16 ? 1430 PHE X CE1 1 
ATOM   182  C CE2 . PHE A 1 26  ? 5.584   6.634   -12.014 1.00 38.60 ? 1430 PHE X CE2 1 
ATOM   183  C CZ  . PHE A 1 26  ? 4.915   6.890   -13.234 1.00 38.93 ? 1430 PHE X CZ  1 
ATOM   184  N N   . THR A 1 27  ? 5.596   2.140   -10.320 1.00 44.61 ? 1431 THR X N   1 
ATOM   185  C CA  . THR A 1 27  ? 6.921   1.735   -10.709 1.00 44.67 ? 1431 THR X CA  1 
ATOM   186  C C   . THR A 1 27  ? 7.600   1.228   -9.441  1.00 45.58 ? 1431 THR X C   1 
ATOM   187  O O   . THR A 1 27  ? 6.996   1.193   -8.366  1.00 45.71 ? 1431 THR X O   1 
ATOM   188  C CB  . THR A 1 27  ? 7.719   2.884   -11.384 1.00 44.40 ? 1431 THR X CB  1 
ATOM   189  O OG1 . THR A 1 27  ? 8.950   2.376   -11.901 1.00 44.85 ? 1431 THR X OG1 1 
ATOM   190  C CG2 . THR A 1 27  ? 8.048   4.004   -10.427 1.00 44.81 ? 1431 THR X CG2 1 
ATOM   191  N N   . TYR A 1 28  ? 8.835   0.781   -9.557  1.00 46.28 ? 1432 TYR X N   1 
ATOM   192  C CA  . TYR A 1 28  ? 9.549   0.348   -8.377  1.00 46.59 ? 1432 TYR X CA  1 
ATOM   193  C C   . TYR A 1 28  ? 10.848  1.099   -8.481  1.00 46.96 ? 1432 TYR X C   1 
ATOM   194  O O   . TYR A 1 28  ? 11.268  1.473   -9.579  1.00 45.97 ? 1432 TYR X O   1 
ATOM   195  C CB  . TYR A 1 28  ? 9.715   -1.170  -8.347  1.00 46.39 ? 1432 TYR X CB  1 
ATOM   196  C CG  . TYR A 1 28  ? 10.372  -1.764  -9.568  1.00 47.38 ? 1432 TYR X CG  1 
ATOM   197  C CD1 . TYR A 1 28  ? 11.767  -1.859  -9.642  1.00 49.51 ? 1432 TYR X CD1 1 
ATOM   198  C CD2 . TYR A 1 28  ? 9.627   -2.265  -10.628 1.00 46.00 ? 1432 TYR X CD2 1 
ATOM   199  C CE1 . TYR A 1 28  ? 12.394  -2.411  -10.731 1.00 48.44 ? 1432 TYR X CE1 1 
ATOM   200  C CE2 . TYR A 1 28  ? 10.257  -2.815  -11.756 1.00 46.14 ? 1432 TYR X CE2 1 
ATOM   201  C CZ  . TYR A 1 28  ? 11.644  -2.880  -11.788 1.00 48.10 ? 1432 TYR X CZ  1 
ATOM   202  O OH  . TYR A 1 28  ? 12.331  -3.436  -12.855 1.00 50.09 ? 1432 TYR X OH  1 
ATOM   203  N N   . HIS A 1 29  ? 11.478  1.338   -7.343  1.00 47.18 ? 1433 HIS X N   1 
ATOM   204  C CA  . HIS A 1 29  ? 12.611  2.263   -7.319  1.00 47.39 ? 1433 HIS X CA  1 
ATOM   205  C C   . HIS A 1 29  ? 13.683  1.695   -6.381  1.00 47.05 ? 1433 HIS X C   1 
ATOM   206  O O   . HIS A 1 29  ? 13.355  1.127   -5.305  1.00 47.55 ? 1433 HIS X O   1 
ATOM   207  C CB  . HIS A 1 29  ? 12.085  3.646   -6.880  1.00 47.53 ? 1433 HIS X CB  1 
ATOM   208  C CG  . HIS A 1 29  ? 13.147  4.651   -6.585  1.00 48.23 ? 1433 HIS X CG  1 
ATOM   209  N ND1 . HIS A 1 29  ? 13.769  5.387   -7.574  1.00 49.89 ? 1433 HIS X ND1 1 
ATOM   210  C CD2 . HIS A 1 29  ? 13.676  5.067   -5.413  1.00 48.62 ? 1433 HIS X CD2 1 
ATOM   211  C CE1 . HIS A 1 29  ? 14.650  6.204   -7.020  1.00 52.02 ? 1433 HIS X CE1 1 
ATOM   212  N NE2 . HIS A 1 29  ? 14.614  6.027   -5.710  1.00 51.86 ? 1433 HIS X NE2 1 
ATOM   213  N N   . LYS A 1 30  ? 14.935  1.842   -6.805  1.00 46.31 ? 1434 LYS X N   1 
ATOM   214  C CA  . LYS A 1 30  ? 16.120  1.222   -6.187  1.00 46.48 ? 1434 LYS X CA  1 
ATOM   215  C C   . LYS A 1 30  ? 16.692  2.124   -5.079  1.00 45.88 ? 1434 LYS X C   1 
ATOM   216  O O   . LYS A 1 30  ? 16.947  3.314   -5.323  1.00 46.14 ? 1434 LYS X O   1 
ATOM   217  C CB  . LYS A 1 30  ? 17.210  0.985   -7.257  1.00 45.63 ? 1434 LYS X CB  1 
ATOM   218  C CG  . LYS A 1 30  ? 18.298  -0.021  -6.862  1.00 47.19 ? 1434 LYS X CG  1 
ATOM   219  C CD  . LYS A 1 30  ? 19.604  0.067   -7.726  1.00 48.43 ? 1434 LYS X CD  1 
ATOM   220  C CE  . LYS A 1 30  ? 19.352  0.092   -9.276  1.00 51.24 ? 1434 LYS X CE  1 
ATOM   221  N NZ  . LYS A 1 30  ? 20.567  -0.180  -10.089 1.00 48.57 ? 1434 LYS X NZ  1 
ATOM   222  N N   A LYS A 1 31  ? 16.893  1.554   -3.892  0.50 45.92 ? 1435 LYS X N   1 
ATOM   223  N N   B LYS A 1 31  ? 16.892  1.595   -3.873  0.50 44.64 ? 1435 LYS X N   1 
ATOM   224  C CA  A LYS A 1 31  ? 17.425  2.307   -2.764  0.50 46.20 ? 1435 LYS X CA  1 
ATOM   225  C CA  B LYS A 1 31  ? 17.514  2.406   -2.824  0.50 43.91 ? 1435 LYS X CA  1 
ATOM   226  C C   A LYS A 1 31  ? 18.849  1.906   -2.423  0.50 46.46 ? 1435 LYS X C   1 
ATOM   227  C C   B LYS A 1 31  ? 18.652  1.699   -2.126  0.50 43.56 ? 1435 LYS X C   1 
ATOM   228  O O   A LYS A 1 31  ? 19.469  1.098   -3.110  0.50 46.83 ? 1435 LYS X O   1 
ATOM   229  O O   B LYS A 1 31  ? 18.629  0.482   -1.946  0.50 43.43 ? 1435 LYS X O   1 
ATOM   230  C CB  A LYS A 1 31  ? 16.523  2.174   -1.540  0.50 46.52 ? 1435 LYS X CB  1 
ATOM   231  C CB  B LYS A 1 31  ? 16.498  2.897   -1.802  0.50 43.93 ? 1435 LYS X CB  1 
ATOM   232  C CG  A LYS A 1 31  ? 15.158  2.864   -1.697  0.50 47.14 ? 1435 LYS X CG  1 
ATOM   233  C CG  B LYS A 1 31  ? 15.696  4.111   -2.245  0.50 43.69 ? 1435 LYS X CG  1 
ATOM   234  C CD  A LYS A 1 31  ? 15.135  4.249   -1.064  0.50 47.48 ? 1435 LYS X CD  1 
ATOM   235  C CD  B LYS A 1 31  ? 14.711  4.558   -1.168  0.50 44.50 ? 1435 LYS X CD  1 
ATOM   236  C CE  A LYS A 1 31  ? 14.463  4.232   0.313   0.50 46.29 ? 1435 LYS X CE  1 
ATOM   237  C CE  B LYS A 1 31  ? 15.407  5.277   -0.003  0.50 44.17 ? 1435 LYS X CE  1 
ATOM   238  N NZ  A LYS A 1 31  ? 14.430  5.599   0.899   0.50 46.20 ? 1435 LYS X NZ  1 
ATOM   239  N NZ  B LYS A 1 31  ? 15.843  6.652   -0.371  0.50 44.02 ? 1435 LYS X NZ  1 
ATOM   240  N N   A TYR A 1 32  ? 19.352  2.457   -1.330  0.50 46.56 ? 1436 TYR X N   1 
ATOM   241  N N   B TYR A 1 32  ? 19.644  2.488   -1.723  0.50 43.11 ? 1436 TYR X N   1 
ATOM   242  C CA  A TYR A 1 32  ? 20.781  2.480   -1.071  0.50 46.28 ? 1436 TYR X CA  1 
ATOM   243  C CA  B TYR A 1 32  ? 20.883  1.966   -1.147  0.50 42.37 ? 1436 TYR X CA  1 
ATOM   244  C C   A TYR A 1 32  ? 20.996  2.371   0.417   0.50 46.20 ? 1436 TYR X C   1 
ATOM   245  C C   B TYR A 1 32  ? 20.930  2.157   0.363   0.50 42.64 ? 1436 TYR X C   1 
ATOM   246  O O   A TYR A 1 32  ? 21.726  1.505   0.904   0.50 46.22 ? 1436 TYR X O   1 
ATOM   247  O O   B TYR A 1 32  ? 21.843  1.667   1.043   0.50 42.59 ? 1436 TYR X O   1 
ATOM   248  C CB  A TYR A 1 32  ? 21.324  3.826   -1.555  0.50 46.09 ? 1436 TYR X CB  1 
ATOM   249  C CB  B TYR A 1 32  ? 22.096  2.656   -1.807  0.50 41.42 ? 1436 TYR X CB  1 
ATOM   250  C CG  A TYR A 1 32  ? 20.343  4.971   -1.285  0.50 45.67 ? 1436 TYR X CG  1 
ATOM   251  C CG  B TYR A 1 32  ? 22.237  2.320   -3.272  0.50 40.13 ? 1436 TYR X CG  1 
ATOM   252  C CD1 A TYR A 1 32  ? 20.666  6.015   -0.420  0.50 46.90 ? 1436 TYR X CD1 1 
ATOM   253  C CD1 B TYR A 1 32  ? 21.692  3.142   -4.261  0.50 39.63 ? 1436 TYR X CD1 1 
ATOM   254  C CD2 A TYR A 1 32  ? 19.105  4.984   -1.861  0.50 40.93 ? 1436 TYR X CD2 1 
ATOM   255  C CD2 B TYR A 1 32  ? 22.895  1.165   -3.670  0.50 38.87 ? 1436 TYR X CD2 1 
ATOM   256  C CE1 A TYR A 1 32  ? 19.772  7.022   -0.175  0.50 44.49 ? 1436 TYR X CE1 1 
ATOM   257  C CE1 B TYR A 1 32  ? 21.818  2.815   -5.607  0.50 38.77 ? 1436 TYR X CE1 1 
ATOM   258  C CE2 A TYR A 1 32  ? 18.241  5.963   -1.609  0.50 41.47 ? 1436 TYR X CE2 1 
ATOM   259  C CE2 B TYR A 1 32  ? 23.023  0.833   -5.000  0.50 38.10 ? 1436 TYR X CE2 1 
ATOM   260  C CZ  A TYR A 1 32  ? 18.566  6.970   -0.776  0.50 42.90 ? 1436 TYR X CZ  1 
ATOM   261  C CZ  B TYR A 1 32  ? 22.489  1.652   -5.957  0.50 39.16 ? 1436 TYR X CZ  1 
ATOM   262  O OH  A TYR A 1 32  ? 17.655  7.959   -0.559  0.50 45.91 ? 1436 TYR X OH  1 
ATOM   263  O OH  B TYR A 1 32  ? 22.630  1.287   -7.266  0.50 39.78 ? 1436 TYR X OH  1 
ATOM   264  N N   A ASN A 1 33  ? 20.370  3.286   1.143   0.50 46.19 ? 1437 ASN X N   1 
ATOM   265  N N   B ASN A 1 33  ? 19.950  2.877   0.897   0.50 43.04 ? 1437 ASN X N   1 
ATOM   266  C CA  A ASN A 1 33  ? 20.427  3.249   2.595   0.50 46.12 ? 1437 ASN X CA  1 
ATOM   267  C CA  B ASN A 1 33  ? 20.014  3.268   2.304   0.50 43.90 ? 1437 ASN X CA  1 
ATOM   268  C C   A ASN A 1 33  ? 19.082  2.827   3.163   0.50 45.84 ? 1437 ASN X C   1 
ATOM   269  C C   B ASN A 1 33  ? 18.837  2.771   3.143   0.50 44.61 ? 1437 ASN X C   1 
ATOM   270  O O   A ASN A 1 33  ? 18.034  3.212   2.633   0.50 46.34 ? 1437 ASN X O   1 
ATOM   271  O O   B ASN A 1 33  ? 17.680  3.055   2.801   0.50 45.24 ? 1437 ASN X O   1 
ATOM   272  C CB  A ASN A 1 33  ? 20.878  4.589   3.188   0.50 46.13 ? 1437 ASN X CB  1 
ATOM   273  C CB  B ASN A 1 33  ? 20.193  4.790   2.425   0.50 43.54 ? 1437 ASN X CB  1 
ATOM   274  C CG  A ASN A 1 33  ? 22.322  4.570   3.632   0.50 45.80 ? 1437 ASN X CG  1 
ATOM   275  C CG  B ASN A 1 33  ? 21.606  5.241   2.069   0.50 41.88 ? 1437 ASN X CG  1 
ATOM   276  O OD1 A ASN A 1 33  ? 22.619  4.468   4.827   0.50 45.77 ? 1437 ASN X OD1 1 
ATOM   277  O OD1 B ASN A 1 33  ? 21.951  5.385   0.893   0.50 38.37 ? 1437 ASN X OD1 1 
ATOM   278  N ND2 A ASN A 1 33  ? 23.234  4.659   2.672   0.50 45.60 ? 1437 ASN X ND2 1 
ATOM   279  N ND2 B ASN A 1 33  ? 22.425  5.467   3.089   0.50 40.44 ? 1437 ASN X ND2 1 
ATOM   280  N N   . PRO A 1 34  ? 19.117  2.029   4.238   1.00 45.22 ? 1438 PRO X N   1 
ATOM   281  C CA  . PRO A 1 34  ? 20.429  1.649   4.813   1.00 45.58 ? 1438 PRO X CA  1 
ATOM   282  C C   . PRO A 1 34  ? 21.118  0.439   4.133   1.00 45.92 ? 1438 PRO X C   1 
ATOM   283  O O   . PRO A 1 34  ? 22.283  0.141   4.433   1.00 45.51 ? 1438 PRO X O   1 
ATOM   284  C CB  . PRO A 1 34  ? 20.094  1.349   6.286   1.00 44.97 ? 1438 PRO X CB  1 
ATOM   285  C CG  . PRO A 1 34  ? 18.705  0.827   6.252   1.00 45.31 ? 1438 PRO X CG  1 
ATOM   286  C CD  . PRO A 1 34  ? 18.000  1.451   5.013   1.00 45.30 ? 1438 PRO X CD  1 
ATOM   287  N N   . ASP A 1 35  ? 20.391  -0.243  3.247   1.00 46.39 ? 1439 ASP X N   1 
ATOM   288  C CA  . ASP A 1 35  ? 20.934  -1.344  2.445   1.00 46.89 ? 1439 ASP X CA  1 
ATOM   289  C C   . ASP A 1 35  ? 20.236  -1.376  1.081   1.00 46.78 ? 1439 ASP X C   1 
ATOM   290  O O   . ASP A 1 35  ? 19.145  -0.830  0.928   1.00 46.22 ? 1439 ASP X O   1 
ATOM   291  C CB  . ASP A 1 35  ? 20.755  -2.704  3.148   1.00 47.04 ? 1439 ASP X CB  1 
ATOM   292  C CG  . ASP A 1 35  ? 21.871  -3.701  2.781   1.00 49.19 ? 1439 ASP X CG  1 
ATOM   293  O OD1 . ASP A 1 35  ? 22.542  -3.506  1.734   1.00 51.15 ? 1439 ASP X OD1 1 
ATOM   294  O OD2 . ASP A 1 35  ? 22.109  -4.667  3.553   1.00 51.50 ? 1439 ASP X OD2 1 
ATOM   295  N N   . LYS A 1 36  ? 20.856  -2.037  0.108   1.00 46.75 ? 1440 LYS X N   1 
ATOM   296  C CA  . LYS A 1 36  ? 20.273  -2.157  -1.225  1.00 47.13 ? 1440 LYS X CA  1 
ATOM   297  C C   . LYS A 1 36  ? 18.913  -2.826  -1.132  1.00 46.69 ? 1440 LYS X C   1 
ATOM   298  O O   . LYS A 1 36  ? 18.783  -3.877  -0.514  1.00 46.91 ? 1440 LYS X O   1 
ATOM   299  C CB  . LYS A 1 36  ? 21.205  -2.954  -2.148  1.00 47.40 ? 1440 LYS X CB  1 
ATOM   300  C CG  . LYS A 1 36  ? 20.747  -3.000  -3.586  1.00 49.01 ? 1440 LYS X CG  1 
ATOM   301  C CD  . LYS A 1 36  ? 21.744  -3.741  -4.463  1.00 52.43 ? 1440 LYS X CD  1 
ATOM   302  C CE  . LYS A 1 36  ? 21.199  -3.829  -5.894  1.00 53.64 ? 1440 LYS X CE  1 
ATOM   303  N NZ  . LYS A 1 36  ? 22.295  -4.019  -6.877  1.00 55.34 ? 1440 LYS X NZ  1 
ATOM   304  N N   . HIS A 1 37  ? 17.904  -2.213  -1.738  1.00 46.20 ? 1441 HIS X N   1 
ATOM   305  C CA  . HIS A 1 37  ? 16.566  -2.795  -1.755  1.00 45.96 ? 1441 HIS X CA  1 
ATOM   306  C C   . HIS A 1 37  ? 15.619  -2.017  -2.689  1.00 46.14 ? 1441 HIS X C   1 
ATOM   307  O O   . HIS A 1 37  ? 15.832  -0.816  -2.961  1.00 45.85 ? 1441 HIS X O   1 
ATOM   308  C CB  . HIS A 1 37  ? 16.001  -2.891  -0.328  1.00 45.15 ? 1441 HIS X CB  1 
ATOM   309  C CG  . HIS A 1 37  ? 15.749  -1.564  0.297   1.00 45.67 ? 1441 HIS X CG  1 
ATOM   310  N ND1 . HIS A 1 37  ? 14.496  -0.985  0.330   1.00 45.17 ? 1441 HIS X ND1 1 
ATOM   311  C CD2 . HIS A 1 37  ? 16.593  -0.667  0.856   1.00 45.76 ? 1441 HIS X CD2 1 
ATOM   312  C CE1 . HIS A 1 37  ? 14.576  0.200   0.909   1.00 45.89 ? 1441 HIS X CE1 1 
ATOM   313  N NE2 . HIS A 1 37  ? 15.839  0.418   1.235   1.00 46.90 ? 1441 HIS X NE2 1 
ATOM   314  N N   . TYR A 1 38  ? 14.582  -2.699  -3.183  1.00 46.41 ? 1442 TYR X N   1 
ATOM   315  C CA  . TYR A 1 38  ? 13.567  -2.035  -4.027  1.00 46.18 ? 1442 TYR X CA  1 
ATOM   316  C C   . TYR A 1 38  ? 12.439  -1.529  -3.191  1.00 46.03 ? 1442 TYR X C   1 
ATOM   317  O O   . TYR A 1 38  ? 12.076  -2.146  -2.203  1.00 45.80 ? 1442 TYR X O   1 
ATOM   318  C CB  . TYR A 1 38  ? 13.072  -2.930  -5.151  1.00 46.01 ? 1442 TYR X CB  1 
ATOM   319  C CG  . TYR A 1 38  ? 14.117  -3.040  -6.241  1.00 48.55 ? 1442 TYR X CG  1 
ATOM   320  C CD1 . TYR A 1 38  ? 15.015  -4.092  -6.253  1.00 47.48 ? 1442 TYR X CD1 1 
ATOM   321  C CD2 . TYR A 1 38  ? 14.240  -2.050  -7.233  1.00 49.34 ? 1442 TYR X CD2 1 
ATOM   322  C CE1 . TYR A 1 38  ? 15.963  -4.186  -7.226  1.00 49.93 ? 1442 TYR X CE1 1 
ATOM   323  C CE2 . TYR A 1 38  ? 15.174  -2.139  -8.223  1.00 48.36 ? 1442 TYR X CE2 1 
ATOM   324  C CZ  . TYR A 1 38  ? 16.056  -3.215  -8.216  1.00 50.75 ? 1442 TYR X CZ  1 
ATOM   325  O OH  . TYR A 1 38  ? 17.067  -3.339  -9.190  1.00 51.18 ? 1442 TYR X OH  1 
ATOM   326  N N   . ILE A 1 39  ? 11.932  -0.364  -3.563  1.00 46.26 ? 1443 ILE X N   1 
ATOM   327  C CA  . ILE A 1 39  ? 10.766  0.199   -2.924  1.00 46.87 ? 1443 ILE X CA  1 
ATOM   328  C C   . ILE A 1 39  ? 9.692   0.480   -4.007  1.00 46.89 ? 1443 ILE X C   1 
ATOM   329  O O   . ILE A 1 39  ? 10.031  0.835   -5.156  1.00 47.68 ? 1443 ILE X O   1 
ATOM   330  C CB  . ILE A 1 39  ? 11.145  1.475   -2.119  1.00 47.12 ? 1443 ILE X CB  1 
ATOM   331  C CG1 . ILE A 1 39  ? 10.078  1.797   -1.056  1.00 47.47 ? 1443 ILE X CG1 1 
ATOM   332  C CG2 . ILE A 1 39  ? 11.371  2.651   -3.074  1.00 47.40 ? 1443 ILE X CG2 1 
ATOM   333  C CD1 . ILE A 1 39  ? 10.542  2.699   0.067   1.00 46.40 ? 1443 ILE X CD1 1 
ATOM   334  N N   . TYR A 1 40  ? 8.424   0.317   -3.646  1.00 45.92 ? 1444 TYR X N   1 
ATOM   335  C CA  . TYR A 1 40  ? 7.329   0.423   -4.604  1.00 45.61 ? 1444 TYR X CA  1 
ATOM   336  C C   . TYR A 1 40  ? 6.638   1.777   -4.510  1.00 46.29 ? 1444 TYR X C   1 
ATOM   337  O O   . TYR A 1 40  ? 6.267   2.257   -3.407  1.00 46.41 ? 1444 TYR X O   1 
ATOM   338  C CB  . TYR A 1 40  ? 6.346   -0.751  -4.435  1.00 44.90 ? 1444 TYR X CB  1 
ATOM   339  C CG  . TYR A 1 40  ? 7.079   -2.030  -4.683  1.00 44.94 ? 1444 TYR X CG  1 
ATOM   340  C CD1 . TYR A 1 40  ? 7.697   -2.721  -3.622  1.00 43.95 ? 1444 TYR X CD1 1 
ATOM   341  C CD2 . TYR A 1 40  ? 7.265   -2.500  -5.980  1.00 42.91 ? 1444 TYR X CD2 1 
ATOM   342  C CE1 . TYR A 1 40  ? 8.427   -3.836  -3.848  1.00 41.97 ? 1444 TYR X CE1 1 
ATOM   343  C CE2 . TYR A 1 40  ? 8.018   -3.646  -6.212  1.00 43.98 ? 1444 TYR X CE2 1 
ATOM   344  C CZ  . TYR A 1 40  ? 8.589   -4.297  -5.136  1.00 43.10 ? 1444 TYR X CZ  1 
ATOM   345  O OH  . TYR A 1 40  ? 9.318   -5.427  -5.342  1.00 44.60 ? 1444 TYR X OH  1 
ATOM   346  N N   . VAL A 1 41  ? 6.500   2.396   -5.671  1.00 46.29 ? 1445 VAL X N   1 
ATOM   347  C CA  . VAL A 1 41  ? 5.872   3.706   -5.795  1.00 46.79 ? 1445 VAL X CA  1 
ATOM   348  C C   . VAL A 1 41  ? 4.428   3.464   -6.078  1.00 47.53 ? 1445 VAL X C   1 
ATOM   349  O O   . VAL A 1 41  ? 4.071   2.914   -7.144  1.00 48.83 ? 1445 VAL X O   1 
ATOM   350  C CB  . VAL A 1 41  ? 6.487   4.521   -6.950  1.00 46.92 ? 1445 VAL X CB  1 
ATOM   351  C CG1 . VAL A 1 41  ? 5.863   5.892   -7.007  1.00 45.46 ? 1445 VAL X CG1 1 
ATOM   352  C CG2 . VAL A 1 41  ? 8.035   4.607   -6.774  1.00 45.00 ? 1445 VAL X CG2 1 
ATOM   353  N N   . VAL A 1 42  ? 3.587   3.861   -5.134  1.00 47.91 ? 1446 VAL X N   1 
ATOM   354  C CA  . VAL A 1 42  ? 2.186   3.532   -5.223  1.00 48.05 ? 1446 VAL X CA  1 
ATOM   355  C C   . VAL A 1 42  ? 1.480   4.784   -5.644  1.00 49.66 ? 1446 VAL X C   1 
ATOM   356  O O   . VAL A 1 42  ? 1.694   5.881   -5.065  1.00 51.03 ? 1446 VAL X O   1 
ATOM   357  C CB  . VAL A 1 42  ? 1.646   3.066   -3.879  1.00 48.61 ? 1446 VAL X CB  1 
ATOM   358  C CG1 . VAL A 1 42  ? 0.199   2.812   -3.986  1.00 46.79 ? 1446 VAL X CG1 1 
ATOM   359  C CG2 . VAL A 1 42  ? 2.433   1.778   -3.332  1.00 46.15 ? 1446 VAL X CG2 1 
ATOM   360  N N   . ARG A 1 43  ? 0.650   4.641   -6.666  1.00 49.71 ? 1447 ARG X N   1 
ATOM   361  C CA  . ARG A 1 43  ? -0.059  5.766   -7.222  1.00 49.44 ? 1447 ARG X CA  1 
ATOM   362  C C   . ARG A 1 43  ? -1.478  5.767   -6.666  1.00 50.12 ? 1447 ARG X C   1 
ATOM   363  O O   . ARG A 1 43  ? -2.198  4.762   -6.828  1.00 50.48 ? 1447 ARG X O   1 
ATOM   364  C CB  . ARG A 1 43  ? -0.073  5.656   -8.730  1.00 48.01 ? 1447 ARG X CB  1 
ATOM   365  C CG  . ARG A 1 43  ? -0.722  6.821   -9.391  1.00 46.79 ? 1447 ARG X CG  1 
ATOM   366  C CD  . ARG A 1 43  ? -1.063  6.489   -10.865 1.00 45.78 ? 1447 ARG X CD  1 
ATOM   367  N NE  . ARG A 1 43  ? -1.672  7.644   -11.512 1.00 45.46 ? 1447 ARG X NE  1 
ATOM   368  C CZ  . ARG A 1 43  ? -2.985  7.816   -11.706 1.00 42.86 ? 1447 ARG X CZ  1 
ATOM   369  N NH1 . ARG A 1 43  ? -3.833  6.888   -11.307 1.00 40.32 ? 1447 ARG X NH1 1 
ATOM   370  N NH2 . ARG A 1 43  ? -3.448  8.921   -12.314 1.00 41.80 ? 1447 ARG X NH2 1 
ATOM   371  N N   . ILE A 1 44  ? -1.862  6.856   -5.992  1.00 49.88 ? 1448 ILE X N   1 
ATOM   372  C CA  . ILE A 1 44  ? -3.210  6.985   -5.435  1.00 51.05 ? 1448 ILE X CA  1 
ATOM   373  C C   . ILE A 1 44  ? -3.936  8.225   -5.973  1.00 51.22 ? 1448 ILE X C   1 
ATOM   374  O O   . ILE A 1 44  ? -3.362  9.335   -6.009  1.00 52.07 ? 1448 ILE X O   1 
ATOM   375  C CB  . ILE A 1 44  ? -3.162  7.116   -3.918  1.00 51.62 ? 1448 ILE X CB  1 
ATOM   376  C CG1 . ILE A 1 44  ? -2.484  5.921   -3.300  1.00 53.51 ? 1448 ILE X CG1 1 
ATOM   377  C CG2 . ILE A 1 44  ? -4.543  7.198   -3.320  1.00 52.99 ? 1448 ILE X CG2 1 
ATOM   378  C CD1 . ILE A 1 44  ? -1.552  6.340   -2.203  1.00 59.59 ? 1448 ILE X CD1 1 
ATOM   379  N N   . LEU A 1 45  ? -5.173  8.023   -6.414  1.00 50.62 ? 1449 LEU X N   1 
ATOM   380  C CA  . LEU A 1 45  ? -6.066  9.093   -6.847  1.00 50.59 ? 1449 LEU X CA  1 
ATOM   381  C C   . LEU A 1 45  ? -7.259  9.040   -5.901  1.00 50.46 ? 1449 LEU X C   1 
ATOM   382  O O   . LEU A 1 45  ? -7.927  8.006   -5.822  1.00 50.40 ? 1449 LEU X O   1 
ATOM   383  C CB  . LEU A 1 45  ? -6.499  8.895   -8.318  1.00 50.20 ? 1449 LEU X CB  1 
ATOM   384  C CG  . LEU A 1 45  ? -7.194  10.081  -8.998  1.00 51.08 ? 1449 LEU X CG  1 
ATOM   385  C CD1 . LEU A 1 45  ? -6.285  11.264  -9.000  1.00 52.04 ? 1449 LEU X CD1 1 
ATOM   386  C CD2 . LEU A 1 45  ? -7.634  9.787   -10.411 1.00 50.59 ? 1449 LEU X CD2 1 
ATOM   387  N N   . ARG A 1 46  ? -7.492  10.116  -5.143  1.00 50.62 ? 1450 ARG X N   1 
ATOM   388  C CA  . ARG A 1 46  ? -8.656  10.184  -4.259  1.00 51.56 ? 1450 ARG X CA  1 
ATOM   389  C C   . ARG A 1 46  ? -9.889  10.714  -4.994  1.00 52.17 ? 1450 ARG X C   1 
ATOM   390  O O   . ARG A 1 46  ? -9.784  11.275  -6.063  1.00 51.83 ? 1450 ARG X O   1 
ATOM   391  C CB  . ARG A 1 46  ? -8.378  11.061  -3.033  1.00 51.70 ? 1450 ARG X CB  1 
ATOM   392  C CG  . ARG A 1 46  ? -7.043  10.849  -2.362  1.00 51.94 ? 1450 ARG X CG  1 
ATOM   393  C CD  . ARG A 1 46  ? -7.145  9.905   -1.219  1.00 50.94 ? 1450 ARG X CD  1 
ATOM   394  N NE  . ARG A 1 46  ? -5.838  9.616   -0.639  1.00 50.04 ? 1450 ARG X NE  1 
ATOM   395  C CZ  . ARG A 1 46  ? -5.645  8.894   0.467   1.00 48.89 ? 1450 ARG X CZ  1 
ATOM   396  N NH1 . ARG A 1 46  ? -6.675  8.381   1.139   1.00 48.58 ? 1450 ARG X NH1 1 
ATOM   397  N NH2 . ARG A 1 46  ? -4.417  8.706   0.915   1.00 49.19 ? 1450 ARG X NH2 1 
ATOM   398  N N   . GLU A 1 47  ? -11.062 10.515  -4.409  1.00 53.83 ? 1451 GLU X N   1 
ATOM   399  C CA  . GLU A 1 47  ? -12.293 11.172  -4.873  1.00 55.04 ? 1451 GLU X CA  1 
ATOM   400  C C   . GLU A 1 47  ? -12.156 12.679  -4.770  1.00 54.47 ? 1451 GLU X C   1 
ATOM   401  O O   . GLU A 1 47  ? -11.666 13.188  -3.768  1.00 54.40 ? 1451 GLU X O   1 
ATOM   402  C CB  . GLU A 1 47  ? -13.468 10.708  -4.020  1.00 55.95 ? 1451 GLU X CB  1 
ATOM   403  C CG  . GLU A 1 47  ? -13.810 9.215   -4.201  1.00 59.83 ? 1451 GLU X CG  1 
ATOM   404  C CD  . GLU A 1 47  ? -14.519 8.895   -5.544  1.00 64.88 ? 1451 GLU X CD  1 
ATOM   405  O OE1 . GLU A 1 47  ? -15.383 9.722   -6.024  1.00 65.81 ? 1451 GLU X OE1 1 
ATOM   406  O OE2 . GLU A 1 47  ? -14.201 7.800   -6.092  1.00 62.56 ? 1451 GLU X OE2 1 
ATOM   407  N N   . GLY A 1 48  ? -12.561 13.395  -5.808  1.00 54.32 ? 1452 GLY X N   1 
ATOM   408  C CA  . GLY A 1 48  ? -12.383 14.839  -5.809  1.00 54.25 ? 1452 GLY X CA  1 
ATOM   409  C C   . GLY A 1 48  ? -10.998 15.334  -6.227  1.00 55.09 ? 1452 GLY X C   1 
ATOM   410  O O   . GLY A 1 48  ? -10.752 16.542  -6.231  1.00 55.99 ? 1452 GLY X O   1 
ATOM   411  N N   . GLN A 1 49  ? -10.089 14.439  -6.594  1.00 54.09 ? 1453 GLN X N   1 
ATOM   412  C CA  . GLN A 1 49  ? -8.790  14.873  -7.012  1.00 54.61 ? 1453 GLN X CA  1 
ATOM   413  C C   . GLN A 1 49  ? -8.586  14.505  -8.486  1.00 54.00 ? 1453 GLN X C   1 
ATOM   414  O O   . GLN A 1 49  ? -9.138  13.510  -8.978  1.00 53.24 ? 1453 GLN X O   1 
ATOM   415  C CB  . GLN A 1 49  ? -7.693  14.232  -6.168  1.00 54.64 ? 1453 GLN X CB  1 
ATOM   416  C CG  . GLN A 1 49  ? -7.414  14.844  -4.764  1.00 55.74 ? 1453 GLN X CG  1 
ATOM   417  C CD  . GLN A 1 49  ? -6.404  13.969  -3.915  1.00 58.09 ? 1453 GLN X CD  1 
ATOM   418  O OE1 . GLN A 1 49  ? -5.635  13.082  -4.445  1.00 59.86 ? 1453 GLN X OE1 1 
ATOM   419  N NE2 . GLN A 1 49  ? -6.431  14.193  -2.588  1.00 61.03 ? 1453 GLN X NE2 1 
ATOM   420  N N   . ILE A 1 50  ? -7.822  15.335  -9.199  1.00 53.37 ? 1454 ILE X N   1 
ATOM   421  C CA  . ILE A 1 50  ? -7.433  14.978  -10.547 1.00 53.13 ? 1454 ILE X CA  1 
ATOM   422  C C   . ILE A 1 50  ? -5.937  14.613  -10.656 1.00 52.54 ? 1454 ILE X C   1 
ATOM   423  O O   . ILE A 1 50  ? -5.574  13.773  -11.475 1.00 52.16 ? 1454 ILE X O   1 
ATOM   424  C CB  . ILE A 1 50  ? -7.924  16.021  -11.576 1.00 53.22 ? 1454 ILE X CB  1 
ATOM   425  C CG1 . ILE A 1 50  ? -8.101  15.366  -12.955 1.00 53.77 ? 1454 ILE X CG1 1 
ATOM   426  C CG2 . ILE A 1 50  ? -7.073  17.378  -11.570 1.00 52.61 ? 1454 ILE X CG2 1 
ATOM   427  C CD1 . ILE A 1 50  ? -8.844  16.308  -13.989 1.00 54.35 ? 1454 ILE X CD1 1 
ATOM   428  N N   . GLU A 1 51  ? -5.113  15.202  -9.787  1.00 52.24 ? 1455 GLU X N   1 
ATOM   429  C CA  . GLU A 1 51  ? -3.681  14.930  -9.699  1.00 53.29 ? 1455 GLU X CA  1 
ATOM   430  C C   . GLU A 1 51  ? -3.449  13.797  -8.743  1.00 52.50 ? 1455 GLU X C   1 
ATOM   431  O O   . GLU A 1 51  ? -3.872  13.877  -7.602  1.00 53.33 ? 1455 GLU X O   1 
ATOM   432  C CB  . GLU A 1 51  ? -2.885  16.153  -9.205  1.00 53.01 ? 1455 GLU X CB  1 
ATOM   433  C CG  . GLU A 1 51  ? -2.173  16.958  -10.319 1.00 58.50 ? 1455 GLU X CG  1 
ATOM   434  C CD  . GLU A 1 51  ? -0.775  16.440  -10.697 1.00 60.80 ? 1455 GLU X CD  1 
ATOM   435  O OE1 . GLU A 1 51  ? -0.406  15.310  -10.406 1.00 64.80 ? 1455 GLU X OE1 1 
ATOM   436  O OE2 . GLU A 1 51  ? -0.009  17.181  -11.320 1.00 66.88 ? 1455 GLU X OE2 1 
ATOM   437  N N   . PRO A 1 52  ? -2.753  12.745  -9.182  1.00 51.72 ? 1456 PRO X N   1 
ATOM   438  C CA  . PRO A 1 52  ? -2.532  11.676  -8.230  1.00 51.75 ? 1456 PRO X CA  1 
ATOM   439  C C   . PRO A 1 52  ? -1.430  12.032  -7.246  1.00 51.65 ? 1456 PRO X C   1 
ATOM   440  O O   . PRO A 1 52  ? -0.678  12.990  -7.435  1.00 51.64 ? 1456 PRO X O   1 
ATOM   441  C CB  . PRO A 1 52  ? -2.086  10.496  -9.123  1.00 51.06 ? 1456 PRO X CB  1 
ATOM   442  C CG  . PRO A 1 52  ? -1.436  11.117  -10.232 1.00 50.69 ? 1456 PRO X CG  1 
ATOM   443  C CD  . PRO A 1 52  ? -2.137  12.447  -10.478 1.00 51.24 ? 1456 PRO X CD  1 
ATOM   444  N N   . SER A 1 53  ? -1.328  11.227  -6.213  1.00 51.71 ? 1457 SER X N   1 
ATOM   445  C CA  . SER A 1 53  ? -0.227  11.356  -5.296  1.00 52.23 ? 1457 SER X CA  1 
ATOM   446  C C   . SER A 1 53  ? 0.429   9.990   -5.184  1.00 51.49 ? 1457 SER X C   1 
ATOM   447  O O   . SER A 1 53  ? -0.079  8.980   -5.706  1.00 51.83 ? 1457 SER X O   1 
ATOM   448  C CB  . SER A 1 53  ? -0.709  11.890  -3.942  1.00 52.59 ? 1457 SER X CB  1 
ATOM   449  O OG  . SER A 1 53  ? -1.395  10.873  -3.257  1.00 55.25 ? 1457 SER X OG  1 
ATOM   450  N N   . PHE A 1 54  ? 1.578   9.975   -4.541  1.00 50.46 ? 1458 PHE X N   1 
ATOM   451  C CA  . PHE A 1 54  ? 2.476   8.855   -4.637  1.00 50.10 ? 1458 PHE X CA  1 
ATOM   452  C C   . PHE A 1 54  ? 3.064   8.603   -3.293  1.00 50.10 ? 1458 PHE X C   1 
ATOM   453  O O   . PHE A 1 54  ? 3.539   9.518   -2.647  1.00 51.34 ? 1458 PHE X O   1 
ATOM   454  C CB  . PHE A 1 54  ? 3.593   9.177   -5.614  1.00 49.43 ? 1458 PHE X CB  1 
ATOM   455  C CG  . PHE A 1 54  ? 3.121   9.267   -7.046  1.00 49.37 ? 1458 PHE X CG  1 
ATOM   456  C CD1 . PHE A 1 54  ? 2.803   10.500  -7.604  1.00 44.51 ? 1458 PHE X CD1 1 
ATOM   457  C CD2 . PHE A 1 54  ? 2.978   8.100   -7.832  1.00 48.18 ? 1458 PHE X CD2 1 
ATOM   458  C CE1 . PHE A 1 54  ? 2.359   10.596  -8.923  1.00 44.70 ? 1458 PHE X CE1 1 
ATOM   459  C CE2 . PHE A 1 54  ? 2.528   8.184   -9.155  1.00 46.08 ? 1458 PHE X CE2 1 
ATOM   460  C CZ  . PHE A 1 54  ? 2.208   9.439   -9.689  1.00 47.81 ? 1458 PHE X CZ  1 
ATOM   461  N N   . VAL A 1 55  ? 3.007   7.371   -2.834  1.00 49.59 ? 1459 VAL X N   1 
ATOM   462  C CA  . VAL A 1 55  ? 3.691   7.047   -1.598  1.00 48.40 ? 1459 VAL X CA  1 
ATOM   463  C C   . VAL A 1 55  ? 4.639   5.884   -1.872  1.00 49.30 ? 1459 VAL X C   1 
ATOM   464  O O   . VAL A 1 55  ? 4.509   5.199   -2.922  1.00 49.51 ? 1459 VAL X O   1 
ATOM   465  C CB  . VAL A 1 55  ? 2.717   6.669   -0.486  1.00 47.78 ? 1459 VAL X CB  1 
ATOM   466  C CG1 . VAL A 1 55  ? 1.819   7.845   -0.141  1.00 45.15 ? 1459 VAL X CG1 1 
ATOM   467  C CG2 . VAL A 1 55  ? 1.935   5.364   -0.844  1.00 46.82 ? 1459 VAL X CG2 1 
ATOM   468  N N   . PHE A 1 56  ? 5.537   5.645   -0.909  1.00 49.39 ? 1460 PHE X N   1 
ATOM   469  C CA  . PHE A 1 56  ? 6.649   4.696   -1.037  1.00 49.83 ? 1460 PHE X CA  1 
ATOM   470  C C   . PHE A 1 56  ? 6.561   3.597   -0.006  1.00 49.28 ? 1460 PHE X C   1 
ATOM   471  O O   . PHE A 1 56  ? 6.529   3.876   1.194   1.00 49.48 ? 1460 PHE X O   1 
ATOM   472  C CB  . PHE A 1 56  ? 7.990   5.438   -0.917  1.00 50.39 ? 1460 PHE X CB  1 
ATOM   473  C CG  . PHE A 1 56  ? 8.168   6.501   -1.965  1.00 52.06 ? 1460 PHE X CG  1 
ATOM   474  C CD1 . PHE A 1 56  ? 7.976   7.839   -1.654  1.00 53.27 ? 1460 PHE X CD1 1 
ATOM   475  C CD2 . PHE A 1 56  ? 8.500   6.153   -3.278  1.00 53.39 ? 1460 PHE X CD2 1 
ATOM   476  C CE1 . PHE A 1 56  ? 8.125   8.836   -2.638  1.00 54.80 ? 1460 PHE X CE1 1 
ATOM   477  C CE2 . PHE A 1 56  ? 8.648   7.135   -4.267  1.00 56.03 ? 1460 PHE X CE2 1 
ATOM   478  C CZ  . PHE A 1 56  ? 8.459   8.485   -3.940  1.00 54.31 ? 1460 PHE X CZ  1 
ATOM   479  N N   . ARG A 1 57  ? 6.524   2.351   -0.482  1.00 48.93 ? 1461 ARG X N   1 
ATOM   480  C CA  . ARG A 1 57  ? 6.263   1.200   0.370   1.00 48.74 ? 1461 ARG X CA  1 
ATOM   481  C C   . ARG A 1 57  ? 7.094   -0.033  -0.047  1.00 49.97 ? 1461 ARG X C   1 
ATOM   482  O O   . ARG A 1 57  ? 7.102   -0.433  -1.214  1.00 50.55 ? 1461 ARG X O   1 
ATOM   483  C CB  . ARG A 1 57  ? 4.758   0.867   0.378   1.00 48.18 ? 1461 ARG X CB  1 
ATOM   484  C CG  . ARG A 1 57  ? 3.806   1.962   0.866   1.00 45.59 ? 1461 ARG X CG  1 
ATOM   485  C CD  . ARG A 1 57  ? 3.941   2.264   2.349   1.00 45.31 ? 1461 ARG X CD  1 
ATOM   486  N NE  . ARG A 1 57  ? 3.045   3.336   2.745   1.00 47.00 ? 1461 ARG X NE  1 
ATOM   487  C CZ  . ARG A 1 57  ? 3.355   4.639   2.733   1.00 48.58 ? 1461 ARG X CZ  1 
ATOM   488  N NH1 . ARG A 1 57  ? 4.579   5.058   2.402   1.00 45.32 ? 1461 ARG X NH1 1 
ATOM   489  N NH2 . ARG A 1 57  ? 2.432   5.529   3.083   1.00 45.47 ? 1461 ARG X NH2 1 
ATOM   490  N N   . THR A 1 58  ? 7.790   -0.641  0.909   1.00 50.54 ? 1462 THR X N   1 
ATOM   491  C CA  . THR A 1 58  ? 8.610   -1.805  0.595   1.00 51.49 ? 1462 THR X CA  1 
ATOM   492  C C   . THR A 1 58  ? 7.742   -3.048  0.612   1.00 52.14 ? 1462 THR X C   1 
ATOM   493  O O   . THR A 1 58  ? 6.590   -3.021  1.092   1.00 53.00 ? 1462 THR X O   1 
ATOM   494  C CB  . THR A 1 58  ? 9.731   -2.029  1.586   1.00 51.02 ? 1462 THR X CB  1 
ATOM   495  O OG1 . THR A 1 58  ? 9.181   -2.595  2.774   1.00 51.65 ? 1462 THR X OG1 1 
ATOM   496  C CG2 . THR A 1 58  ? 10.446  -0.747  1.921   1.00 50.80 ? 1462 THR X CG2 1 
ATOM   497  N N   . PHE A 1 59  ? 8.289   -4.137  0.096   1.00 51.85 ? 1463 PHE X N   1 
ATOM   498  C CA  . PHE A 1 59  ? 7.534   -5.348  0.029   1.00 52.34 ? 1463 PHE X CA  1 
ATOM   499  C C   . PHE A 1 59  ? 7.173   -5.803  1.445   1.00 53.22 ? 1463 PHE X C   1 
ATOM   500  O O   . PHE A 1 59  ? 6.058   -6.259  1.703   1.00 53.14 ? 1463 PHE X O   1 
ATOM   501  C CB  . PHE A 1 59  ? 8.309   -6.434  -0.702  1.00 51.40 ? 1463 PHE X CB  1 
ATOM   502  C CG  . PHE A 1 59  ? 7.576   -7.729  -0.763  1.00 51.50 ? 1463 PHE X CG  1 
ATOM   503  C CD1 . PHE A 1 59  ? 6.641   -7.963  -1.766  1.00 49.14 ? 1463 PHE X CD1 1 
ATOM   504  C CD2 . PHE A 1 59  ? 7.791   -8.713  0.206   1.00 51.55 ? 1463 PHE X CD2 1 
ATOM   505  C CE1 . PHE A 1 59  ? 5.957   -9.151  -1.825  1.00 47.23 ? 1463 PHE X CE1 1 
ATOM   506  C CE2 . PHE A 1 59  ? 7.111   -9.924  0.156   1.00 50.93 ? 1463 PHE X CE2 1 
ATOM   507  C CZ  . PHE A 1 59  ? 6.189   -10.141 -0.862  1.00 51.12 ? 1463 PHE X CZ  1 
ATOM   508  N N   . ASP A 1 60  ? 8.132   -5.671  2.355   1.00 54.55 ? 1464 ASP X N   1 
ATOM   509  C CA  . ASP A 1 60  ? 7.939   -6.083  3.741   1.00 55.41 ? 1464 ASP X CA  1 
ATOM   510  C C   . ASP A 1 60  ? 6.855   -5.191  4.374   1.00 55.68 ? 1464 ASP X C   1 
ATOM   511  O O   . ASP A 1 60  ? 6.219   -5.578  5.364   1.00 56.18 ? 1464 ASP X O   1 
ATOM   512  C CB  . ASP A 1 60  ? 9.281   -6.118  4.528   1.00 55.23 ? 1464 ASP X CB  1 
ATOM   513  C CG  . ASP A 1 60  ? 10.223  -7.287  4.081   1.00 57.21 ? 1464 ASP X CG  1 
ATOM   514  O OD1 . ASP A 1 60  ? 9.714   -8.372  3.723   1.00 59.93 ? 1464 ASP X OD1 1 
ATOM   515  O OD2 . ASP A 1 60  ? 11.480  -7.150  4.108   1.00 56.93 ? 1464 ASP X OD2 1 
ATOM   516  N N   . GLU A 1 61  ? 6.593   -4.033  3.765   1.00 55.72 ? 1465 GLU X N   1 
ATOM   517  C CA  . GLU A 1 61  ? 5.521   -3.159  4.257   1.00 56.28 ? 1465 GLU X CA  1 
ATOM   518  C C   . GLU A 1 61  ? 4.159   -3.536  3.701   1.00 56.33 ? 1465 GLU X C   1 
ATOM   519  O O   . GLU A 1 61  ? 3.155   -3.381  4.384   1.00 56.99 ? 1465 GLU X O   1 
ATOM   520  C CB  . GLU A 1 61  ? 5.829   -1.678  4.024   1.00 56.29 ? 1465 GLU X CB  1 
ATOM   521  C CG  . GLU A 1 61  ? 6.932   -1.180  4.966   1.00 57.55 ? 1465 GLU X CG  1 
ATOM   522  C CD  . GLU A 1 61  ? 7.477   0.201   4.625   1.00 57.41 ? 1465 GLU X CD  1 
ATOM   523  O OE1 . GLU A 1 61  ? 7.338   0.663   3.478   1.00 58.92 ? 1465 GLU X OE1 1 
ATOM   524  O OE2 . GLU A 1 61  ? 8.062   0.823   5.532   1.00 59.68 ? 1465 GLU X OE2 1 
ATOM   525  N N   . PHE A 1 62  ? 4.109   -4.020  2.467   1.00 56.05 ? 1466 PHE X N   1 
ATOM   526  C CA  . PHE A 1 62  ? 2.883   -4.583  1.971   1.00 56.16 ? 1466 PHE X CA  1 
ATOM   527  C C   . PHE A 1 62  ? 2.550   -5.828  2.776   1.00 57.36 ? 1466 PHE X C   1 
ATOM   528  O O   . PHE A 1 62  ? 1.390   -6.047  3.145   1.00 57.88 ? 1466 PHE X O   1 
ATOM   529  C CB  . PHE A 1 62  ? 3.014   -4.961  0.501   1.00 56.03 ? 1466 PHE X CB  1 
ATOM   530  C CG  . PHE A 1 62  ? 2.817   -3.808  -0.446  1.00 55.93 ? 1466 PHE X CG  1 
ATOM   531  C CD1 . PHE A 1 62  ? 3.874   -2.938  -0.745  1.00 52.47 ? 1466 PHE X CD1 1 
ATOM   532  C CD2 . PHE A 1 62  ? 1.576   -3.580  -1.032  1.00 54.89 ? 1466 PHE X CD2 1 
ATOM   533  C CE1 . PHE A 1 62  ? 3.703   -1.888  -1.598  1.00 50.79 ? 1466 PHE X CE1 1 
ATOM   534  C CE2 . PHE A 1 62  ? 1.400   -2.490  -1.912  1.00 53.91 ? 1466 PHE X CE2 1 
ATOM   535  C CZ  . PHE A 1 62  ? 2.466   -1.661  -2.187  1.00 52.31 ? 1466 PHE X CZ  1 
ATOM   536  N N   . GLN A 1 63  ? 3.568   -6.646  3.061   1.00 57.50 ? 1467 GLN X N   1 
ATOM   537  C CA  . GLN A 1 63  ? 3.313   -7.897  3.721   1.00 57.53 ? 1467 GLN X CA  1 
ATOM   538  C C   . GLN A 1 63  ? 2.712   -7.659  5.098   1.00 57.47 ? 1467 GLN X C   1 
ATOM   539  O O   . GLN A 1 63  ? 1.724   -8.310  5.438   1.00 58.76 ? 1467 GLN X O   1 
ATOM   540  C CB  . GLN A 1 63  ? 4.548   -8.826  3.752   1.00 57.76 ? 1467 GLN X CB  1 
ATOM   541  C CG  . GLN A 1 63  ? 4.219   -10.235 4.258   1.00 58.56 ? 1467 GLN X CG  1 
ATOM   542  C CD  . GLN A 1 63  ? 5.037   -11.323 3.593   1.00 62.75 ? 1467 GLN X CD  1 
ATOM   543  O OE1 . GLN A 1 63  ? 6.280   -11.334 3.669   1.00 66.16 ? 1467 GLN X OE1 1 
ATOM   544  N NE2 . GLN A 1 63  ? 4.346   -12.279 2.966   1.00 62.58 ? 1467 GLN X NE2 1 
ATOM   545  N N   . GLU A 1 64  ? 3.285   -6.735  5.874   1.00 56.84 ? 1468 GLU X N   1 
ATOM   546  C CA  . GLU A 1 64  ? 2.784   -6.415  7.217   1.00 56.12 ? 1468 GLU X CA  1 
ATOM   547  C C   . GLU A 1 64  ? 1.313   -6.025  7.188   1.00 56.06 ? 1468 GLU X C   1 
ATOM   548  O O   . GLU A 1 64  ? 0.530   -6.407  8.078   1.00 55.90 ? 1468 GLU X O   1 
ATOM   549  C CB  . GLU A 1 64  ? 3.584   -5.279  7.852   1.00 56.10 ? 1468 GLU X CB  1 
ATOM   550  C CG  . GLU A 1 64  ? 2.927   -4.735  9.125   1.00 56.22 ? 1468 GLU X CG  1 
ATOM   551  C CD  . GLU A 1 64  ? 3.783   -3.742  9.896   1.00 56.86 ? 1468 GLU X CD  1 
ATOM   552  O OE1 . GLU A 1 64  ? 4.824   -3.260  9.378   1.00 59.10 ? 1468 GLU X OE1 1 
ATOM   553  O OE2 . GLU A 1 64  ? 3.391   -3.430  11.036  1.00 58.02 ? 1468 GLU X OE2 1 
ATOM   554  N N   . LEU A 1 65  ? 0.937   -5.270  6.164   1.00 55.38 ? 1469 LEU X N   1 
ATOM   555  C CA  . LEU A 1 65  ? -0.440  -4.865  6.058   1.00 55.45 ? 1469 LEU X CA  1 
ATOM   556  C C   . LEU A 1 65  ? -1.292  -6.113  5.936   1.00 55.80 ? 1469 LEU X C   1 
ATOM   557  O O   . LEU A 1 65  ? -2.356  -6.226  6.563   1.00 56.69 ? 1469 LEU X O   1 
ATOM   558  C CB  . LEU A 1 65  ? -0.671  -3.934  4.866   1.00 55.23 ? 1469 LEU X CB  1 
ATOM   559  C CG  . LEU A 1 65  ? -2.139  -3.710  4.506   1.00 54.27 ? 1469 LEU X CG  1 
ATOM   560  C CD1 . LEU A 1 65  ? -2.767  -2.862  5.557   1.00 52.70 ? 1469 LEU X CD1 1 
ATOM   561  C CD2 . LEU A 1 65  ? -2.316  -3.085  3.114   1.00 54.50 ? 1469 LEU X CD2 1 
ATOM   562  N N   . HIS A 1 66  ? -0.838  -7.057  5.132   1.00 55.42 ? 1470 HIS X N   1 
ATOM   563  C CA  . HIS A 1 66  ? -1.702  -8.179  4.835   1.00 55.45 ? 1470 HIS X CA  1 
ATOM   564  C C   . HIS A 1 66  ? -1.758  -9.054  6.060   1.00 55.81 ? 1470 HIS X C   1 
ATOM   565  O O   . HIS A 1 66  ? -2.816  -9.499  6.453   1.00 57.31 ? 1470 HIS X O   1 
ATOM   566  C CB  . HIS A 1 66  ? -1.227  -8.954  3.622   1.00 54.63 ? 1470 HIS X CB  1 
ATOM   567  C CG  . HIS A 1 66  ? -1.975  -10.223 3.396   1.00 53.77 ? 1470 HIS X CG  1 
ATOM   568  N ND1 . HIS A 1 66  ? -3.220  -10.253 2.795   1.00 48.57 ? 1470 HIS X ND1 1 
ATOM   569  C CD2 . HIS A 1 66  ? -1.658  -11.513 3.699   1.00 49.62 ? 1470 HIS X CD2 1 
ATOM   570  C CE1 . HIS A 1 66  ? -3.620  -11.514 2.717   1.00 49.57 ? 1470 HIS X CE1 1 
ATOM   571  N NE2 . HIS A 1 66  ? -2.699  -12.294 3.267   1.00 46.40 ? 1470 HIS X NE2 1 
ATOM   572  N N   . ASN A 1 67  ? -0.623  -9.279  6.691   1.00 55.56 ? 1471 ASN X N   1 
ATOM   573  C CA  . ASN A 1 67  ? -0.624  -10.004 7.954   1.00 54.76 ? 1471 ASN X CA  1 
ATOM   574  C C   . ASN A 1 67  ? -1.523  -9.361  9.033   1.00 53.88 ? 1471 ASN X C   1 
ATOM   575  O O   . ASN A 1 67  ? -2.179  -10.085 9.775   1.00 54.16 ? 1471 ASN X O   1 
ATOM   576  C CB  . ASN A 1 67  ? 0.806   -10.181 8.456   1.00 54.89 ? 1471 ASN X CB  1 
ATOM   577  C CG  . ASN A 1 67  ? 1.636   -11.165 7.595   1.00 56.97 ? 1471 ASN X CG  1 
ATOM   578  O OD1 . ASN A 1 67  ? 1.097   -11.965 6.809   1.00 56.50 ? 1471 ASN X OD1 1 
ATOM   579  N ND2 . ASN A 1 67  ? 2.970   -11.128 7.786   1.00 59.10 ? 1471 ASN X ND2 1 
ATOM   580  N N   . LYS A 1 68  ? -1.569  -8.022  9.116   1.00 52.55 ? 1472 LYS X N   1 
ATOM   581  C CA  . LYS A 1 68  ? -2.352  -7.347  10.162  1.00 51.26 ? 1472 LYS X CA  1 
ATOM   582  C C   . LYS A 1 68  ? -3.839  -7.466  9.835   1.00 50.54 ? 1472 LYS X C   1 
ATOM   583  O O   . LYS A 1 68  ? -4.675  -7.625  10.723  1.00 50.87 ? 1472 LYS X O   1 
ATOM   584  C CB  . LYS A 1 68  ? -1.952  -5.857  10.351  1.00 52.23 ? 1472 LYS X CB  1 
ATOM   585  C CG  . LYS A 1 68  ? -0.625  -5.483  11.121  1.00 51.88 ? 1472 LYS X CG  1 
ATOM   586  C CD  . LYS A 1 68  ? -0.743  -5.540  12.668  1.00 53.76 ? 1472 LYS X CD  1 
ATOM   587  C CE  . LYS A 1 68  ? -0.253  -4.260  13.458  1.00 53.88 ? 1472 LYS X CE  1 
ATOM   588  N NZ  . LYS A 1 68  ? 1.110   -3.686  13.190  1.00 49.38 ? 1472 LYS X NZ  1 
ATOM   589  N N   . LEU A 1 69  ? -4.176  -7.404  8.551   1.00 50.09 ? 1473 LEU X N   1 
ATOM   590  C CA  . LEU A 1 69  ? -5.570  -7.554  8.117   1.00 48.92 ? 1473 LEU X CA  1 
ATOM   591  C C   . LEU A 1 69  ? -6.078  -8.949  8.421   1.00 48.17 ? 1473 LEU X C   1 
ATOM   592  O O   . LEU A 1 69  ? -7.241  -9.162  8.725   1.00 48.33 ? 1473 LEU X O   1 
ATOM   593  C CB  . LEU A 1 69  ? -5.668  -7.324  6.629   1.00 48.86 ? 1473 LEU X CB  1 
ATOM   594  C CG  . LEU A 1 69  ? -5.692  -5.890  6.129   1.00 48.35 ? 1473 LEU X CG  1 
ATOM   595  C CD1 . LEU A 1 69  ? -5.670  -5.910  4.610   1.00 43.19 ? 1473 LEU X CD1 1 
ATOM   596  C CD2 . LEU A 1 69  ? -6.944  -5.186  6.643   1.00 49.30 ? 1473 LEU X CD2 1 
ATOM   597  N N   . SER A 1 70  ? -5.165  -9.899  8.367   1.00 47.80 ? 1474 SER X N   1 
ATOM   598  C CA  . SER A 1 70  ? -5.503  -11.292 8.475   1.00 47.38 ? 1474 SER X CA  1 
ATOM   599  C C   . SER A 1 70  ? -5.718  -11.708 9.944   1.00 46.93 ? 1474 SER X C   1 
ATOM   600  O O   . SER A 1 70  ? -6.402  -12.694 10.209  1.00 47.52 ? 1474 SER X O   1 
ATOM   601  C CB  . SER A 1 70  ? -4.451  -12.103 7.734   1.00 46.43 ? 1474 SER X CB  1 
ATOM   602  O OG  . SER A 1 70  ? -3.609  -12.786 8.627   1.00 49.33 ? 1474 SER X OG  1 
ATOM   603  N N   . ILE A 1 71  ? -5.164  -10.936 10.884  1.00 46.27 ? 1475 ILE X N   1 
ATOM   604  C CA  . ILE A 1 71  ? -5.586  -10.991 12.286  1.00 45.50 ? 1475 ILE X CA  1 
ATOM   605  C C   . ILE A 1 71  ? -7.062  -10.573 12.448  1.00 45.95 ? 1475 ILE X C   1 
ATOM   606  O O   . ILE A 1 71  ? -7.788  -11.175 13.222  1.00 46.36 ? 1475 ILE X O   1 
ATOM   607  C CB  . ILE A 1 71  ? -4.644  -10.121 13.219  1.00 45.73 ? 1475 ILE X CB  1 
ATOM   608  C CG1 . ILE A 1 71  ? -3.248  -10.755 13.336  1.00 44.62 ? 1475 ILE X CG1 1 
ATOM   609  C CG2 . ILE A 1 71  ? -5.249  -9.912  14.629  1.00 43.30 ? 1475 ILE X CG2 1 
ATOM   610  C CD1 . ILE A 1 71  ? -2.165  -9.789  13.758  1.00 44.76 ? 1475 ILE X CD1 1 
ATOM   611  N N   . ILE A 1 72  ? -7.505  -9.539  11.733  1.00 46.06 ? 1476 ILE X N   1 
ATOM   612  C CA  . ILE A 1 72  ? -8.829  -8.972  11.970  1.00 45.82 ? 1476 ILE X CA  1 
ATOM   613  C C   . ILE A 1 72  ? -9.874  -9.689  11.155  1.00 45.35 ? 1476 ILE X C   1 
ATOM   614  O O   . ILE A 1 72  ? -11.022 -9.769  11.560  1.00 45.21 ? 1476 ILE X O   1 
ATOM   615  C CB  . ILE A 1 72  ? -8.910  -7.504  11.501  1.00 46.59 ? 1476 ILE X CB  1 
ATOM   616  C CG1 . ILE A 1 72  ? -7.948  -6.614  12.245  1.00 47.65 ? 1476 ILE X CG1 1 
ATOM   617  C CG2 . ILE A 1 72  ? -10.329 -6.931  11.665  1.00 46.64 ? 1476 ILE X CG2 1 
ATOM   618  C CD1 . ILE A 1 72  ? -7.996  -5.197  11.671  1.00 48.62 ? 1476 ILE X CD1 1 
ATOM   619  N N   . PHE A 1 73  ? -9.492  -10.151 9.967   1.00 44.47 ? 1477 PHE X N   1 
ATOM   620  C CA  . PHE A 1 73  ? -10.484 -10.623 9.010   1.00 43.09 ? 1477 PHE X CA  1 
ATOM   621  C C   . PHE A 1 73  ? -10.285 -12.060 8.670   1.00 42.66 ? 1477 PHE X C   1 
ATOM   622  O O   . PHE A 1 73  ? -9.168  -12.498 8.540   1.00 42.50 ? 1477 PHE X O   1 
ATOM   623  C CB  . PHE A 1 73  ? -10.400 -9.807  7.740   1.00 42.38 ? 1477 PHE X CB  1 
ATOM   624  C CG  . PHE A 1 73  ? -10.888 -8.406  7.907   1.00 42.96 ? 1477 PHE X CG  1 
ATOM   625  C CD1 . PHE A 1 73  ? -10.021 -7.338  7.779   1.00 40.18 ? 1477 PHE X CD1 1 
ATOM   626  C CD2 . PHE A 1 73  ? -12.224 -8.160  8.215   1.00 41.28 ? 1477 PHE X CD2 1 
ATOM   627  C CE1 . PHE A 1 73  ? -10.483 -6.057  7.936   1.00 41.10 ? 1477 PHE X CE1 1 
ATOM   628  C CE2 . PHE A 1 73  ? -12.686 -6.864  8.382   1.00 38.85 ? 1477 PHE X CE2 1 
ATOM   629  C CZ  . PHE A 1 73  ? -11.823 -5.817  8.260   1.00 38.64 ? 1477 PHE X CZ  1 
ATOM   630  N N   . PRO A 1 74  ? -11.374 -12.807 8.486   1.00 43.30 ? 1478 PRO X N   1 
ATOM   631  C CA  . PRO A 1 74  ? -11.141 -14.185 8.020   1.00 43.46 ? 1478 PRO X CA  1 
ATOM   632  C C   . PRO A 1 74  ? -10.431 -14.109 6.667   1.00 44.26 ? 1478 PRO X C   1 
ATOM   633  O O   . PRO A 1 74  ? -10.692 -13.180 5.890   1.00 44.64 ? 1478 PRO X O   1 
ATOM   634  C CB  . PRO A 1 74  ? -12.548 -14.727 7.801   1.00 43.38 ? 1478 PRO X CB  1 
ATOM   635  C CG  . PRO A 1 74  ? -13.472 -13.753 8.469   1.00 43.23 ? 1478 PRO X CG  1 
ATOM   636  C CD  . PRO A 1 74  ? -12.801 -12.453 8.585   1.00 42.29 ? 1478 PRO X CD  1 
ATOM   637  N N   . LEU A 1 75  ? -9.567  -15.070 6.377   1.00 44.85 ? 1479 LEU X N   1 
ATOM   638  C CA  . LEU A 1 75  ? -8.779  -15.074 5.134   1.00 45.33 ? 1479 LEU X CA  1 
ATOM   639  C C   . LEU A 1 75  ? -9.567  -14.985 3.838   1.00 45.31 ? 1479 LEU X C   1 
ATOM   640  O O   . LEU A 1 75  ? -9.073  -14.428 2.854   1.00 46.09 ? 1479 LEU X O   1 
ATOM   641  C CB  . LEU A 1 75  ? -7.958  -16.349 5.048   1.00 45.69 ? 1479 LEU X CB  1 
ATOM   642  C CG  . LEU A 1 75  ? -6.545  -16.320 5.602   1.00 47.35 ? 1479 LEU X CG  1 
ATOM   643  C CD1 . LEU A 1 75  ? -5.880  -17.678 5.296   1.00 46.42 ? 1479 LEU X CD1 1 
ATOM   644  C CD2 . LEU A 1 75  ? -5.765  -15.142 5.033   1.00 48.14 ? 1479 LEU X CD2 1 
ATOM   645  N N   . TRP A 1 76  ? -10.764 -15.561 3.813   1.00 44.39 ? 1480 TRP X N   1 
ATOM   646  C CA  . TRP A 1 76  ? -11.530 -15.549 2.594   1.00 44.81 ? 1480 TRP X CA  1 
ATOM   647  C C   . TRP A 1 76  ? -12.023 -14.142 2.213   1.00 45.60 ? 1480 TRP X C   1 
ATOM   648  O O   . TRP A 1 76  ? -12.490 -13.933 1.093   1.00 45.81 ? 1480 TRP X O   1 
ATOM   649  C CB  . TRP A 1 76  ? -12.681 -16.545 2.671   1.00 45.00 ? 1480 TRP X CB  1 
ATOM   650  C CG  . TRP A 1 76  ? -13.546 -16.454 3.909   1.00 45.82 ? 1480 TRP X CG  1 
ATOM   651  C CD1 . TRP A 1 76  ? -13.460 -17.232 5.046   1.00 46.30 ? 1480 TRP X CD1 1 
ATOM   652  C CD2 . TRP A 1 76  ? -14.656 -15.563 4.117   1.00 44.68 ? 1480 TRP X CD2 1 
ATOM   653  N NE1 . TRP A 1 76  ? -14.452 -16.857 5.939   1.00 45.79 ? 1480 TRP X NE1 1 
ATOM   654  C CE2 . TRP A 1 76  ? -15.186 -15.839 5.390   1.00 43.93 ? 1480 TRP X CE2 1 
ATOM   655  C CE3 . TRP A 1 76  ? -15.263 -14.573 3.337   1.00 45.68 ? 1480 TRP X CE3 1 
ATOM   656  C CZ2 . TRP A 1 76  ? -16.280 -15.147 5.901   1.00 45.48 ? 1480 TRP X CZ2 1 
ATOM   657  C CZ3 . TRP A 1 76  ? -16.377 -13.897 3.853   1.00 45.24 ? 1480 TRP X CZ3 1 
ATOM   658  C CH2 . TRP A 1 76  ? -16.851 -14.177 5.117   1.00 44.09 ? 1480 TRP X CH2 1 
ATOM   659  N N   . LYS A 1 77  ? -11.912 -13.182 3.133   1.00 45.97 ? 1481 LYS X N   1 
ATOM   660  C CA  . LYS A 1 77  ? -12.295 -11.810 2.864   1.00 46.43 ? 1481 LYS X CA  1 
ATOM   661  C C   . LYS A 1 77  ? -11.144 -11.042 2.245   1.00 47.49 ? 1481 LYS X C   1 
ATOM   662  O O   . LYS A 1 77  ? -11.325 -9.871  1.885   1.00 47.29 ? 1481 LYS X O   1 
ATOM   663  C CB  . LYS A 1 77  ? -12.709 -11.089 4.126   1.00 46.07 ? 1481 LYS X CB  1 
ATOM   664  C CG  . LYS A 1 77  ? -14.094 -11.409 4.618   1.00 46.74 ? 1481 LYS X CG  1 
ATOM   665  C CD  . LYS A 1 77  ? -14.519 -10.321 5.596   1.00 48.17 ? 1481 LYS X CD  1 
ATOM   666  C CE  . LYS A 1 77  ? -15.798 -10.623 6.360   1.00 49.35 ? 1481 LYS X CE  1 
ATOM   667  N NZ  . LYS A 1 77  ? -16.650 -9.366  6.315   1.00 51.05 ? 1481 LYS X NZ  1 
ATOM   668  N N   . LEU A 1 78  ? -9.968  -11.691 2.145   1.00 47.72 ? 1482 LEU X N   1 
ATOM   669  C CA  . LEU A 1 78  ? -8.743  -11.017 1.679   1.00 47.68 ? 1482 LEU X CA  1 
ATOM   670  C C   . LEU A 1 78  ? -8.225  -11.595 0.371   1.00 47.72 ? 1482 LEU X C   1 
ATOM   671  O O   . LEU A 1 78  ? -8.323  -12.781 0.141   1.00 48.38 ? 1482 LEU X O   1 
ATOM   672  C CB  . LEU A 1 78  ? -7.640  -11.084 2.760   1.00 47.35 ? 1482 LEU X CB  1 
ATOM   673  C CG  . LEU A 1 78  ? -8.068  -10.636 4.169   1.00 46.21 ? 1482 LEU X CG  1 
ATOM   674  C CD1 . LEU A 1 78  ? -6.939  -10.757 5.122   1.00 41.32 ? 1482 LEU X CD1 1 
ATOM   675  C CD2 . LEU A 1 78  ? -8.571  -9.207  4.163   1.00 42.79 ? 1482 LEU X CD2 1 
ATOM   676  N N   . PRO A 1 79  ? -7.668  -10.764 -0.493  1.00 48.21 ? 1483 PRO X N   1 
ATOM   677  C CA  . PRO A 1 79  ? -7.038  -11.331 -1.676  1.00 49.24 ? 1483 PRO X CA  1 
ATOM   678  C C   . PRO A 1 79  ? -5.792  -12.105 -1.305  1.00 49.84 ? 1483 PRO X C   1 
ATOM   679  O O   . PRO A 1 79  ? -5.210  -11.854 -0.262  1.00 49.66 ? 1483 PRO X O   1 
ATOM   680  C CB  . PRO A 1 79  ? -6.647  -10.101 -2.505  1.00 49.38 ? 1483 PRO X CB  1 
ATOM   681  C CG  . PRO A 1 79  ? -6.634  -8.966  -1.552  1.00 49.18 ? 1483 PRO X CG  1 
ATOM   682  C CD  . PRO A 1 79  ? -7.604  -9.293  -0.464  1.00 48.65 ? 1483 PRO X CD  1 
ATOM   683  N N   . GLY A 1 80  ? -5.430  -13.078 -2.140  1.00 51.20 ? 1484 GLY X N   1 
ATOM   684  C CA  . GLY A 1 80  ? -4.143  -13.762 -2.049  1.00 51.76 ? 1484 GLY X CA  1 
ATOM   685  C C   . GLY A 1 80  ? -3.016  -12.741 -2.035  1.00 53.26 ? 1484 GLY X C   1 
ATOM   686  O O   . GLY A 1 80  ? -3.013  -11.739 -2.802  1.00 53.91 ? 1484 GLY X O   1 
ATOM   687  N N   . PHE A 1 81  ? -2.107  -12.952 -1.092  1.00 53.74 ? 1485 PHE X N   1 
ATOM   688  C CA  . PHE A 1 81  ? -0.830  -12.271 -1.050  1.00 53.77 ? 1485 PHE X CA  1 
ATOM   689  C C   . PHE A 1 81  ? 0.215   -13.167 -1.746  1.00 54.44 ? 1485 PHE X C   1 
ATOM   690  O O   . PHE A 1 81  ? 0.196   -14.391 -1.585  1.00 53.61 ? 1485 PHE X O   1 
ATOM   691  C CB  . PHE A 1 81  ? -0.434  -11.967 0.391   1.00 52.74 ? 1485 PHE X CB  1 
ATOM   692  C CG  . PHE A 1 81  ? 0.589   -10.873 0.507   1.00 53.74 ? 1485 PHE X CG  1 
ATOM   693  C CD1 . PHE A 1 81  ? 0.216   -9.519  0.335   1.00 53.06 ? 1485 PHE X CD1 1 
ATOM   694  C CD2 . PHE A 1 81  ? 1.934   -11.178 0.735   1.00 51.18 ? 1485 PHE X CD2 1 
ATOM   695  C CE1 . PHE A 1 81  ? 1.163   -8.490  0.422   1.00 51.78 ? 1485 PHE X CE1 1 
ATOM   696  C CE2 . PHE A 1 81  ? 2.882   -10.161 0.817   1.00 51.76 ? 1485 PHE X CE2 1 
ATOM   697  C CZ  . PHE A 1 81  ? 2.491   -8.808  0.660   1.00 52.16 ? 1485 PHE X CZ  1 
ATOM   698  N N   . PRO A 1 82  ? 1.097   -12.561 -2.563  1.00 55.53 ? 1486 PRO X N   1 
ATOM   699  C CA  . PRO A 1 82  ? 2.154   -13.321 -3.268  1.00 56.45 ? 1486 PRO X CA  1 
ATOM   700  C C   . PRO A 1 82  ? 3.244   -13.785 -2.300  1.00 57.49 ? 1486 PRO X C   1 
ATOM   701  O O   . PRO A 1 82  ? 3.596   -13.037 -1.398  1.00 58.60 ? 1486 PRO X O   1 
ATOM   702  C CB  . PRO A 1 82  ? 2.745   -12.297 -4.241  1.00 56.39 ? 1486 PRO X CB  1 
ATOM   703  C CG  . PRO A 1 82  ? 1.821   -11.064 -4.167  1.00 56.53 ? 1486 PRO X CG  1 
ATOM   704  C CD  . PRO A 1 82  ? 1.122   -11.116 -2.867  1.00 55.22 ? 1486 PRO X CD  1 
ATOM   705  N N   . ASN A 1 83  ? 3.766   -14.993 -2.453  1.00 57.84 ? 1487 ASN X N   1 
ATOM   706  C CA  . ASN A 1 83  ? 4.917   -15.399 -1.636  1.00 58.59 ? 1487 ASN X CA  1 
ATOM   707  C C   . ASN A 1 83  ? 5.780   -14.215 -1.162  1.00 58.75 ? 1487 ASN X C   1 
ATOM   708  O O   . ASN A 1 83  ? 7.008   -14.201 -1.344  1.00 59.03 ? 1487 ASN X O   1 
ATOM   709  C CB  . ASN A 1 83  ? 5.799   -16.399 -2.398  1.00 58.57 ? 1487 ASN X CB  1 
ATOM   710  C CG  . ASN A 1 83  ? 5.017   -17.575 -2.913  1.00 59.10 ? 1487 ASN X CG  1 
ATOM   711  O OD1 . ASN A 1 83  ? 3.784   -17.582 -2.849  1.00 59.01 ? 1487 ASN X OD1 1 
ATOM   712  N ND2 . ASN A 1 83  ? 5.728   -18.589 -3.430  1.00 60.08 ? 1487 ASN X ND2 1 
ATOM   713  N N   . ASP A 1 94  ? 15.778  -5.844  -9.867  1.00 55.15 ? 1498 ASP X N   1 
ATOM   714  C CA  . ASP A 1 94  ? 15.618  -7.270  -10.086 1.00 55.23 ? 1498 ASP X CA  1 
ATOM   715  C C   . ASP A 1 94  ? 14.538  -7.584  -11.114 1.00 55.35 ? 1498 ASP X C   1 
ATOM   716  O O   . ASP A 1 94  ? 13.511  -6.866  -11.233 1.00 54.98 ? 1498 ASP X O   1 
ATOM   717  C CB  . ASP A 1 94  ? 15.343  -8.023  -8.769  1.00 54.84 ? 1498 ASP X CB  1 
ATOM   718  C CG  . ASP A 1 94  ? 16.492  -8.970  -8.379  1.00 55.80 ? 1498 ASP X CG  1 
ATOM   719  O OD1 . ASP A 1 94  ? 17.291  -9.379  -9.254  1.00 55.83 ? 1498 ASP X OD1 1 
ATOM   720  O OD2 . ASP A 1 94  ? 16.602  -9.317  -7.190  1.00 55.13 ? 1498 ASP X OD2 1 
ATOM   721  N N   . VAL A 1 95  ? 14.802  -8.653  -11.876 1.00 54.97 ? 1499 VAL X N   1 
ATOM   722  C CA  . VAL A 1 95  ? 13.764  -9.340  -12.642 1.00 54.32 ? 1499 VAL X CA  1 
ATOM   723  C C   . VAL A 1 95  ? 12.552  -9.598  -11.723 1.00 53.62 ? 1499 VAL X C   1 
ATOM   724  O O   . VAL A 1 95  ? 11.411  -9.663  -12.182 1.00 53.20 ? 1499 VAL X O   1 
ATOM   725  C CB  . VAL A 1 95  ? 14.313  -10.653 -13.254 1.00 54.21 ? 1499 VAL X CB  1 
ATOM   726  C CG1 . VAL A 1 95  ? 13.187  -11.578 -13.724 1.00 54.10 ? 1499 VAL X CG1 1 
ATOM   727  C CG2 . VAL A 1 95  ? 15.279  -10.335 -14.394 1.00 54.35 ? 1499 VAL X CG2 1 
ATOM   728  N N   . ALA A 1 96  ? 12.828  -9.717  -10.423 1.00 53.07 ? 1500 ALA X N   1 
ATOM   729  C CA  . ALA A 1 96  ? 11.806  -9.955  -9.414  1.00 52.73 ? 1500 ALA X CA  1 
ATOM   730  C C   . ALA A 1 96  ? 11.088  -8.653  -9.118  1.00 52.66 ? 1500 ALA X C   1 
ATOM   731  O O   . ALA A 1 96  ? 10.901  -8.286  -7.963  1.00 52.48 ? 1500 ALA X O   1 
ATOM   732  C CB  . ALA A 1 96  ? 12.422  -10.555 -8.142  1.00 52.51 ? 1500 ALA X CB  1 
ATOM   733  N N   . ALA A 1 97  ? 10.749  -7.951  -10.208 1.00 53.01 ? 1501 ALA X N   1 
ATOM   734  C CA  . ALA A 1 97  ? 9.856   -6.798  -10.295 1.00 52.04 ? 1501 ALA X CA  1 
ATOM   735  C C   . ALA A 1 97  ? 8.550   -7.385  -10.778 1.00 52.59 ? 1501 ALA X C   1 
ATOM   736  O O   . ALA A 1 97  ? 7.740   -6.722  -11.429 1.00 53.11 ? 1501 ALA X O   1 
ATOM   737  C CB  . ALA A 1 97  ? 10.360  -5.899  -11.313 1.00 51.65 ? 1501 ALA X CB  1 
ATOM   738  N N   . LYS A 1 98  ? 8.375   -8.672  -10.500 1.00 52.75 ? 1502 LYS X N   1 
ATOM   739  C CA  . LYS A 1 98  ? 7.101   -9.325  -10.675 1.00 52.75 ? 1502 LYS X CA  1 
ATOM   740  C C   . LYS A 1 98  ? 6.357   -9.040  -9.413  1.00 52.52 ? 1502 LYS X C   1 
ATOM   741  O O   . LYS A 1 98  ? 5.138   -9.162  -9.362  1.00 52.74 ? 1502 LYS X O   1 
ATOM   742  C CB  . LYS A 1 98  ? 7.268   -10.824 -10.931 1.00 52.85 ? 1502 LYS X CB  1 
ATOM   743  C CG  . LYS A 1 98  ? 7.432   -11.089 -12.420 1.00 54.00 ? 1502 LYS X CG  1 
ATOM   744  C CD  . LYS A 1 98  ? 8.692   -11.873 -12.750 1.00 56.52 ? 1502 LYS X CD  1 
ATOM   745  C CE  . LYS A 1 98  ? 9.177   -11.576 -14.177 1.00 56.49 ? 1502 LYS X CE  1 
ATOM   746  N NZ  . LYS A 1 98  ? 10.058  -12.654 -14.696 1.00 55.88 ? 1502 LYS X NZ  1 
ATOM   747  N N   . ARG A 1 99  ? 7.094   -8.616  -8.392  1.00 52.23 ? 1503 ARG X N   1 
ATOM   748  C CA  . ARG A 1 99  ? 6.456   -8.071  -7.196  1.00 52.07 ? 1503 ARG X CA  1 
ATOM   749  C C   . ARG A 1 99  ? 5.613   -6.842  -7.541  1.00 51.64 ? 1503 ARG X C   1 
ATOM   750  O O   . ARG A 1 99  ? 4.568   -6.640  -6.942  1.00 52.18 ? 1503 ARG X O   1 
ATOM   751  C CB  . ARG A 1 99  ? 7.474   -7.765  -6.094  1.00 51.83 ? 1503 ARG X CB  1 
ATOM   752  C CG  . ARG A 1 99  ? 8.120   -9.007  -5.497  1.00 51.65 ? 1503 ARG X CG  1 
ATOM   753  C CD  . ARG A 1 99  ? 9.099   -8.697  -4.359  1.00 52.76 ? 1503 ARG X CD  1 
ATOM   754  N NE  . ARG A 1 99  ? 9.496   -9.901  -3.611  1.00 55.80 ? 1503 ARG X NE  1 
ATOM   755  C CZ  . ARG A 1 99  ? 10.483  -9.949  -2.715  1.00 58.71 ? 1503 ARG X CZ  1 
ATOM   756  N NH1 . ARG A 1 99  ? 11.193  -8.863  -2.435  1.00 59.58 ? 1503 ARG X NH1 1 
ATOM   757  N NH2 . ARG A 1 99  ? 10.782  -11.090 -2.094  1.00 61.34 ? 1503 ARG X NH2 1 
ATOM   758  N N   . LYS A 1 100 ? 6.050   -6.053  -8.524  1.00 51.22 ? 1504 LYS X N   1 
ATOM   759  C CA  . LYS A 1 100 ? 5.291   -4.880  -8.971  1.00 50.92 ? 1504 LYS X CA  1 
ATOM   760  C C   . LYS A 1 100 ? 3.960   -5.292  -9.535  1.00 50.61 ? 1504 LYS X C   1 
ATOM   761  O O   . LYS A 1 100 ? 2.938   -4.756  -9.113  1.00 51.01 ? 1504 LYS X O   1 
ATOM   762  C CB  . LYS A 1 100 ? 6.054   -4.055  -10.020 1.00 51.74 ? 1504 LYS X CB  1 
ATOM   763  C CG  . LYS A 1 100 ? 5.250   -2.914  -10.707 1.00 51.18 ? 1504 LYS X CG  1 
ATOM   764  C CD  . LYS A 1 100 ? 5.857   -2.587  -12.073 1.00 54.34 ? 1504 LYS X CD  1 
ATOM   765  C CE  . LYS A 1 100 ? 5.053   -1.564  -12.871 1.00 54.98 ? 1504 LYS X CE  1 
ATOM   766  N NZ  . LYS A 1 100 ? 3.825   -2.121  -13.513 1.00 58.34 ? 1504 LYS X NZ  1 
ATOM   767  N N   . ILE A 1 101 ? 3.976   -6.229  -10.482 1.00 49.97 ? 1505 ILE X N   1 
ATOM   768  C CA  . ILE A 1 101 ? 2.754   -6.759  -11.074 1.00 49.44 ? 1505 ILE X CA  1 
ATOM   769  C C   . ILE A 1 101 ? 1.880   -7.415  -10.002 1.00 49.48 ? 1505 ILE X C   1 
ATOM   770  O O   . ILE A 1 101 ? 0.677   -7.167  -9.928  1.00 49.39 ? 1505 ILE X O   1 
ATOM   771  C CB  . ILE A 1 101 ? 3.045   -7.725  -12.249 1.00 49.16 ? 1505 ILE X CB  1 
ATOM   772  C CG1 . ILE A 1 101 ? 3.688   -6.950  -13.406 1.00 49.35 ? 1505 ILE X CG1 1 
ATOM   773  C CG2 . ILE A 1 101 ? 1.745   -8.463  -12.726 1.00 48.52 ? 1505 ILE X CG2 1 
ATOM   774  C CD1 . ILE A 1 101 ? 4.363   -7.839  -14.509 1.00 49.18 ? 1505 ILE X CD1 1 
ATOM   775  N N   . GLU A 1 102 ? 2.500   -8.223  -9.159  1.00 49.70 ? 1506 GLU X N   1 
ATOM   776  C CA  . GLU A 1 102 ? 1.775   -8.934  -8.109  1.00 49.97 ? 1506 GLU X CA  1 
ATOM   777  C C   . GLU A 1 102 ? 1.215   -8.013  -7.024  1.00 49.39 ? 1506 GLU X C   1 
ATOM   778  O O   . GLU A 1 102 ? 0.083   -8.186  -6.602  1.00 49.60 ? 1506 GLU X O   1 
ATOM   779  C CB  . GLU A 1 102 ? 2.639   -10.054 -7.515  1.00 50.25 ? 1506 GLU X CB  1 
ATOM   780  C CG  . GLU A 1 102 ? 2.754   -11.280 -8.408  1.00 52.46 ? 1506 GLU X CG  1 
ATOM   781  C CD  . GLU A 1 102 ? 3.950   -12.163 -8.035  1.00 58.79 ? 1506 GLU X CD  1 
ATOM   782  O OE1 . GLU A 1 102 ? 4.635   -11.831 -7.035  1.00 61.90 ? 1506 GLU X OE1 1 
ATOM   783  O OE2 . GLU A 1 102 ? 4.230   -13.176 -8.741  1.00 59.40 ? 1506 GLU X OE2 1 
ATOM   784  N N   . LEU A 1 103 ? 1.983   -7.021  -6.581  1.00 48.82 ? 1507 LEU X N   1 
ATOM   785  C CA  . LEU A 1 103 ? 1.459   -6.088  -5.589  1.00 48.05 ? 1507 LEU X CA  1 
ATOM   786  C C   . LEU A 1 103 ? 0.332   -5.247  -6.189  1.00 48.11 ? 1507 LEU X C   1 
ATOM   787  O O   . LEU A 1 103 ? -0.663  -4.896  -5.494  1.00 48.48 ? 1507 LEU X O   1 
ATOM   788  C CB  . LEU A 1 103 ? 2.564   -5.202  -5.040  1.00 48.02 ? 1507 LEU X CB  1 
ATOM   789  C CG  . LEU A 1 103 ? 3.713   -5.926  -4.340  1.00 49.32 ? 1507 LEU X CG  1 
ATOM   790  C CD1 . LEU A 1 103 ? 4.833   -4.931  -4.001  1.00 48.21 ? 1507 LEU X CD1 1 
ATOM   791  C CD2 . LEU A 1 103 ? 3.163   -6.619  -3.098  1.00 49.48 ? 1507 LEU X CD2 1 
ATOM   792  N N   . ASN A 1 104 ? 0.475   -4.924  -7.475  1.00 46.74 ? 1508 ASN X N   1 
ATOM   793  C CA  . ASN A 1 104 ? -0.596  -4.265  -8.167  1.00 45.82 ? 1508 ASN X CA  1 
ATOM   794  C C   . ASN A 1 104 ? -1.905  -5.049  -8.143  1.00 46.20 ? 1508 ASN X C   1 
ATOM   795  O O   . ASN A 1 104 ? -2.957  -4.464  -7.837  1.00 47.35 ? 1508 ASN X O   1 
ATOM   796  C CB  . ASN A 1 104 ? -0.226  -3.919  -9.587  1.00 45.32 ? 1508 ASN X CB  1 
ATOM   797  C CG  . ASN A 1 104 ? -1.249  -3.036  -10.225 1.00 44.90 ? 1508 ASN X CG  1 
ATOM   798  O OD1 . ASN A 1 104 ? -1.448  -1.904  -9.784  1.00 48.17 ? 1508 ASN X OD1 1 
ATOM   799  N ND2 . ASN A 1 104 ? -1.922  -3.535  -11.260 1.00 41.10 ? 1508 ASN X ND2 1 
ATOM   800  N N   . SER A 1 105 ? -1.867  -6.349  -8.457  1.00 46.01 ? 1509 SER X N   1 
ATOM   801  C CA  . SER A 1 105 ? -3.093  -7.174  -8.419  1.00 46.33 ? 1509 SER X CA  1 
ATOM   802  C C   . SER A 1 105 ? -3.647  -7.175  -7.031  1.00 46.50 ? 1509 SER X C   1 
ATOM   803  O O   . SER A 1 105 ? -4.848  -6.988  -6.840  1.00 47.19 ? 1509 SER X O   1 
ATOM   804  C CB  . SER A 1 105 ? -2.840  -8.612  -8.795  1.00 45.35 ? 1509 SER X CB  1 
ATOM   805  O OG  . SER A 1 105 ? -2.585  -8.652  -10.162 1.00 47.91 ? 1509 SER X OG  1 
ATOM   806  N N   . TYR A 1 106 ? -2.755  -7.356  -6.071  1.00 46.73 ? 1510 TYR X N   1 
ATOM   807  C CA  . TYR A 1 106 ? -3.141  -7.371  -4.707  1.00 48.31 ? 1510 TYR X CA  1 
ATOM   808  C C   . TYR A 1 106 ? -3.911  -6.121  -4.380  1.00 49.31 ? 1510 TYR X C   1 
ATOM   809  O O   . TYR A 1 106 ? -5.006  -6.251  -3.880  1.00 51.46 ? 1510 TYR X O   1 
ATOM   810  C CB  . TYR A 1 106 ? -1.951  -7.564  -3.767  1.00 48.36 ? 1510 TYR X CB  1 
ATOM   811  C CG  . TYR A 1 106 ? -2.405  -7.636  -2.328  1.00 49.32 ? 1510 TYR X CG  1 
ATOM   812  C CD1 . TYR A 1 106 ? -2.852  -8.845  -1.790  1.00 50.58 ? 1510 TYR X CD1 1 
ATOM   813  C CD2 . TYR A 1 106 ? -2.412  -6.499  -1.500  1.00 50.47 ? 1510 TYR X CD2 1 
ATOM   814  C CE1 . TYR A 1 106 ? -3.277  -8.942  -0.459  1.00 49.56 ? 1510 TYR X CE1 1 
ATOM   815  C CE2 . TYR A 1 106 ? -2.849  -6.589  -0.160  1.00 50.14 ? 1510 TYR X CE2 1 
ATOM   816  C CZ  . TYR A 1 106 ? -3.276  -7.833  0.337   1.00 49.07 ? 1510 TYR X CZ  1 
ATOM   817  O OH  . TYR A 1 106 ? -3.718  -7.995  1.607   1.00 47.71 ? 1510 TYR X OH  1 
ATOM   818  N N   . LEU A 1 107 ? -3.396  -4.926  -4.711  1.00 49.88 ? 1511 LEU X N   1 
ATOM   819  C CA  . LEU A 1 107 ? -4.122  -3.656  -4.438  1.00 49.94 ? 1511 LEU X CA  1 
ATOM   820  C C   . LEU A 1 107 ? -5.470  -3.569  -5.134  1.00 50.88 ? 1511 LEU X C   1 
ATOM   821  O O   . LEU A 1 107 ? -6.458  -3.213  -4.480  1.00 52.58 ? 1511 LEU X O   1 
ATOM   822  C CB  . LEU A 1 107 ? -3.281  -2.401  -4.757  1.00 48.51 ? 1511 LEU X CB  1 
ATOM   823  C CG  . LEU A 1 107 ? -2.084  -2.139  -3.842  1.00 49.71 ? 1511 LEU X CG  1 
ATOM   824  C CD1 . LEU A 1 107 ? -1.409  -0.797  -4.104  1.00 48.61 ? 1511 LEU X CD1 1 
ATOM   825  C CD2 . LEU A 1 107 ? -2.440  -2.308  -2.335  1.00 48.93 ? 1511 LEU X CD2 1 
ATOM   826  N N   . GLN A 1 108 ? -5.520  -3.837  -6.444  1.00 50.77 ? 1512 GLN X N   1 
ATOM   827  C CA  . GLN A 1 108 ? -6.793  -3.909  -7.185  1.00 51.31 ? 1512 GLN X CA  1 
ATOM   828  C C   . GLN A 1 108 ? -7.849  -4.801  -6.505  1.00 51.03 ? 1512 GLN X C   1 
ATOM   829  O O   . GLN A 1 108 ? -8.993  -4.403  -6.355  1.00 51.12 ? 1512 GLN X O   1 
ATOM   830  C CB  . GLN A 1 108 ? -6.559  -4.455  -8.594  1.00 51.96 ? 1512 GLN X CB  1 
ATOM   831  C CG  . GLN A 1 108 ? -6.508  -3.428  -9.726  1.00 56.22 ? 1512 GLN X CG  1 
ATOM   832  C CD  . GLN A 1 108 ? -5.542  -2.300  -9.510  1.00 60.15 ? 1512 GLN X CD  1 
ATOM   833  O OE1 . GLN A 1 108 ? -4.854  -1.901  -10.435 1.00 65.39 ? 1512 GLN X OE1 1 
ATOM   834  N NE2 . GLN A 1 108 ? -5.477  -1.780  -8.298  1.00 63.03 ? 1512 GLN X NE2 1 
ATOM   835  N N   . SER A 1 109 ? -7.468  -6.008  -6.099  1.00 50.26 ? 1513 SER X N   1 
ATOM   836  C CA  . SER A 1 109 ? -8.381  -6.876  -5.395  1.00 50.39 ? 1513 SER X CA  1 
ATOM   837  C C   . SER A 1 109 ? -8.785  -6.261  -4.040  1.00 51.19 ? 1513 SER X C   1 
ATOM   838  O O   . SER A 1 109 ? -9.993  -6.150  -3.720  1.00 50.73 ? 1513 SER X O   1 
ATOM   839  C CB  . SER A 1 109 ? -7.743  -8.237  -5.195  1.00 50.46 ? 1513 SER X CB  1 
ATOM   840  O OG  . SER A 1 109 ? -7.422  -8.786  -6.439  1.00 50.28 ? 1513 SER X OG  1 
ATOM   841  N N   . LEU A 1 110 ? -7.798  -5.815  -3.263  1.00 50.71 ? 1514 LEU X N   1 
ATOM   842  C CA  . LEU A 1 110 ? -8.147  -5.128  -2.030  1.00 52.05 ? 1514 LEU X CA  1 
ATOM   843  C C   . LEU A 1 110 ? -9.281  -4.102  -2.210  1.00 52.03 ? 1514 LEU X C   1 
ATOM   844  O O   . LEU A 1 110 ? -10.195 -4.077  -1.409  1.00 53.34 ? 1514 LEU X O   1 
ATOM   845  C CB  . LEU A 1 110 ? -6.921  -4.472  -1.385  1.00 52.59 ? 1514 LEU X CB  1 
ATOM   846  C CG  . LEU A 1 110 ? -6.990  -4.270  0.130   1.00 53.39 ? 1514 LEU X CG  1 
ATOM   847  C CD1 . LEU A 1 110 ? -7.193  -5.639  0.871   1.00 50.19 ? 1514 LEU X CD1 1 
ATOM   848  C CD2 . LEU A 1 110 ? -5.723  -3.517  0.638   1.00 51.70 ? 1514 LEU X CD2 1 
ATOM   849  N N   . MET A 1 111 ? -9.254  -3.280  -3.255  1.00 51.96 ? 1515 MET X N   1 
ATOM   850  C CA  . MET A 1 111 ? -10.328 -2.280  -3.431  1.00 52.39 ? 1515 MET X CA  1 
ATOM   851  C C   . MET A 1 111 ? -11.690 -2.900  -3.736  1.00 52.02 ? 1515 MET X C   1 
ATOM   852  O O   . MET A 1 111 ? -12.704 -2.222  -3.670  1.00 51.93 ? 1515 MET X O   1 
ATOM   853  C CB  . MET A 1 111 ? -10.027 -1.302  -4.565  1.00 52.24 ? 1515 MET X CB  1 
ATOM   854  C CG  . MET A 1 111 ? -8.766  -0.513  -4.474  1.00 54.79 ? 1515 MET X CG  1 
ATOM   855  S SD  . MET A 1 111 ? -8.409  0.116   -2.834  1.00 64.24 ? 1515 MET X SD  1 
ATOM   856  C CE  . MET A 1 111 ? -9.263  1.652   -3.043  1.00 60.65 ? 1515 MET X CE  1 
ATOM   857  N N   . ASN A 1 112 ? -11.691 -4.178  -4.103  1.00 51.48 ? 1516 ASN X N   1 
ATOM   858  C CA  . ASN A 1 112 ? -12.908 -4.863  -4.541  1.00 50.93 ? 1516 ASN X CA  1 
ATOM   859  C C   . ASN A 1 112 ? -13.455 -5.815  -3.461  1.00 49.62 ? 1516 ASN X C   1 
ATOM   860  O O   . ASN A 1 112 ? -14.407 -6.552  -3.686  1.00 48.02 ? 1516 ASN X O   1 
ATOM   861  C CB  . ASN A 1 112 ? -12.623 -5.619  -5.850  1.00 51.64 ? 1516 ASN X CB  1 
ATOM   862  C CG  . ASN A 1 112 ? -12.624 -4.715  -7.067  1.00 52.59 ? 1516 ASN X CG  1 
ATOM   863  O OD1 . ASN A 1 112 ? -13.504 -3.878  -7.213  1.00 56.58 ? 1516 ASN X OD1 1 
ATOM   864  N ND2 . ASN A 1 112 ? -11.639 -4.883  -7.949  1.00 52.70 ? 1516 ASN X ND2 1 
ATOM   865  N N   . ALA A 1 113 ? -12.820 -5.767  -2.299  1.00 48.59 ? 1517 ALA X N   1 
ATOM   866  C CA  . ALA A 1 113 ? -13.180 -6.546  -1.154  1.00 49.32 ? 1517 ALA X CA  1 
ATOM   867  C C   . ALA A 1 113 ? -14.385 -5.904  -0.533  1.00 49.98 ? 1517 ALA X C   1 
ATOM   868  O O   . ALA A 1 113 ? -14.674 -4.738  -0.802  1.00 51.01 ? 1517 ALA X O   1 
ATOM   869  C CB  . ALA A 1 113 ? -12.018 -6.542  -0.150  1.00 48.95 ? 1517 ALA X CB  1 
ATOM   870  N N   . SER A 1 114 ? -15.081 -6.612  0.343   1.00 50.29 ? 1518 SER X N   1 
ATOM   871  C CA  . SER A 1 114 ? -16.224 -5.976  0.977   1.00 50.05 ? 1518 SER X CA  1 
ATOM   872  C C   . SER A 1 114 ? -15.768 -4.725  1.668   1.00 49.74 ? 1518 SER X C   1 
ATOM   873  O O   . SER A 1 114 ? -14.619 -4.618  2.069   1.00 49.78 ? 1518 SER X O   1 
ATOM   874  C CB  . SER A 1 114 ? -16.868 -6.922  1.975   1.00 50.46 ? 1518 SER X CB  1 
ATOM   875  O OG  . SER A 1 114 ? -15.912 -7.352  2.865   1.00 49.25 ? 1518 SER X OG  1 
ATOM   876  N N   . THR A 1 115 ? -16.684 -3.787  1.815   1.00 49.68 ? 1519 THR X N   1 
ATOM   877  C CA  . THR A 1 115 ? -16.381 -2.457  2.320   1.00 50.26 ? 1519 THR X CA  1 
ATOM   878  C C   . THR A 1 115 ? -15.737 -2.454  3.708   1.00 50.01 ? 1519 THR X C   1 
ATOM   879  O O   . THR A 1 115 ? -14.995 -1.531  4.037   1.00 49.97 ? 1519 THR X O   1 
ATOM   880  C CB  . THR A 1 115 ? -17.669 -1.565  2.330   1.00 51.19 ? 1519 THR X CB  1 
ATOM   881  O OG1 . THR A 1 115 ? -18.353 -1.716  1.083   1.00 53.59 ? 1519 THR X OG1 1 
ATOM   882  C CG2 . THR A 1 115 ? -17.369 -0.066  2.565   1.00 51.31 ? 1519 THR X CG2 1 
ATOM   883  N N   . ASP A 1 116 ? -16.006 -3.461  4.525   1.00 49.93 ? 1520 ASP X N   1 
ATOM   884  C CA  . ASP A 1 116 ? -15.440 -3.459  5.871   1.00 51.00 ? 1520 ASP X CA  1 
ATOM   885  C C   . ASP A 1 116 ? -13.944 -3.702  5.831   1.00 50.47 ? 1520 ASP X C   1 
ATOM   886  O O   . ASP A 1 116 ? -13.242 -3.295  6.714   1.00 51.17 ? 1520 ASP X O   1 
ATOM   887  C CB  . ASP A 1 116 ? -16.175 -4.413  6.824   1.00 51.58 ? 1520 ASP X CB  1 
ATOM   888  C CG  . ASP A 1 116 ? -16.164 -5.856  6.340   1.00 57.83 ? 1520 ASP X CG  1 
ATOM   889  O OD1 . ASP A 1 116 ? -15.839 -6.099  5.142   1.00 64.23 ? 1520 ASP X OD1 1 
ATOM   890  O OD2 . ASP A 1 116 ? -16.477 -6.767  7.152   1.00 63.01 ? 1520 ASP X OD2 1 
ATOM   891  N N   . VAL A 1 117 ? -13.451 -4.321  4.774   1.00 50.30 ? 1521 VAL X N   1 
ATOM   892  C CA  . VAL A 1 117 ? -12.021 -4.480  4.568   1.00 50.00 ? 1521 VAL X CA  1 
ATOM   893  C C   . VAL A 1 117 ? -11.442 -3.300  3.741   1.00 50.98 ? 1521 VAL X C   1 
ATOM   894  O O   . VAL A 1 117 ? -10.470 -2.655  4.163   1.00 50.71 ? 1521 VAL X O   1 
ATOM   895  C CB  . VAL A 1 117 ? -11.735 -5.824  3.836   1.00 50.18 ? 1521 VAL X CB  1 
ATOM   896  C CG1 . VAL A 1 117 ? -10.285 -5.923  3.385   1.00 47.93 ? 1521 VAL X CG1 1 
ATOM   897  C CG2 . VAL A 1 117 ? -12.121 -7.009  4.723   1.00 49.66 ? 1521 VAL X CG2 1 
ATOM   898  N N   . ALA A 1 118 ? -12.046 -3.017  2.581   1.00 50.88 ? 1522 ALA X N   1 
ATOM   899  C CA  . ALA A 1 118 ? -11.515 -2.017  1.645   1.00 51.17 ? 1522 ALA X CA  1 
ATOM   900  C C   . ALA A 1 118 ? -11.393 -0.636  2.276   1.00 51.63 ? 1522 ALA X C   1 
ATOM   901  O O   . ALA A 1 118 ? -10.516 0.152   1.916   1.00 51.43 ? 1522 ALA X O   1 
ATOM   902  C CB  . ALA A 1 118 ? -12.378 -1.942  0.397   1.00 50.31 ? 1522 ALA X CB  1 
ATOM   903  N N   . GLU A 1 119 ? -12.280 -0.353  3.228   1.00 51.85 ? 1523 GLU X N   1 
ATOM   904  C CA  . GLU A 1 119 ? -12.313 0.941   3.906   1.00 51.57 ? 1523 GLU X CA  1 
ATOM   905  C C   . GLU A 1 119 ? -11.981 0.879   5.386   1.00 50.50 ? 1523 GLU X C   1 
ATOM   906  O O   . GLU A 1 119 ? -12.422 1.730   6.149   1.00 50.81 ? 1523 GLU X O   1 
ATOM   907  C CB  . GLU A 1 119 ? -13.677 1.618   3.692   1.00 52.33 ? 1523 GLU X CB  1 
ATOM   908  C CG  . GLU A 1 119 ? -13.767 2.225   2.280   1.00 57.28 ? 1523 GLU X CG  1 
ATOM   909  C CD  . GLU A 1 119 ? -15.182 2.494   1.775   1.00 63.62 ? 1523 GLU X CD  1 
ATOM   910  O OE1 . GLU A 1 119 ? -16.026 3.109   2.503   1.00 63.13 ? 1523 GLU X OE1 1 
ATOM   911  O OE2 . GLU A 1 119 ? -15.417 2.095   0.600   1.00 66.92 ? 1523 GLU X OE2 1 
ATOM   912  N N   . CYS A 1 120 ? -11.207 -0.107  5.818   1.00 49.44 ? 1524 CYS X N   1 
ATOM   913  C CA  . CYS A 1 120 ? -10.834 -0.109  7.224   1.00 48.47 ? 1524 CYS X CA  1 
ATOM   914  C C   . CYS A 1 120 ? -9.629  0.783   7.472   1.00 47.94 ? 1524 CYS X C   1 
ATOM   915  O O   . CYS A 1 120 ? -8.926  1.214   6.534   1.00 47.98 ? 1524 CYS X O   1 
ATOM   916  C CB  . CYS A 1 120 ? -10.621 -1.511  7.732   1.00 47.83 ? 1524 CYS X CB  1 
ATOM   917  S SG  . CYS A 1 120 ? -9.123  -2.242  7.214   1.00 50.53 ? 1524 CYS X SG  1 
ATOM   918  N N   . ASP A 1 121 ? -9.389  1.061   8.738   1.00 47.66 ? 1525 ASP X N   1 
ATOM   919  C CA  . ASP A 1 121 ? -8.385  2.020   9.130   1.00 47.17 ? 1525 ASP X CA  1 
ATOM   920  C C   . ASP A 1 121 ? -6.968  1.586   8.830   1.00 47.41 ? 1525 ASP X C   1 
ATOM   921  O O   . ASP A 1 121 ? -6.112  2.434   8.575   1.00 47.90 ? 1525 ASP X O   1 
ATOM   922  C CB  . ASP A 1 121 ? -8.554  2.357   10.596  1.00 47.33 ? 1525 ASP X CB  1 
ATOM   923  C CG  . ASP A 1 121 ? -9.793  3.220   10.860  1.00 48.29 ? 1525 ASP X CG  1 
ATOM   924  O OD1 . ASP A 1 121 ? -10.483 3.624   9.879   1.00 46.97 ? 1525 ASP X OD1 1 
ATOM   925  O OD2 . ASP A 1 121 ? -10.068 3.488   12.057  1.00 47.34 ? 1525 ASP X OD2 1 
ATOM   926  N N   . LEU A 1 122 ? -6.697  0.282   8.846   1.00 47.69 ? 1526 LEU X N   1 
ATOM   927  C CA  . LEU A 1 122 ? -5.372  -0.210  8.433   1.00 47.41 ? 1526 LEU X CA  1 
ATOM   928  C C   . LEU A 1 122 ? -5.079  0.170   6.982   1.00 47.10 ? 1526 LEU X C   1 
ATOM   929  O O   . LEU A 1 122 ? -3.978  0.660   6.665   1.00 47.22 ? 1526 LEU X O   1 
ATOM   930  C CB  . LEU A 1 122 ? -5.252  -1.733  8.559   1.00 47.26 ? 1526 LEU X CB  1 
ATOM   931  C CG  . LEU A 1 122 ? -5.053  -2.385  9.902   1.00 49.05 ? 1526 LEU X CG  1 
ATOM   932  C CD1 . LEU A 1 122 ? -5.059  -3.899  9.705   1.00 51.27 ? 1526 LEU X CD1 1 
ATOM   933  C CD2 . LEU A 1 122 ? -3.749  -1.907  10.538  1.00 49.89 ? 1526 LEU X CD2 1 
ATOM   934  N N   . VAL A 1 123 ? -6.047  -0.076  6.098   1.00 46.34 ? 1527 VAL X N   1 
ATOM   935  C CA  . VAL A 1 123 ? -5.838  0.168   4.684   1.00 46.10 ? 1527 VAL X CA  1 
ATOM   936  C C   . VAL A 1 123 ? -5.656  1.664   4.485   1.00 46.55 ? 1527 VAL X C   1 
ATOM   937  O O   . VAL A 1 123 ? -4.699  2.104   3.859   1.00 46.61 ? 1527 VAL X O   1 
ATOM   938  C CB  . VAL A 1 123 ? -7.004  -0.405  3.833   1.00 46.77 ? 1527 VAL X CB  1 
ATOM   939  C CG1 . VAL A 1 123 ? -6.986  0.162   2.398   1.00 44.86 ? 1527 VAL X CG1 1 
ATOM   940  C CG2 . VAL A 1 123 ? -6.977  -1.965  3.841   1.00 44.87 ? 1527 VAL X CG2 1 
ATOM   941  N N   . CYS A 1 124 ? -6.533  2.450   5.079   1.00 47.30 ? 1528 CYS X N   1 
ATOM   942  C CA  . CYS A 1 124 ? -6.371  3.881   5.024   1.00 47.86 ? 1528 CYS X CA  1 
ATOM   943  C C   . CYS A 1 124 ? -4.971  4.322   5.464   1.00 48.18 ? 1528 CYS X C   1 
ATOM   944  O O   . CYS A 1 124 ? -4.310  5.117   4.770   1.00 48.11 ? 1528 CYS X O   1 
ATOM   945  C CB  . CYS A 1 124 ? -7.423  4.575   5.883   1.00 48.02 ? 1528 CYS X CB  1 
ATOM   946  S SG  . CYS A 1 124 ? -7.149  6.338   5.917   1.00 50.47 ? 1528 CYS X SG  1 
ATOM   947  N N   . THR A 1 125 ? -4.527  3.801   6.609   1.00 47.77 ? 1529 THR X N   1 
ATOM   948  C CA  . THR A 1 125 ? -3.237  4.173   7.194   1.00 47.63 ? 1529 THR X CA  1 
ATOM   949  C C   . THR A 1 125 ? -2.093  3.776   6.271   1.00 47.40 ? 1529 THR X C   1 
ATOM   950  O O   . THR A 1 125 ? -1.141  4.531   6.084   1.00 46.89 ? 1529 THR X O   1 
ATOM   951  C CB  . THR A 1 125 ? -3.059  3.530   8.586   1.00 48.06 ? 1529 THR X CB  1 
ATOM   952  O OG1 . THR A 1 125 ? -4.129  3.961   9.458   1.00 48.65 ? 1529 THR X OG1 1 
ATOM   953  C CG2 . THR A 1 125 ? -1.732  3.908   9.177   1.00 46.69 ? 1529 THR X CG2 1 
ATOM   954  N N   . PHE A 1 126 ? -2.213  2.606   5.649   1.00 47.07 ? 1530 PHE X N   1 
ATOM   955  C CA  . PHE A 1 126 ? -1.189  2.162   4.711   1.00 46.46 ? 1530 PHE X CA  1 
ATOM   956  C C   . PHE A 1 126 ? -1.002  3.224   3.638   1.00 46.56 ? 1530 PHE X C   1 
ATOM   957  O O   . PHE A 1 126 ? 0.103   3.437   3.186   1.00 47.00 ? 1530 PHE X O   1 
ATOM   958  C CB  . PHE A 1 126 ? -1.580  0.818   4.086   1.00 46.04 ? 1530 PHE X CB  1 
ATOM   959  C CG  . PHE A 1 126 ? -0.555  0.260   3.157   1.00 45.03 ? 1530 PHE X CG  1 
ATOM   960  C CD1 . PHE A 1 126 ? 0.493   -0.492  3.636   1.00 45.08 ? 1530 PHE X CD1 1 
ATOM   961  C CD2 . PHE A 1 126 ? -0.637  0.492   1.794   1.00 45.62 ? 1530 PHE X CD2 1 
ATOM   962  C CE1 . PHE A 1 126 ? 1.469   -1.001  2.766   1.00 44.85 ? 1530 PHE X CE1 1 
ATOM   963  C CE2 . PHE A 1 126 ? 0.309   -0.012  0.923   1.00 44.23 ? 1530 PHE X CE2 1 
ATOM   964  C CZ  . PHE A 1 126 ? 1.371   -0.765  1.418   1.00 45.75 ? 1530 PHE X CZ  1 
ATOM   965  N N   . PHE A 1 127 ? -2.081  3.904   3.249   1.00 46.79 ? 1531 PHE X N   1 
ATOM   966  C CA  . PHE A 1 127 ? -2.002  4.890   2.190   1.00 46.84 ? 1531 PHE X CA  1 
ATOM   967  C C   . PHE A 1 127 ? -1.652  6.304   2.657   1.00 47.04 ? 1531 PHE X C   1 
ATOM   968  O O   . PHE A 1 127 ? -1.339  7.168   1.845   1.00 47.44 ? 1531 PHE X O   1 
ATOM   969  C CB  . PHE A 1 127 ? -3.238  4.863   1.302   1.00 46.32 ? 1531 PHE X CB  1 
ATOM   970  C CG  . PHE A 1 127 ? -3.427  3.571   0.587   1.00 47.70 ? 1531 PHE X CG  1 
ATOM   971  C CD1 . PHE A 1 127 ? -4.567  2.812   0.788   1.00 50.14 ? 1531 PHE X CD1 1 
ATOM   972  C CD2 . PHE A 1 127 ? -2.471  3.113   -0.315  1.00 48.42 ? 1531 PHE X CD2 1 
ATOM   973  C CE1 . PHE A 1 127 ? -4.747  1.583   0.097   1.00 53.54 ? 1531 PHE X CE1 1 
ATOM   974  C CE2 . PHE A 1 127 ? -2.625  1.910   -1.013  1.00 49.33 ? 1531 PHE X CE2 1 
ATOM   975  C CZ  . PHE A 1 127 ? -3.758  1.127   -0.805  1.00 50.36 ? 1531 PHE X CZ  1 
ATOM   976  N N   . HIS A 1 128 ? -1.624  6.534   3.960   1.00 47.31 ? 1532 HIS X N   1 
ATOM   977  C CA  . HIS A 1 128 ? -1.374  7.881   4.428   1.00 47.56 ? 1532 HIS X CA  1 
ATOM   978  C C   . HIS A 1 128 ? 0.091   8.237   4.244   1.00 47.85 ? 1532 HIS X C   1 
ATOM   979  O O   . HIS A 1 128 ? 0.963   7.456   4.598   1.00 48.09 ? 1532 HIS X O   1 
ATOM   980  C CB  . HIS A 1 128 ? -1.816  8.046   5.876   1.00 47.53 ? 1532 HIS X CB  1 
ATOM   981  C CG  . HIS A 1 128 ? -1.823  9.466   6.344   1.00 48.04 ? 1532 HIS X CG  1 
ATOM   982  N ND1 . HIS A 1 128 ? -2.938  10.274  6.254   1.00 48.59 ? 1532 HIS X ND1 1 
ATOM   983  C CD2 . HIS A 1 128 ? -0.851  10.227  6.897   1.00 47.29 ? 1532 HIS X CD2 1 
ATOM   984  C CE1 . HIS A 1 128 ? -2.657  11.466  6.749   1.00 46.36 ? 1532 HIS X CE1 1 
ATOM   985  N NE2 . HIS A 1 128 ? -1.400  11.462  7.151   1.00 46.96 ? 1532 HIS X NE2 1 
ATOM   986  N N   . PRO A 1 129 ? 0.359   9.416   3.672   1.00 48.46 ? 1533 PRO X N   1 
ATOM   987  C CA  . PRO A 1 129 ? 1.696   9.891   3.331   1.00 49.16 ? 1533 PRO X CA  1 
ATOM   988  C C   . PRO A 1 129 ? 2.590   9.954   4.548   1.00 49.59 ? 1533 PRO X C   1 
ATOM   989  O O   . PRO A 1 129 ? 2.245   10.616  5.509   1.00 50.23 ? 1533 PRO X O   1 
ATOM   990  C CB  . PRO A 1 129 ? 1.450   11.332  2.854   1.00 49.06 ? 1533 PRO X CB  1 
ATOM   991  C CG  . PRO A 1 129 ? 0.052   11.355  2.441   1.00 49.57 ? 1533 PRO X CG  1 
ATOM   992  C CD  . PRO A 1 129 ? -0.682  10.391  3.304   1.00 48.33 ? 1533 PRO X CD  1 
ATOM   993  N N   . LEU A 1 130 ? 3.749   9.314   4.492   1.00 49.92 ? 1534 LEU X N   1 
ATOM   994  C CA  . LEU A 1 130 ? 4.678   9.332   5.606   1.00 50.00 ? 1534 LEU X CA  1 
ATOM   995  C C   . LEU A 1 130 ? 5.814   10.281  5.397   1.00 50.91 ? 1534 LEU X C   1 
ATOM   996  O O   . LEU A 1 130 ? 5.849   11.040  4.425   1.00 51.38 ? 1534 LEU X O   1 
ATOM   997  C CB  . LEU A 1 130 ? 5.293   7.956   5.786   1.00 49.57 ? 1534 LEU X CB  1 
ATOM   998  C CG  . LEU A 1 130 ? 4.356   6.862   6.235   1.00 48.29 ? 1534 LEU X CG  1 
ATOM   999  C CD1 . LEU A 1 130 ? 5.054   5.551   6.066   1.00 47.97 ? 1534 LEU X CD1 1 
ATOM   1000 C CD2 . LEU A 1 130 ? 3.997   7.102   7.660   1.00 46.99 ? 1534 LEU X CD2 1 
ATOM   1001 N N   . LEU A 1 131 ? 6.738   10.214  6.359   1.00 51.75 ? 1535 LEU X N   1 
ATOM   1002 C CA  . LEU A 1 131 ? 8.116   10.708  6.271   1.00 51.62 ? 1535 LEU X CA  1 
ATOM   1003 C C   . LEU A 1 131 ? 8.636   10.838  4.832   1.00 51.55 ? 1535 LEU X C   1 
ATOM   1004 O O   . LEU A 1 131 ? 8.690   11.931  4.274   1.00 51.30 ? 1535 LEU X O   1 
ATOM   1005 C CB  . LEU A 1 131 ? 9.052   9.781   7.103   1.00 52.06 ? 1535 LEU X CB  1 
ATOM   1006 C CG  . LEU A 1 131 ? 8.795   8.266   7.309   1.00 50.69 ? 1535 LEU X CG  1 
ATOM   1007 C CD1 . LEU A 1 131 ? 10.058  7.411   7.213   1.00 49.49 ? 1535 LEU X CD1 1 
ATOM   1008 C CD2 . LEU A 1 131 ? 8.119   8.046   8.653   1.00 50.55 ? 1535 LEU X CD2 1 
ATOM   1009 N N   . ARG A 1 132 ? 9.012   9.702   4.251   1.00 51.84 ? 1536 ARG X N   1 
ATOM   1010 C CA  . ARG A 1 132 ? 9.524   9.608   2.888   1.00 52.24 ? 1536 ARG X CA  1 
ATOM   1011 C C   . ARG A 1 132 ? 8.589   10.240  1.880   1.00 52.95 ? 1536 ARG X C   1 
ATOM   1012 O O   . ARG A 1 132 ? 9.051   10.849  0.932   1.00 53.56 ? 1536 ARG X O   1 
ATOM   1013 C CB  . ARG A 1 132 ? 9.663   8.147   2.475   1.00 52.14 ? 1536 ARG X CB  1 
ATOM   1014 C CG  . ARG A 1 132 ? 9.364   7.192   3.576   1.00 51.19 ? 1536 ARG X CG  1 
ATOM   1015 C CD  . ARG A 1 132 ? 8.439   6.040   3.232   1.00 47.38 ? 1536 ARG X CD  1 
ATOM   1016 N NE  . ARG A 1 132 ? 8.486   5.205   4.436   1.00 49.93 ? 1536 ARG X NE  1 
ATOM   1017 C CZ  . ARG A 1 132 ? 8.440   3.878   4.483   1.00 48.66 ? 1536 ARG X CZ  1 
ATOM   1018 N NH1 . ARG A 1 132 ? 8.292   3.138   3.377   1.00 47.33 ? 1536 ARG X NH1 1 
ATOM   1019 N NH2 . ARG A 1 132 ? 8.536   3.299   5.665   1.00 46.11 ? 1536 ARG X NH2 1 
ATOM   1020 N N   . ASP A 1 133 ? 7.280   10.085  2.074   1.00 53.59 ? 1537 ASP X N   1 
ATOM   1021 C CA  . ASP A 1 133 ? 6.308   10.426  1.027   1.00 54.38 ? 1537 ASP X CA  1 
ATOM   1022 C C   . ASP A 1 133 ? 6.212   11.927  0.758   1.00 55.83 ? 1537 ASP X C   1 
ATOM   1023 O O   . ASP A 1 133 ? 5.712   12.351  -0.285  1.00 56.74 ? 1537 ASP X O   1 
ATOM   1024 C CB  . ASP A 1 133 ? 4.953   9.770   1.312   1.00 53.48 ? 1537 ASP X CB  1 
ATOM   1025 C CG  . ASP A 1 133 ? 5.088   8.265   1.590   1.00 51.80 ? 1537 ASP X CG  1 
ATOM   1026 O OD1 . ASP A 1 133 ? 5.846   7.633   0.849   1.00 48.27 ? 1537 ASP X OD1 1 
ATOM   1027 O OD2 . ASP A 1 133 ? 4.454   7.707   2.519   1.00 48.99 ? 1537 ASP X OD2 1 
ATOM   1028 N N   . GLU A 1 134 ? 6.725   12.727  1.681   1.00 57.34 ? 1538 GLU X N   1 
ATOM   1029 C CA  . GLU A 1 134 ? 6.849   14.165  1.467   1.00 59.20 ? 1538 GLU X CA  1 
ATOM   1030 C C   . GLU A 1 134 ? 7.953   14.432  0.433   1.00 59.97 ? 1538 GLU X C   1 
ATOM   1031 O O   . GLU A 1 134 ? 9.127   14.722  0.776   1.00 60.13 ? 1538 GLU X O   1 
ATOM   1032 C CB  . GLU A 1 134 ? 7.047   14.892  2.801   1.00 59.17 ? 1538 GLU X CB  1 
ATOM   1033 C CG  . GLU A 1 134 ? 5.853   14.598  3.779   1.00 59.90 ? 1538 GLU X CG  1 
ATOM   1034 C CD  . GLU A 1 134 ? 5.890   15.460  5.026   1.00 60.23 ? 1538 GLU X CD  1 
ATOM   1035 O OE1 . GLU A 1 134 ? 6.651   16.470  5.022   1.00 59.62 ? 1538 GLU X OE1 1 
ATOM   1036 O OE2 . GLU A 1 134 ? 5.169   15.124  6.000   1.00 59.87 ? 1538 GLU X OE2 1 
ATOM   1037 N N   . LYS A 1 135 ? 7.506   14.325  -0.829  1.00 60.22 ? 1539 LYS X N   1 
ATOM   1038 C CA  . LYS A 1 135 ? 8.303   14.177  -2.066  1.00 60.51 ? 1539 LYS X CA  1 
ATOM   1039 C C   . LYS A 1 135 ? 9.835   14.227  -1.959  1.00 60.42 ? 1539 LYS X C   1 
ATOM   1040 O O   . LYS A 1 135 ? 10.514  13.220  -2.232  1.00 60.02 ? 1539 LYS X O   1 
ATOM   1041 C CB  . LYS A 1 135 ? 7.770   15.126  -3.161  1.00 60.57 ? 1539 LYS X CB  1 
ATOM   1042 C CG  . LYS A 1 135 ? 6.652   14.540  -4.069  1.00 61.40 ? 1539 LYS X CG  1 
ATOM   1043 C CD  . LYS A 1 135 ? 5.412   13.924  -3.353  1.00 61.30 ? 1539 LYS X CD  1 
ATOM   1044 C CE  . LYS A 1 135 ? 4.263   13.682  -4.360  1.00 61.95 ? 1539 LYS X CE  1 
ATOM   1045 N NZ  . LYS A 1 135 ? 3.083   12.833  -3.885  1.00 60.59 ? 1539 LYS X NZ  1 
HETATM 1046 S S   . SO4 B 2 .   ? 14.075  -10.336 0.445   0.50 53.20 ? 2540 SO4 X S   1 
HETATM 1047 O O1  . SO4 B 2 .   ? 13.367  -9.497  1.406   0.50 53.05 ? 2540 SO4 X O1  1 
HETATM 1048 O O2  . SO4 B 2 .   ? 13.223  -10.541 -0.738  0.50 53.28 ? 2540 SO4 X O2  1 
HETATM 1049 O O3  . SO4 B 2 .   ? 15.332  -9.690  0.075   0.50 52.22 ? 2540 SO4 X O3  1 
HETATM 1050 O O4  . SO4 B 2 .   ? 14.360  -11.633 1.033   0.50 53.75 ? 2540 SO4 X O4  1 
HETATM 1051 S S   . SO4 C 2 .   ? -0.499  2.805   -13.748 1.00 94.08 ? 2541 SO4 X S   1 
HETATM 1052 O O1  . SO4 C 2 .   ? 0.160   2.936   -15.047 1.00 94.01 ? 2541 SO4 X O1  1 
HETATM 1053 O O2  . SO4 C 2 .   ? -1.137  1.482   -13.653 1.00 95.62 ? 2541 SO4 X O2  1 
HETATM 1054 O O3  . SO4 C 2 .   ? 0.434   2.950   -12.644 1.00 93.00 ? 2541 SO4 X O3  1 
HETATM 1055 O O4  . SO4 C 2 .   ? -1.535  3.836   -13.632 1.00 95.74 ? 2541 SO4 X O4  1 
HETATM 1056 S S   . SO4 D 2 .   ? 24.987  -2.215  -7.036  0.33 89.91 ? 2542 SO4 X S   1 
HETATM 1057 O O1  . SO4 D 2 .   ? 23.915  -2.165  -8.029  0.33 89.89 ? 2542 SO4 X O1  1 
HETATM 1058 O O2  . SO4 D 2 .   ? 25.029  -0.951  -6.311  0.33 90.15 ? 2542 SO4 X O2  1 
HETATM 1059 O O3  . SO4 D 2 .   ? 24.741  -3.297  -6.082  0.33 89.85 ? 2542 SO4 X O3  1 
HETATM 1060 O O4  . SO4 D 2 .   ? 26.269  -2.430  -7.707  0.33 89.84 ? 2542 SO4 X O4  1 
HETATM 1061 O O   . HOH E 3 .   ? -15.051 10.134  -0.864  0.50 39.23 ? 2001 HOH X O   1 
HETATM 1062 O O   . HOH E 3 .   ? -5.721  3.366   -13.269 1.00 60.00 ? 2002 HOH X O   1 
HETATM 1063 O O   . HOH E 3 .   ? -3.380  4.662   -9.613  1.00 51.41 ? 2003 HOH X O   1 
HETATM 1064 O O   . HOH E 3 .   ? -4.576  7.556   3.030   1.00 41.61 ? 2004 HOH X O   1 
HETATM 1065 O O   . HOH E 3 .   ? -14.008 12.377  -8.346  1.00 55.55 ? 2005 HOH X O   1 
HETATM 1066 O O   . HOH E 3 .   ? 11.792  -4.543  2.814   1.00 51.74 ? 2006 HOH X O   1 
HETATM 1067 O O   . HOH E 3 .   ? -10.135 -17.705 7.999   1.00 55.98 ? 2007 HOH X O   1 
HETATM 1068 O O   . HOH E 3 .   ? -13.773 -9.145  1.249   1.00 44.40 ? 2008 HOH X O   1 
HETATM 1069 O O   . HOH E 3 .   ? -7.280  -15.216 0.456   1.00 50.31 ? 2009 HOH X O   1 
# 
